data_1EWM
# 
_entry.id   1EWM 
# 
_audit_conform.dict_name       mmcif_pdbx.dic 
_audit_conform.dict_version    5.398 
_audit_conform.dict_location   http://mmcif.pdb.org/dictionaries/ascii/mmcif_pdbx.dic 
# 
loop_
_database_2.database_id 
_database_2.database_code 
_database_2.pdbx_database_accession 
_database_2.pdbx_DOI 
PDB   1EWM         pdb_00001ewm 10.2210/pdb1ewm/pdb 
RCSB  RCSB010967   ?            ?                   
WWPDB D_1000010967 ?            ?                   
# 
loop_
_pdbx_audit_revision_history.ordinal 
_pdbx_audit_revision_history.data_content_type 
_pdbx_audit_revision_history.major_revision 
_pdbx_audit_revision_history.minor_revision 
_pdbx_audit_revision_history.revision_date 
1 'Structure model' 1 0 2003-06-10 
2 'Structure model' 1 1 2008-04-27 
3 'Structure model' 1 2 2011-07-13 
4 'Structure model' 1 3 2024-11-13 
# 
_pdbx_audit_revision_details.ordinal             1 
_pdbx_audit_revision_details.revision_ordinal    1 
_pdbx_audit_revision_details.data_content_type   'Structure model' 
_pdbx_audit_revision_details.provider            repository 
_pdbx_audit_revision_details.type                'Initial release' 
_pdbx_audit_revision_details.description         ? 
_pdbx_audit_revision_details.details             ? 
# 
loop_
_pdbx_audit_revision_group.ordinal 
_pdbx_audit_revision_group.revision_ordinal 
_pdbx_audit_revision_group.data_content_type 
_pdbx_audit_revision_group.group 
1  2 'Structure model' 'Version format compliance' 
2  3 'Structure model' 'Atomic model'              
3  3 'Structure model' 'Database references'       
4  3 'Structure model' 'Derived calculations'      
5  3 'Structure model' 'Non-polymer description'   
6  3 'Structure model' 'Structure summary'         
7  3 'Structure model' 'Version format compliance' 
8  4 'Structure model' 'Data collection'           
9  4 'Structure model' 'Database references'       
10 4 'Structure model' 'Derived calculations'      
11 4 'Structure model' 'Structure summary'         
# 
loop_
_pdbx_audit_revision_category.ordinal 
_pdbx_audit_revision_category.revision_ordinal 
_pdbx_audit_revision_category.data_content_type 
_pdbx_audit_revision_category.category 
1 4 'Structure model' chem_comp_atom            
2 4 'Structure model' chem_comp_bond            
3 4 'Structure model' database_2                
4 4 'Structure model' pdbx_entry_details        
5 4 'Structure model' pdbx_modification_feature 
6 4 'Structure model' struct_conn               
7 4 'Structure model' struct_site               
# 
loop_
_pdbx_audit_revision_item.ordinal 
_pdbx_audit_revision_item.revision_ordinal 
_pdbx_audit_revision_item.data_content_type 
_pdbx_audit_revision_item.item 
1 4 'Structure model' '_database_2.pdbx_DOI'                         
2 4 'Structure model' '_database_2.pdbx_database_accession'          
3 4 'Structure model' '_pdbx_entry_details.has_protein_modification' 
4 4 'Structure model' '_struct_conn.pdbx_leaving_atom_flag'          
5 4 'Structure model' '_struct_site.pdbx_auth_asym_id'               
6 4 'Structure model' '_struct_site.pdbx_auth_comp_id'               
7 4 'Structure model' '_struct_site.pdbx_auth_seq_id'                
# 
_pdbx_database_status.status_code                     REL 
_pdbx_database_status.entry_id                        1EWM 
_pdbx_database_status.recvd_initial_deposition_date   2000-04-26 
_pdbx_database_status.deposit_site                    RCSB 
_pdbx_database_status.process_site                    RCSB 
_pdbx_database_status.status_code_sf                  REL 
_pdbx_database_status.SG_entry                        . 
_pdbx_database_status.status_code_mr                  ? 
_pdbx_database_status.status_code_cs                  ? 
_pdbx_database_status.pdb_format_compatible           Y 
_pdbx_database_status.status_code_nmr_data            ? 
_pdbx_database_status.methods_development_category    ? 
# 
loop_
_pdbx_database_related.db_name 
_pdbx_database_related.db_id 
_pdbx_database_related.details 
_pdbx_database_related.content_type 
PDB 1aim 'same protein, ZYA inhibitor'         unspecified 
PDB 2aim 'same protein, ZRA inhibitor'         unspecified 
PDB 1ewl 'same protein, WRR-99 inhibitor'      unspecified 
PDB 1ewo 'same protein, WRR-204 inhibitor'     unspecified 
PDB 1ewp 'same protein, MOR-LEU-HPQ inhibitor' unspecified 
# 
loop_
_audit_author.name 
_audit_author.pdbx_ordinal 
'Brinen, L.S.'     1 
'Gillmor, S.A.'    2 
'Fletterick, R.J.' 3 
# 
loop_
_citation.id 
_citation.title 
_citation.journal_abbrev 
_citation.journal_volume 
_citation.page_first 
_citation.page_last 
_citation.year 
_citation.journal_id_ASTM 
_citation.country 
_citation.journal_id_ISSN 
_citation.journal_id_CSD 
_citation.book_publisher 
_citation.pdbx_database_id_PubMed 
_citation.pdbx_database_id_DOI 
primary 'Crystal Structure of Cruzain bound to WRR-112'                                         'To be Published' ?   ?    ?    ? 
?      ?  ?         0353 ?                                                  ? ?                      
1       'Chapter 3: X-ray Structures of Complexes of Cruzain with Designed Covalent Inhibitors' 
'Enzyme-ligand Interactions, Inhibition and Specificity' ?   50   80   1998 ?      ?  ?         ?    
'University of California, San Francisco (THESIS)' ? ?                      
2       'Structural Determinants of Specificity in the Cysteine Protease Cruzain'               'Protein Sci.' 6   1603 1611 1997 
PRCIEI US 0961-8368 0795 ?                                                  ? ?                      
3       
;The Crystal Structure of Cruzain: a Therapeutic Target for Chagas' Disease
;
J.Mol.Biol.                                              247 251  259  1995 JMOBAK UK 0022-2836 0070 ? ? 10.1006/jmbi.1994.0137 
# 
loop_
_citation_author.citation_id 
_citation_author.name 
_citation_author.ordinal 
_citation_author.identifier_ORCID 
primary 'Brinen, L.S.'     1  ? 
primary 'Gillmor, S.A.'    2  ? 
primary 'Fletterick, R.J.' 3  ? 
1       'Gillmor, S.A.'    4  ? 
2       'Gillmor, S.A.'    5  ? 
2       'Craik, C.S.'      6  ? 
2       'Fletterick, R.J.' 7  ? 
3       'McGrath, M.E.'    8  ? 
3       'Eakin, A.E.'      9  ? 
3       'Engel, J.C.'      10 ? 
3       'McKerrow, J.H.'   11 ? 
3       'Craik, C.S.'      12 ? 
3       'Fletterick, R.J.' 13 ? 
# 
loop_
_entity.id 
_entity.type 
_entity.src_method 
_entity.pdbx_description 
_entity.formula_weight 
_entity.pdbx_number_of_molecules 
_entity.pdbx_ec 
_entity.pdbx_mutation 
_entity.pdbx_fragment 
_entity.details 
1 polymer     man CRUZAIN                                                                     22715.133 1  3.4.22.- ? 
'CATALYTIC DOMAIN' ? 
2 non-polymer syn 'N-[3-CARBOXY-2-HYDROXY-PROPIONYL]-L-HOMOPHENYLALANYL-AMINO-2-METHYLBUTANE' 364.436   1  ?        ? ? ? 
3 water       nat water                                                                       18.015    57 ?        ? ? ? 
# 
_entity_name_com.entity_id   1 
_entity_name_com.name        'cruzipain, cruzaine' 
# 
_entity_poly.entity_id                      1 
_entity_poly.type                           'polypeptide(L)' 
_entity_poly.nstd_linkage                   no 
_entity_poly.nstd_monomer                   no 
_entity_poly.pdbx_seq_one_letter_code       
;APAAVDWRARGAVTAVKDQGQCGSCWAFSAIGNVECQWFLAGHPLTNLSEQMLVSCDKTDSGCSGGLMNNAFEWIVQENN
GAVYTEDSYPYASGEGISPPCTTSGHTVGATITGHVELPQDEAQIAAWLAVNGPVAVAVDASSWMTYTGGVMTSCVSEQL
DHGVLLVGYNDSAAVPYWIIKNSWTTQWGEEGYIRIAKGSNQCLVKEEASSAVVG
;
_entity_poly.pdbx_seq_one_letter_code_can   
;APAAVDWRARGAVTAVKDQGQCGSCWAFSAIGNVECQWFLAGHPLTNLSEQMLVSCDKTDSGCSGGLMNNAFEWIVQENN
GAVYTEDSYPYASGEGISPPCTTSGHTVGATITGHVELPQDEAQIAAWLAVNGPVAVAVDASSWMTYTGGVMTSCVSEQL
DHGVLLVGYNDSAAVPYWIIKNSWTTQWGEEGYIRIAKGSNQCLVKEEASSAVVG
;
_entity_poly.pdbx_strand_id                 A 
_entity_poly.pdbx_target_identifier         ? 
# 
loop_
_pdbx_entity_nonpoly.entity_id 
_pdbx_entity_nonpoly.name 
_pdbx_entity_nonpoly.comp_id 
2 'N-[3-CARBOXY-2-HYDROXY-PROPIONYL]-L-HOMOPHENYLALANYL-AMINO-2-METHYLBUTANE' RL2 
3 water                                                                       HOH 
# 
loop_
_entity_poly_seq.entity_id 
_entity_poly_seq.num 
_entity_poly_seq.mon_id 
_entity_poly_seq.hetero 
1 1   ALA n 
1 2   PRO n 
1 3   ALA n 
1 4   ALA n 
1 5   VAL n 
1 6   ASP n 
1 7   TRP n 
1 8   ARG n 
1 9   ALA n 
1 10  ARG n 
1 11  GLY n 
1 12  ALA n 
1 13  VAL n 
1 14  THR n 
1 15  ALA n 
1 16  VAL n 
1 17  LYS n 
1 18  ASP n 
1 19  GLN n 
1 20  GLY n 
1 21  GLN n 
1 22  CYS n 
1 23  GLY n 
1 24  SER n 
1 25  CYS n 
1 26  TRP n 
1 27  ALA n 
1 28  PHE n 
1 29  SER n 
1 30  ALA n 
1 31  ILE n 
1 32  GLY n 
1 33  ASN n 
1 34  VAL n 
1 35  GLU n 
1 36  CYS n 
1 37  GLN n 
1 38  TRP n 
1 39  PHE n 
1 40  LEU n 
1 41  ALA n 
1 42  GLY n 
1 43  HIS n 
1 44  PRO n 
1 45  LEU n 
1 46  THR n 
1 47  ASN n 
1 48  LEU n 
1 49  SER n 
1 50  GLU n 
1 51  GLN n 
1 52  MET n 
1 53  LEU n 
1 54  VAL n 
1 55  SER n 
1 56  CYS n 
1 57  ASP n 
1 58  LYS n 
1 59  THR n 
1 60  ASP n 
1 61  SER n 
1 62  GLY n 
1 63  CYS n 
1 64  SER n 
1 65  GLY n 
1 66  GLY n 
1 67  LEU n 
1 68  MET n 
1 69  ASN n 
1 70  ASN n 
1 71  ALA n 
1 72  PHE n 
1 73  GLU n 
1 74  TRP n 
1 75  ILE n 
1 76  VAL n 
1 77  GLN n 
1 78  GLU n 
1 79  ASN n 
1 80  ASN n 
1 81  GLY n 
1 82  ALA n 
1 83  VAL n 
1 84  TYR n 
1 85  THR n 
1 86  GLU n 
1 87  ASP n 
1 88  SER n 
1 89  TYR n 
1 90  PRO n 
1 91  TYR n 
1 92  ALA n 
1 93  SER n 
1 94  GLY n 
1 95  GLU n 
1 96  GLY n 
1 97  ILE n 
1 98  SER n 
1 99  PRO n 
1 100 PRO n 
1 101 CYS n 
1 102 THR n 
1 103 THR n 
1 104 SER n 
1 105 GLY n 
1 106 HIS n 
1 107 THR n 
1 108 VAL n 
1 109 GLY n 
1 110 ALA n 
1 111 THR n 
1 112 ILE n 
1 113 THR n 
1 114 GLY n 
1 115 HIS n 
1 116 VAL n 
1 117 GLU n 
1 118 LEU n 
1 119 PRO n 
1 120 GLN n 
1 121 ASP n 
1 122 GLU n 
1 123 ALA n 
1 124 GLN n 
1 125 ILE n 
1 126 ALA n 
1 127 ALA n 
1 128 TRP n 
1 129 LEU n 
1 130 ALA n 
1 131 VAL n 
1 132 ASN n 
1 133 GLY n 
1 134 PRO n 
1 135 VAL n 
1 136 ALA n 
1 137 VAL n 
1 138 ALA n 
1 139 VAL n 
1 140 ASP n 
1 141 ALA n 
1 142 SER n 
1 143 SER n 
1 144 TRP n 
1 145 MET n 
1 146 THR n 
1 147 TYR n 
1 148 THR n 
1 149 GLY n 
1 150 GLY n 
1 151 VAL n 
1 152 MET n 
1 153 THR n 
1 154 SER n 
1 155 CYS n 
1 156 VAL n 
1 157 SER n 
1 158 GLU n 
1 159 GLN n 
1 160 LEU n 
1 161 ASP n 
1 162 HIS n 
1 163 GLY n 
1 164 VAL n 
1 165 LEU n 
1 166 LEU n 
1 167 VAL n 
1 168 GLY n 
1 169 TYR n 
1 170 ASN n 
1 171 ASP n 
1 172 SER n 
1 173 ALA n 
1 174 ALA n 
1 175 VAL n 
1 176 PRO n 
1 177 TYR n 
1 178 TRP n 
1 179 ILE n 
1 180 ILE n 
1 181 LYS n 
1 182 ASN n 
1 183 SER n 
1 184 TRP n 
1 185 THR n 
1 186 THR n 
1 187 GLN n 
1 188 TRP n 
1 189 GLY n 
1 190 GLU n 
1 191 GLU n 
1 192 GLY n 
1 193 TYR n 
1 194 ILE n 
1 195 ARG n 
1 196 ILE n 
1 197 ALA n 
1 198 LYS n 
1 199 GLY n 
1 200 SER n 
1 201 ASN n 
1 202 GLN n 
1 203 CYS n 
1 204 LEU n 
1 205 VAL n 
1 206 LYS n 
1 207 GLU n 
1 208 GLU n 
1 209 ALA n 
1 210 SER n 
1 211 SER n 
1 212 ALA n 
1 213 VAL n 
1 214 VAL n 
1 215 GLY n 
# 
_entity_src_gen.entity_id                          1 
_entity_src_gen.pdbx_src_id                        1 
_entity_src_gen.pdbx_alt_source_flag               sample 
_entity_src_gen.pdbx_seq_type                      ? 
_entity_src_gen.pdbx_beg_seq_num                   ? 
_entity_src_gen.pdbx_end_seq_num                   ? 
_entity_src_gen.gene_src_common_name               ? 
_entity_src_gen.gene_src_genus                     Trypanosoma 
_entity_src_gen.pdbx_gene_src_gene                 ? 
_entity_src_gen.gene_src_species                   ? 
_entity_src_gen.gene_src_strain                    ? 
_entity_src_gen.gene_src_tissue                    ? 
_entity_src_gen.gene_src_tissue_fraction           ? 
_entity_src_gen.gene_src_details                   ? 
_entity_src_gen.pdbx_gene_src_fragment             ? 
_entity_src_gen.pdbx_gene_src_scientific_name      'Trypanosoma cruzi' 
_entity_src_gen.pdbx_gene_src_ncbi_taxonomy_id     5693 
_entity_src_gen.pdbx_gene_src_variant              ? 
_entity_src_gen.pdbx_gene_src_cell_line            ? 
_entity_src_gen.pdbx_gene_src_atcc                 ? 
_entity_src_gen.pdbx_gene_src_organ                ? 
_entity_src_gen.pdbx_gene_src_organelle            ? 
_entity_src_gen.pdbx_gene_src_cell                 ? 
_entity_src_gen.pdbx_gene_src_cellular_location    ? 
_entity_src_gen.host_org_common_name               ? 
_entity_src_gen.pdbx_host_org_scientific_name      'Escherichia coli' 
_entity_src_gen.pdbx_host_org_ncbi_taxonomy_id     562 
_entity_src_gen.host_org_genus                     Escherichia 
_entity_src_gen.pdbx_host_org_gene                 ? 
_entity_src_gen.pdbx_host_org_organ                ? 
_entity_src_gen.host_org_species                   ? 
_entity_src_gen.pdbx_host_org_tissue               ? 
_entity_src_gen.pdbx_host_org_tissue_fraction      ? 
_entity_src_gen.pdbx_host_org_strain               DH5ALPHA 
_entity_src_gen.pdbx_host_org_variant              ? 
_entity_src_gen.pdbx_host_org_cell_line            ? 
_entity_src_gen.pdbx_host_org_atcc                 ? 
_entity_src_gen.pdbx_host_org_culture_collection   ? 
_entity_src_gen.pdbx_host_org_cell                 ? 
_entity_src_gen.pdbx_host_org_organelle            ? 
_entity_src_gen.pdbx_host_org_cellular_location    ? 
_entity_src_gen.pdbx_host_org_vector_type          ? 
_entity_src_gen.pdbx_host_org_vector               ? 
_entity_src_gen.host_org_details                   ? 
_entity_src_gen.expression_system_id               ? 
_entity_src_gen.plasmid_name                       CHEY 
_entity_src_gen.plasmid_details                    ? 
_entity_src_gen.pdbx_description                   ? 
# 
loop_
_chem_comp.id 
_chem_comp.type 
_chem_comp.mon_nstd_flag 
_chem_comp.name 
_chem_comp.pdbx_synonyms 
_chem_comp.formula 
_chem_comp.formula_weight 
ALA 'L-peptide linking' y ALANINE                                                                     ?       'C3 H7 N O2'     
89.093  
ARG 'L-peptide linking' y ARGININE                                                                    ?       'C6 H15 N4 O2 1' 
175.209 
ASN 'L-peptide linking' y ASPARAGINE                                                                  ?       'C4 H8 N2 O3'    
132.118 
ASP 'L-peptide linking' y 'ASPARTIC ACID'                                                             ?       'C4 H7 N O4'     
133.103 
CYS 'L-peptide linking' y CYSTEINE                                                                    ?       'C3 H7 N O2 S'   
121.158 
GLN 'L-peptide linking' y GLUTAMINE                                                                   ?       'C5 H10 N2 O3'   
146.144 
GLU 'L-peptide linking' y 'GLUTAMIC ACID'                                                             ?       'C5 H9 N O4'     
147.129 
GLY 'peptide linking'   y GLYCINE                                                                     ?       'C2 H5 N O2'     
75.067  
HIS 'L-peptide linking' y HISTIDINE                                                                   ?       'C6 H10 N3 O2 1' 
156.162 
HOH non-polymer         . WATER                                                                       ?       'H2 O'           
18.015  
ILE 'L-peptide linking' y ISOLEUCINE                                                                  ?       'C6 H13 N O2'    
131.173 
LEU 'L-peptide linking' y LEUCINE                                                                     ?       'C6 H13 N O2'    
131.173 
LYS 'L-peptide linking' y LYSINE                                                                      ?       'C6 H15 N2 O2 1' 
147.195 
MET 'L-peptide linking' y METHIONINE                                                                  ?       'C5 H11 N O2 S'  
149.211 
PHE 'L-peptide linking' y PHENYLALANINE                                                               ?       'C9 H11 N O2'    
165.189 
PRO 'L-peptide linking' y PROLINE                                                                     ?       'C5 H9 N O2'     
115.130 
RL2 peptide-like        . 'N-[3-CARBOXY-2-HYDROXY-PROPIONYL]-L-HOMOPHENYLALANYL-AMINO-2-METHYLBUTANE' WRR-112 'C19 H28 N2 O5'  
364.436 
SER 'L-peptide linking' y SERINE                                                                      ?       'C3 H7 N O3'     
105.093 
THR 'L-peptide linking' y THREONINE                                                                   ?       'C4 H9 N O3'     
119.119 
TRP 'L-peptide linking' y TRYPTOPHAN                                                                  ?       'C11 H12 N2 O2'  
204.225 
TYR 'L-peptide linking' y TYROSINE                                                                    ?       'C9 H11 N O3'    
181.189 
VAL 'L-peptide linking' y VALINE                                                                      ?       'C5 H11 N O2'    
117.146 
# 
loop_
_pdbx_poly_seq_scheme.asym_id 
_pdbx_poly_seq_scheme.entity_id 
_pdbx_poly_seq_scheme.seq_id 
_pdbx_poly_seq_scheme.mon_id 
_pdbx_poly_seq_scheme.ndb_seq_num 
_pdbx_poly_seq_scheme.pdb_seq_num 
_pdbx_poly_seq_scheme.auth_seq_num 
_pdbx_poly_seq_scheme.pdb_mon_id 
_pdbx_poly_seq_scheme.auth_mon_id 
_pdbx_poly_seq_scheme.pdb_strand_id 
_pdbx_poly_seq_scheme.pdb_ins_code 
_pdbx_poly_seq_scheme.hetero 
A 1 1   ALA 1   1   1   ALA ALA A . n 
A 1 2   PRO 2   2   2   PRO PRO A . n 
A 1 3   ALA 3   3   3   ALA ALA A . n 
A 1 4   ALA 4   4   4   ALA ALA A . n 
A 1 5   VAL 5   5   5   VAL VAL A . n 
A 1 6   ASP 6   6   6   ASP ASP A . n 
A 1 7   TRP 7   7   7   TRP TRP A . n 
A 1 8   ARG 8   8   8   ARG ARG A . n 
A 1 9   ALA 9   9   9   ALA ALA A . n 
A 1 10  ARG 10  10  10  ARG ARG A . n 
A 1 11  GLY 11  11  11  GLY GLY A . n 
A 1 12  ALA 12  12  12  ALA ALA A . n 
A 1 13  VAL 13  13  13  VAL VAL A . n 
A 1 14  THR 14  14  14  THR THR A . n 
A 1 15  ALA 15  15  15  ALA ALA A . n 
A 1 16  VAL 16  16  16  VAL VAL A . n 
A 1 17  LYS 17  17  17  LYS LYS A . n 
A 1 18  ASP 18  18  18  ASP ASP A . n 
A 1 19  GLN 19  19  19  GLN GLN A . n 
A 1 20  GLY 20  20  20  GLY GLY A . n 
A 1 21  GLN 21  21  21  GLN GLN A . n 
A 1 22  CYS 22  22  22  CYS CYS A . n 
A 1 23  GLY 23  23  23  GLY GLY A . n 
A 1 24  SER 24  24  24  SER SER A . n 
A 1 25  CYS 25  25  25  CYS CYS A . n 
A 1 26  TRP 26  26  26  TRP TRP A . n 
A 1 27  ALA 27  27  27  ALA ALA A . n 
A 1 28  PHE 28  28  28  PHE PHE A . n 
A 1 29  SER 29  29  29  SER SER A . n 
A 1 30  ALA 30  30  30  ALA ALA A . n 
A 1 31  ILE 31  31  31  ILE ILE A . n 
A 1 32  GLY 32  32  32  GLY GLY A . n 
A 1 33  ASN 33  33  33  ASN ASN A . n 
A 1 34  VAL 34  34  34  VAL VAL A . n 
A 1 35  GLU 35  35  35  GLU GLU A . n 
A 1 36  CYS 36  36  36  CYS CYS A . n 
A 1 37  GLN 37  37  37  GLN GLN A . n 
A 1 38  TRP 38  38  38  TRP TRP A . n 
A 1 39  PHE 39  39  39  PHE PHE A . n 
A 1 40  LEU 40  40  40  LEU LEU A . n 
A 1 41  ALA 41  41  41  ALA ALA A . n 
A 1 42  GLY 42  42  42  GLY GLY A . n 
A 1 43  HIS 43  43  43  HIS HIS A . n 
A 1 44  PRO 44  44  44  PRO PRO A . n 
A 1 45  LEU 45  45  45  LEU LEU A . n 
A 1 46  THR 46  46  46  THR THR A . n 
A 1 47  ASN 47  47  47  ASN ASN A . n 
A 1 48  LEU 48  48  48  LEU LEU A . n 
A 1 49  SER 49  49  49  SER SER A . n 
A 1 50  GLU 50  50  50  GLU GLU A . n 
A 1 51  GLN 51  51  51  GLN GLN A . n 
A 1 52  MET 52  52  52  MET MET A . n 
A 1 53  LEU 53  53  53  LEU LEU A . n 
A 1 54  VAL 54  54  54  VAL VAL A . n 
A 1 55  SER 55  55  55  SER SER A . n 
A 1 56  CYS 56  56  56  CYS CYS A . n 
A 1 57  ASP 57  57  57  ASP ASP A . n 
A 1 58  LYS 58  58  58  LYS LYS A . n 
A 1 59  THR 59  59  59  THR THR A . n 
A 1 60  ASP 60  60  60  ASP ASP A . n 
A 1 61  SER 61  61  61  SER SER A . n 
A 1 62  GLY 62  62  62  GLY GLY A . n 
A 1 63  CYS 63  63  63  CYS CYS A . n 
A 1 64  SER 64  64  64  SER SER A . n 
A 1 65  GLY 65  65  65  GLY GLY A . n 
A 1 66  GLY 66  66  66  GLY GLY A . n 
A 1 67  LEU 67  67  67  LEU LEU A . n 
A 1 68  MET 68  68  68  MET MET A . n 
A 1 69  ASN 69  69  69  ASN ASN A . n 
A 1 70  ASN 70  70  70  ASN ASN A . n 
A 1 71  ALA 71  71  71  ALA ALA A . n 
A 1 72  PHE 72  72  72  PHE PHE A . n 
A 1 73  GLU 73  73  73  GLU GLU A . n 
A 1 74  TRP 74  74  74  TRP TRP A . n 
A 1 75  ILE 75  75  75  ILE ILE A . n 
A 1 76  VAL 76  76  76  VAL VAL A . n 
A 1 77  GLN 77  77  77  GLN GLN A . n 
A 1 78  GLU 78  78  78  GLU GLU A . n 
A 1 79  ASN 79  78  78  ASN ASN A A n 
A 1 80  ASN 80  78  78  ASN ASN A B n 
A 1 81  GLY 81  78  78  GLY GLY A C n 
A 1 82  ALA 82  79  79  ALA ALA A . n 
A 1 83  VAL 83  80  80  VAL VAL A . n 
A 1 84  TYR 84  81  81  TYR TYR A . n 
A 1 85  THR 85  82  82  THR THR A . n 
A 1 86  GLU 86  83  83  GLU GLU A . n 
A 1 87  ASP 87  84  84  ASP ASP A . n 
A 1 88  SER 88  85  85  SER SER A . n 
A 1 89  TYR 89  86  86  TYR TYR A . n 
A 1 90  PRO 90  87  87  PRO PRO A . n 
A 1 91  TYR 91  88  88  TYR TYR A . n 
A 1 92  ALA 92  89  89  ALA ALA A . n 
A 1 93  SER 93  89  89  SER SER A A n 
A 1 94  GLY 94  89  89  GLY GLY A B n 
A 1 95  GLU 95  89  89  GLU GLU A C n 
A 1 96  GLY 96  90  90  GLY GLY A . n 
A 1 97  ILE 97  91  91  ILE ILE A . n 
A 1 98  SER 98  92  92  SER SER A . n 
A 1 99  PRO 99  93  93  PRO PRO A . n 
A 1 100 PRO 100 94  94  PRO PRO A . n 
A 1 101 CYS 101 95  95  CYS CYS A . n 
A 1 102 THR 102 96  96  THR THR A . n 
A 1 103 THR 103 97  97  THR THR A . n 
A 1 104 SER 104 98  98  SER SER A . n 
A 1 105 GLY 105 99  99  GLY GLY A . n 
A 1 106 HIS 106 100 100 HIS HIS A . n 
A 1 107 THR 107 101 101 THR THR A . n 
A 1 108 VAL 108 102 102 VAL VAL A . n 
A 1 109 GLY 109 103 103 GLY GLY A . n 
A 1 110 ALA 110 105 105 ALA ALA A . n 
A 1 111 THR 111 106 106 THR THR A . n 
A 1 112 ILE 112 107 107 ILE ILE A . n 
A 1 113 THR 113 108 108 THR THR A . n 
A 1 114 GLY 114 109 109 GLY GLY A . n 
A 1 115 HIS 115 110 110 HIS HIS A . n 
A 1 116 VAL 116 111 111 VAL VAL A . n 
A 1 117 GLU 117 112 112 GLU GLU A . n 
A 1 118 LEU 118 113 113 LEU LEU A . n 
A 1 119 PRO 119 114 114 PRO PRO A . n 
A 1 120 GLN 120 115 115 GLN GLN A . n 
A 1 121 ASP 121 116 116 ASP ASP A . n 
A 1 122 GLU 122 117 117 GLU GLU A . n 
A 1 123 ALA 123 118 118 ALA ALA A . n 
A 1 124 GLN 124 119 119 GLN GLN A . n 
A 1 125 ILE 125 120 120 ILE ILE A . n 
A 1 126 ALA 126 121 121 ALA ALA A . n 
A 1 127 ALA 127 122 122 ALA ALA A . n 
A 1 128 TRP 128 123 123 TRP TRP A . n 
A 1 129 LEU 129 124 124 LEU LEU A . n 
A 1 130 ALA 130 125 125 ALA ALA A . n 
A 1 131 VAL 131 126 126 VAL VAL A . n 
A 1 132 ASN 132 127 127 ASN ASN A . n 
A 1 133 GLY 133 128 128 GLY GLY A . n 
A 1 134 PRO 134 129 129 PRO PRO A . n 
A 1 135 VAL 135 130 130 VAL VAL A . n 
A 1 136 ALA 136 131 131 ALA ALA A . n 
A 1 137 VAL 137 132 132 VAL VAL A . n 
A 1 138 ALA 138 133 133 ALA ALA A . n 
A 1 139 VAL 139 134 134 VAL VAL A . n 
A 1 140 ASP 140 135 135 ASP ASP A . n 
A 1 141 ALA 141 136 136 ALA ALA A . n 
A 1 142 SER 142 139 139 SER SER A . n 
A 1 143 SER 143 140 140 SER SER A . n 
A 1 144 TRP 144 141 141 TRP TRP A . n 
A 1 145 MET 145 142 142 MET MET A . n 
A 1 146 THR 146 143 143 THR THR A . n 
A 1 147 TYR 147 144 144 TYR TYR A . n 
A 1 148 THR 148 145 145 THR THR A . n 
A 1 149 GLY 149 146 146 GLY GLY A . n 
A 1 150 GLY 150 147 147 GLY GLY A . n 
A 1 151 VAL 151 148 148 VAL VAL A . n 
A 1 152 MET 152 149 149 MET MET A . n 
A 1 153 THR 153 151 151 THR THR A . n 
A 1 154 SER 154 152 152 SER SER A . n 
A 1 155 CYS 155 153 153 CYS CYS A . n 
A 1 156 VAL 156 154 154 VAL VAL A . n 
A 1 157 SER 157 155 155 SER SER A . n 
A 1 158 GLU 158 156 156 GLU GLU A . n 
A 1 159 GLN 159 156 156 GLN GLN A A n 
A 1 160 LEU 160 157 157 LEU LEU A . n 
A 1 161 ASP 161 158 158 ASP ASP A . n 
A 1 162 HIS 162 159 159 HIS HIS A . n 
A 1 163 GLY 163 160 160 GLY GLY A . n 
A 1 164 VAL 164 161 161 VAL VAL A . n 
A 1 165 LEU 165 162 162 LEU LEU A . n 
A 1 166 LEU 166 163 163 LEU LEU A . n 
A 1 167 VAL 167 164 164 VAL VAL A . n 
A 1 168 GLY 168 165 165 GLY GLY A . n 
A 1 169 TYR 169 166 166 TYR TYR A . n 
A 1 170 ASN 170 167 167 ASN ASN A . n 
A 1 171 ASP 171 167 167 ASP ASP A A n 
A 1 172 SER 172 167 167 SER SER A B n 
A 1 173 ALA 173 167 167 ALA ALA A C n 
A 1 174 ALA 174 167 167 ALA ALA A D n 
A 1 175 VAL 175 168 168 VAL VAL A . n 
A 1 176 PRO 176 169 169 PRO PRO A . n 
A 1 177 TYR 177 170 170 TYR TYR A . n 
A 1 178 TRP 178 171 171 TRP TRP A . n 
A 1 179 ILE 179 172 172 ILE ILE A . n 
A 1 180 ILE 180 173 173 ILE ILE A . n 
A 1 181 LYS 181 174 174 LYS LYS A . n 
A 1 182 ASN 182 175 175 ASN ASN A . n 
A 1 183 SER 183 176 176 SER SER A . n 
A 1 184 TRP 184 177 177 TRP TRP A . n 
A 1 185 THR 185 178 178 THR THR A . n 
A 1 186 THR 186 179 179 THR THR A . n 
A 1 187 GLN 187 180 180 GLN GLN A . n 
A 1 188 TRP 188 181 181 TRP TRP A . n 
A 1 189 GLY 189 182 182 GLY GLY A . n 
A 1 190 GLU 190 183 183 GLU GLU A . n 
A 1 191 GLU 191 184 184 GLU GLU A . n 
A 1 192 GLY 192 185 185 GLY GLY A . n 
A 1 193 TYR 193 186 186 TYR TYR A . n 
A 1 194 ILE 194 187 187 ILE ILE A . n 
A 1 195 ARG 195 188 188 ARG ARG A . n 
A 1 196 ILE 196 189 189 ILE ILE A . n 
A 1 197 ALA 197 190 190 ALA ALA A . n 
A 1 198 LYS 198 191 191 LYS LYS A . n 
A 1 199 GLY 199 192 192 GLY GLY A . n 
A 1 200 SER 200 193 193 SER SER A . n 
A 1 201 ASN 201 198 198 ASN ASN A . n 
A 1 202 GLN 202 199 199 GLN GLN A . n 
A 1 203 CYS 203 200 200 CYS CYS A . n 
A 1 204 LEU 204 201 201 LEU LEU A . n 
A 1 205 VAL 205 202 202 VAL VAL A . n 
A 1 206 LYS 206 203 203 LYS LYS A . n 
A 1 207 GLU 207 204 204 GLU GLU A . n 
A 1 208 GLU 208 205 205 GLU GLU A . n 
A 1 209 ALA 209 206 206 ALA ALA A . n 
A 1 210 SER 210 207 207 SER SER A . n 
A 1 211 SER 211 208 208 SER SER A . n 
A 1 212 ALA 212 209 209 ALA ALA A . n 
A 1 213 VAL 213 210 210 VAL VAL A . n 
A 1 214 VAL 214 211 211 VAL VAL A . n 
A 1 215 GLY 215 212 212 GLY GLY A . n 
# 
loop_
_pdbx_nonpoly_scheme.asym_id 
_pdbx_nonpoly_scheme.entity_id 
_pdbx_nonpoly_scheme.mon_id 
_pdbx_nonpoly_scheme.ndb_seq_num 
_pdbx_nonpoly_scheme.pdb_seq_num 
_pdbx_nonpoly_scheme.auth_seq_num 
_pdbx_nonpoly_scheme.pdb_mon_id 
_pdbx_nonpoly_scheme.auth_mon_id 
_pdbx_nonpoly_scheme.pdb_strand_id 
_pdbx_nonpoly_scheme.pdb_ins_code 
B 2 RL2 1  280 280 RL2 RL2 A . 
C 3 HOH 1  281 1   HOH WAT A . 
C 3 HOH 2  282 2   HOH WAT A . 
C 3 HOH 3  283 3   HOH WAT A . 
C 3 HOH 4  284 4   HOH WAT A . 
C 3 HOH 5  285 5   HOH WAT A . 
C 3 HOH 6  286 6   HOH WAT A . 
C 3 HOH 7  287 7   HOH WAT A . 
C 3 HOH 8  288 8   HOH WAT A . 
C 3 HOH 9  289 9   HOH WAT A . 
C 3 HOH 10 290 10  HOH WAT A . 
C 3 HOH 11 291 11  HOH WAT A . 
C 3 HOH 12 292 12  HOH WAT A . 
C 3 HOH 13 293 13  HOH WAT A . 
C 3 HOH 14 294 14  HOH WAT A . 
C 3 HOH 15 295 15  HOH WAT A . 
C 3 HOH 16 296 16  HOH WAT A . 
C 3 HOH 17 297 17  HOH WAT A . 
C 3 HOH 18 298 18  HOH WAT A . 
C 3 HOH 19 299 19  HOH WAT A . 
C 3 HOH 20 300 20  HOH WAT A . 
C 3 HOH 21 301 21  HOH WAT A . 
C 3 HOH 22 302 22  HOH WAT A . 
C 3 HOH 23 303 23  HOH WAT A . 
C 3 HOH 24 304 24  HOH WAT A . 
C 3 HOH 25 305 25  HOH WAT A . 
C 3 HOH 26 306 26  HOH WAT A . 
C 3 HOH 27 307 27  HOH WAT A . 
C 3 HOH 28 308 28  HOH WAT A . 
C 3 HOH 29 309 29  HOH WAT A . 
C 3 HOH 30 310 30  HOH WAT A . 
C 3 HOH 31 311 31  HOH WAT A . 
C 3 HOH 32 312 32  HOH WAT A . 
C 3 HOH 33 313 33  HOH WAT A . 
C 3 HOH 34 314 34  HOH WAT A . 
C 3 HOH 35 315 35  HOH WAT A . 
C 3 HOH 36 316 36  HOH WAT A . 
C 3 HOH 37 317 37  HOH WAT A . 
C 3 HOH 38 318 38  HOH WAT A . 
C 3 HOH 39 319 39  HOH WAT A . 
C 3 HOH 40 320 40  HOH WAT A . 
C 3 HOH 41 321 41  HOH WAT A . 
C 3 HOH 42 322 42  HOH WAT A . 
C 3 HOH 43 323 43  HOH WAT A . 
C 3 HOH 44 324 44  HOH WAT A . 
C 3 HOH 45 325 45  HOH WAT A . 
C 3 HOH 46 326 46  HOH WAT A . 
C 3 HOH 47 327 47  HOH WAT A . 
C 3 HOH 48 328 48  HOH WAT A . 
C 3 HOH 49 329 49  HOH WAT A . 
C 3 HOH 50 330 50  HOH WAT A . 
C 3 HOH 51 331 51  HOH WAT A . 
C 3 HOH 52 332 52  HOH WAT A . 
C 3 HOH 53 333 53  HOH WAT A . 
C 3 HOH 54 334 54  HOH WAT A . 
C 3 HOH 55 335 55  HOH WAT A . 
C 3 HOH 56 336 56  HOH WAT A . 
C 3 HOH 57 337 57  HOH WAT A . 
# 
loop_
_software.name 
_software.classification 
_software.version 
_software.citation_id 
_software.pdbx_ordinal 
DENZO     'data reduction' .     ? 1 
SCALEPACK 'data scaling'   .     ? 2 
AMoRE     phasing          .     ? 3 
X-PLOR    refinement       3.843 ? 4 
# 
_cell.entry_id           1EWM 
_cell.length_a           43.258 
_cell.length_b           51.700 
_cell.length_c           45.271 
_cell.angle_alpha        90.00 
_cell.angle_beta         115.20 
_cell.angle_gamma        90.00 
_cell.Z_PDB              2 
_cell.pdbx_unique_axis   ? 
_cell.length_a_esd       ? 
_cell.length_b_esd       ? 
_cell.length_c_esd       ? 
_cell.angle_alpha_esd    ? 
_cell.angle_beta_esd     ? 
_cell.angle_gamma_esd    ? 
# 
_symmetry.entry_id                         1EWM 
_symmetry.space_group_name_H-M             'P 1 21 1' 
_symmetry.pdbx_full_space_group_name_H-M   ? 
_symmetry.cell_setting                     ? 
_symmetry.Int_Tables_number                4 
_symmetry.space_group_name_Hall            ? 
# 
_exptl.entry_id          1EWM 
_exptl.method            'X-RAY DIFFRACTION' 
_exptl.crystals_number   1 
# 
_exptl_crystal.id                    1 
_exptl_crystal.density_meas          ? 
_exptl_crystal.density_percent_sol   38.98 
_exptl_crystal.density_Matthews      2.02 
_exptl_crystal.description           ? 
_exptl_crystal.F_000                 ? 
_exptl_crystal.preparation           ? 
# 
_exptl_crystal_grow.crystal_id      1 
_exptl_crystal_grow.method          'VAPOR DIFFUSION, HANGING DROP' 
_exptl_crystal_grow.pH              6.5 
_exptl_crystal_grow.temp            292 
_exptl_crystal_grow.temp_details    ? 
_exptl_crystal_grow.pdbx_details    '0.9M NaCitrate, pH 6.5, VAPOR DIFFUSION, HANGING DROP, temperature 292K' 
_exptl_crystal_grow.pdbx_pH_range   ? 
# 
_diffrn.id                     1 
_diffrn.ambient_temp           298 
_diffrn.ambient_temp_details   ? 
_diffrn.crystal_id             1 
# 
_diffrn_detector.diffrn_id              1 
_diffrn_detector.detector               'IMAGE PLATE' 
_diffrn_detector.type                   MARRESEARCH 
_diffrn_detector.pdbx_collection_date   1997-05-18 
_diffrn_detector.details                ? 
# 
_diffrn_radiation.diffrn_id                        1 
_diffrn_radiation.wavelength_id                    1 
_diffrn_radiation.monochromator                    ? 
_diffrn_radiation.pdbx_monochromatic_or_laue_m_l   M 
_diffrn_radiation.pdbx_diffrn_protocol             'SINGLE WAVELENGTH' 
_diffrn_radiation.pdbx_scattering_type             x-ray 
# 
_diffrn_radiation_wavelength.id           1 
_diffrn_radiation_wavelength.wavelength   1.5418 
_diffrn_radiation_wavelength.wt           1.0 
# 
_diffrn_source.diffrn_id                   1 
_diffrn_source.source                      'ROTATING ANODE' 
_diffrn_source.type                        'RIGAKU RU200' 
_diffrn_source.pdbx_wavelength             1.5418 
_diffrn_source.pdbx_synchrotron_site       ? 
_diffrn_source.pdbx_synchrotron_beamline   ? 
_diffrn_source.pdbx_wavelength_list        ? 
# 
_reflns.entry_id                     1EWM 
_reflns.observed_criterion_sigma_I   -3.0 
_reflns.observed_criterion_sigma_F   0 
_reflns.d_resolution_low             30.0 
_reflns.d_resolution_high            2.0 
_reflns.number_obs                   11831 
_reflns.number_all                   11831 
_reflns.percent_possible_obs         95.8 
_reflns.pdbx_Rmerge_I_obs            0.094 
_reflns.pdbx_Rsym_value              ? 
_reflns.pdbx_netI_over_sigmaI        6.0 
_reflns.B_iso_Wilson_estimate        5.5 
_reflns.pdbx_redundancy              2.75 
_reflns.R_free_details               ? 
_reflns.limit_h_max                  ? 
_reflns.limit_h_min                  ? 
_reflns.limit_k_max                  ? 
_reflns.limit_k_min                  ? 
_reflns.limit_l_max                  ? 
_reflns.limit_l_min                  ? 
_reflns.observed_criterion_F_max     ? 
_reflns.observed_criterion_F_min     ? 
_reflns.pdbx_chi_squared             ? 
_reflns.pdbx_scaling_rejects         ? 
_reflns.pdbx_ordinal                 1 
_reflns.pdbx_diffrn_id               1 
# 
_reflns_shell.d_res_high             2.00 
_reflns_shell.d_res_low              2.07 
_reflns_shell.percent_possible_obs   ? 
_reflns_shell.percent_possible_all   91.3 
_reflns_shell.Rmerge_I_obs           0.167 
_reflns_shell.meanI_over_sigI_obs    ? 
_reflns_shell.pdbx_Rsym_value        ? 
_reflns_shell.pdbx_redundancy        2.8 
_reflns_shell.number_unique_all      1139 
_reflns_shell.number_measured_all    ? 
_reflns_shell.number_measured_obs    ? 
_reflns_shell.number_unique_obs      ? 
_reflns_shell.pdbx_chi_squared       ? 
_reflns_shell.pdbx_ordinal           1 
_reflns_shell.pdbx_diffrn_id         1 
# 
_refine.entry_id                                 1EWM 
_refine.ls_number_reflns_obs                     11819 
_refine.ls_number_reflns_all                     11819 
_refine.pdbx_ls_sigma_I                          -3.0 
_refine.pdbx_ls_sigma_F                          0.0 
_refine.pdbx_data_cutoff_high_absF               10000000.00 
_refine.pdbx_data_cutoff_low_absF                0.00 
_refine.ls_d_res_low                             25.00 
_refine.ls_d_res_high                            2.00 
_refine.ls_percent_reflns_obs                    95.8 
_refine.ls_R_factor_obs                          0.173 
_refine.ls_R_factor_all                          0.18 
_refine.ls_R_factor_R_work                       0.173 
_refine.ls_R_factor_R_free                       0.206 
_refine.ls_R_factor_R_free_error                 0.009 
_refine.ls_R_factor_R_free_error_details         ? 
_refine.ls_percent_reflns_R_free                 4.8 
_refine.ls_number_reflns_R_free                  570 
_refine.ls_number_parameters                     ? 
_refine.ls_number_restraints                     ? 
_refine.occupancy_min                            ? 
_refine.occupancy_max                            ? 
_refine.B_iso_mean                               10.9 
_refine.aniso_B[1][1]                            0.00 
_refine.aniso_B[2][2]                            0.00 
_refine.aniso_B[3][3]                            0.00 
_refine.aniso_B[1][2]                            0.00 
_refine.aniso_B[1][3]                            0.00 
_refine.aniso_B[2][3]                            0.00 
_refine.solvent_model_details                    ? 
_refine.solvent_model_param_ksol                 ? 
_refine.solvent_model_param_bsol                 ? 
_refine.pdbx_ls_cross_valid_method               THROUGHOUT 
_refine.details                                  ? 
_refine.pdbx_starting_model                      ? 
_refine.pdbx_method_to_determine_struct          ? 
_refine.pdbx_isotropic_thermal_model             RESTRAINED 
_refine.pdbx_stereochemistry_target_values       'toph19 and param19' 
_refine.pdbx_stereochem_target_val_spec_case     ? 
_refine.pdbx_R_Free_selection_details            RANDOM 
_refine.pdbx_overall_ESU_R_Free                  ? 
_refine.overall_SU_B                             ? 
_refine.ls_redundancy_reflns_obs                 ? 
_refine.B_iso_min                                ? 
_refine.B_iso_max                                ? 
_refine.overall_SU_ML                            ? 
_refine.pdbx_data_cutoff_high_rms_absF           ? 
_refine.correlation_coeff_Fo_to_Fc               ? 
_refine.correlation_coeff_Fo_to_Fc_free          ? 
_refine.pdbx_solvent_vdw_probe_radii             ? 
_refine.pdbx_solvent_ion_probe_radii             ? 
_refine.pdbx_solvent_shrinkage_radii             ? 
_refine.overall_SU_R_Cruickshank_DPI             ? 
_refine.overall_SU_R_free                        ? 
_refine.pdbx_refine_id                           'X-RAY DIFFRACTION' 
_refine.pdbx_overall_ESU_R                       ? 
_refine.pdbx_overall_phase_error                 ? 
_refine.ls_wR_factor_R_free                      ? 
_refine.ls_wR_factor_R_work                      ? 
_refine.overall_FOM_free_R_set                   ? 
_refine.overall_FOM_work_R_set                   ? 
_refine.pdbx_diffrn_id                           1 
_refine.pdbx_TLS_residual_ADP_flag               ? 
_refine.pdbx_overall_SU_R_free_Cruickshank_DPI   ? 
_refine.pdbx_overall_SU_R_Blow_DPI               ? 
_refine.pdbx_overall_SU_R_free_Blow_DPI          ? 
# 
_refine_analyze.entry_id                        1EWM 
_refine_analyze.Luzzati_coordinate_error_obs    0.19 
_refine_analyze.Luzzati_sigma_a_obs             0.16 
_refine_analyze.Luzzati_d_res_low_obs           5.00 
_refine_analyze.Luzzati_coordinate_error_free   0.24 
_refine_analyze.Luzzati_sigma_a_free            0.19 
_refine_analyze.Luzzati_d_res_low_free          ? 
_refine_analyze.number_disordered_residues      ? 
_refine_analyze.occupancy_sum_hydrogen          ? 
_refine_analyze.occupancy_sum_non_hydrogen      ? 
_refine_analyze.pdbx_Luzzati_d_res_high_obs     ? 
_refine_analyze.pdbx_refine_id                  'X-RAY DIFFRACTION' 
# 
_refine_hist.pdbx_refine_id                   'X-RAY DIFFRACTION' 
_refine_hist.cycle_id                         LAST 
_refine_hist.pdbx_number_atoms_protein        1593 
_refine_hist.pdbx_number_atoms_nucleic_acid   0 
_refine_hist.pdbx_number_atoms_ligand         26 
_refine_hist.number_atoms_solvent             57 
_refine_hist.number_atoms_total               1676 
_refine_hist.d_res_high                       2.00 
_refine_hist.d_res_low                        25.00 
# 
loop_
_refine_ls_restr.type 
_refine_ls_restr.dev_ideal 
_refine_ls_restr.dev_ideal_target 
_refine_ls_restr.weight 
_refine_ls_restr.number 
_refine_ls_restr.pdbx_refine_id 
_refine_ls_restr.pdbx_restraint_function 
x_bond_d           0.012 ? ? ? 'X-RAY DIFFRACTION' ? 
x_angle_deg        2.4   ? ? ? 'X-RAY DIFFRACTION' ? 
x_dihedral_angle_d 25.9  ? ? ? 'X-RAY DIFFRACTION' ? 
x_improper_angle_d 0.94  ? ? ? 'X-RAY DIFFRACTION' ? 
# 
_refine_ls_shell.pdbx_total_number_of_bins_used   6 
_refine_ls_shell.d_res_high                       2.00 
_refine_ls_shell.d_res_low                        2.13 
_refine_ls_shell.number_reflns_R_work             1790 
_refine_ls_shell.R_factor_R_work                  0.209 
_refine_ls_shell.percent_reflns_obs               92.5 
_refine_ls_shell.R_factor_R_free                  0.234 
_refine_ls_shell.R_factor_R_free_error            0.026 
_refine_ls_shell.percent_reflns_R_free            4.4 
_refine_ls_shell.number_reflns_R_free             82 
_refine_ls_shell.redundancy_reflns_obs            ? 
_refine_ls_shell.number_reflns_all                ? 
_refine_ls_shell.number_reflns_obs                ? 
_refine_ls_shell.pdbx_refine_id                   'X-RAY DIFFRACTION' 
_refine_ls_shell.R_factor_all                     ? 
# 
loop_
_pdbx_xplor_file.serial_no 
_pdbx_xplor_file.param_file 
_pdbx_xplor_file.topol_file 
_pdbx_xplor_file.pdbx_refine_id 
1 PARAM19SG.PRO TOHP19SG2.PRO 'X-RAY DIFFRACTION' 
2 PARAM19.SOL   TOPH19.SOL    'X-RAY DIFFRACTION' 
3 ?             INHIB112.TPX  'X-RAY DIFFRACTION' 
4 ?             EPOX.TPX      'X-RAY DIFFRACTION' 
# 
_struct.entry_id                  1EWM 
_struct.title                     'THE CYSTEINE PROTEASE CRUZAIN BOUND TO WRR-112' 
_struct.pdbx_model_details        ? 
_struct.pdbx_CASP_flag            ? 
_struct.pdbx_model_type_details   ? 
# 
_struct_keywords.entry_id        1EWM 
_struct_keywords.pdbx_keywords   'HYDROLASE/HYDROLASE INHIBITOR' 
_struct_keywords.text            
'cruzain, cruzipain, drug design, covalent inhibitor, cysteine protease, HYDROLASE-HYDROLASE INHIBITOR COMPLEX' 
# 
loop_
_struct_asym.id 
_struct_asym.pdbx_blank_PDB_chainid_flag 
_struct_asym.pdbx_modified 
_struct_asym.entity_id 
_struct_asym.details 
A N N 1 ? 
B N N 2 ? 
C N N 3 ? 
# 
_struct_ref.id                         1 
_struct_ref.db_code                    CYSP_TRYCR 
_struct_ref.db_name                    UNP 
_struct_ref.entity_id                  1 
_struct_ref.pdbx_db_accession          P25779 
_struct_ref.pdbx_align_begin           123 
_struct_ref.pdbx_seq_one_letter_code   
;APAAVDWRARGAVTAVKDQGQCGSCWAFSAIGNVECQWFLAGHPLTNLSEQMLVSCDKTDSGCSGGLMNNAFEWIVQENN
GAVYTEDSYPYASGEGISPPCTTSGHTVGATITGHVELPQDEAQIAAWLAVNGPVAVAVDASSWMTYTGGVMTSCVSEQL
DHGVLLVGYNDSAAVPYWIIKNSWTTQWGEEGYIRIAKGSNQCLVKEEASSAVVG
;
_struct_ref.pdbx_db_isoform            ? 
# 
_struct_ref_seq.align_id                      1 
_struct_ref_seq.ref_id                        1 
_struct_ref_seq.pdbx_PDB_id_code              1EWM 
_struct_ref_seq.pdbx_strand_id                A 
_struct_ref_seq.seq_align_beg                 1 
_struct_ref_seq.pdbx_seq_align_beg_ins_code   ? 
_struct_ref_seq.seq_align_end                 215 
_struct_ref_seq.pdbx_seq_align_end_ins_code   ? 
_struct_ref_seq.pdbx_db_accession             P25779 
_struct_ref_seq.db_align_beg                  123 
_struct_ref_seq.pdbx_db_align_beg_ins_code    ? 
_struct_ref_seq.db_align_end                  337 
_struct_ref_seq.pdbx_db_align_end_ins_code    ? 
_struct_ref_seq.pdbx_auth_seq_align_beg       1 
_struct_ref_seq.pdbx_auth_seq_align_end       212 
# 
_pdbx_struct_assembly.id                   1 
_pdbx_struct_assembly.details              author_defined_assembly 
_pdbx_struct_assembly.method_details       ? 
_pdbx_struct_assembly.oligomeric_details   monomeric 
_pdbx_struct_assembly.oligomeric_count     1 
# 
_pdbx_struct_assembly_gen.assembly_id       1 
_pdbx_struct_assembly_gen.oper_expression   1 
_pdbx_struct_assembly_gen.asym_id_list      A,B,C 
# 
_pdbx_struct_oper_list.id                   1 
_pdbx_struct_oper_list.type                 'identity operation' 
_pdbx_struct_oper_list.name                 1_555 
_pdbx_struct_oper_list.symmetry_operation   x,y,z 
_pdbx_struct_oper_list.matrix[1][1]         1.0000000000 
_pdbx_struct_oper_list.matrix[1][2]         0.0000000000 
_pdbx_struct_oper_list.matrix[1][3]         0.0000000000 
_pdbx_struct_oper_list.vector[1]            0.0000000000 
_pdbx_struct_oper_list.matrix[2][1]         0.0000000000 
_pdbx_struct_oper_list.matrix[2][2]         1.0000000000 
_pdbx_struct_oper_list.matrix[2][3]         0.0000000000 
_pdbx_struct_oper_list.vector[2]            0.0000000000 
_pdbx_struct_oper_list.matrix[3][1]         0.0000000000 
_pdbx_struct_oper_list.matrix[3][2]         0.0000000000 
_pdbx_struct_oper_list.matrix[3][3]         1.0000000000 
_pdbx_struct_oper_list.vector[3]            0.0000000000 
# 
_struct_biol.id                    1 
_struct_biol.details               'the biological assembly is the monomer found in the asymmetric unit' 
_struct_biol.pdbx_parent_biol_id   ? 
# 
loop_
_struct_conf.conf_type_id 
_struct_conf.id 
_struct_conf.pdbx_PDB_helix_id 
_struct_conf.beg_label_comp_id 
_struct_conf.beg_label_asym_id 
_struct_conf.beg_label_seq_id 
_struct_conf.pdbx_beg_PDB_ins_code 
_struct_conf.end_label_comp_id 
_struct_conf.end_label_asym_id 
_struct_conf.end_label_seq_id 
_struct_conf.pdbx_end_PDB_ins_code 
_struct_conf.beg_auth_comp_id 
_struct_conf.beg_auth_asym_id 
_struct_conf.beg_auth_seq_id 
_struct_conf.end_auth_comp_id 
_struct_conf.end_auth_asym_id 
_struct_conf.end_auth_seq_id 
_struct_conf.pdbx_PDB_helix_class 
_struct_conf.details 
_struct_conf.pdbx_PDB_helix_length 
HELX_P HELX_P1 1 ARG A 8   ? GLY A 11  ? ARG A 8   GLY A 11  5 ? 4  
HELX_P HELX_P2 2 SER A 24  ? ALA A 41  ? SER A 24  ALA A 41  1 ? 18 
HELX_P HELX_P3 3 SER A 49  ? ASP A 57  ? SER A 49  ASP A 57  1 ? 9  
HELX_P HELX_P4 4 SER A 61  ? GLY A 65  ? SER A 61  GLY A 65  5 ? 5  
HELX_P HELX_P5 6 ASP A 121 ? GLY A 133 ? ASP A 116 GLY A 128 1 ? 13 
HELX_P HELX_P6 7 SER A 143 ? TYR A 147 ? SER A 140 TYR A 144 5 ? 5  
HELX_P HELX_P7 8 ASN A 201 ? VAL A 205 ? ASN A 198 VAL A 202 5 ? 5  
# 
_struct_conf_type.id          HELX_P 
_struct_conf_type.criteria    ? 
_struct_conf_type.reference   ? 
# 
loop_
_struct_conn.id 
_struct_conn.conn_type_id 
_struct_conn.pdbx_leaving_atom_flag 
_struct_conn.pdbx_PDB_id 
_struct_conn.ptnr1_label_asym_id 
_struct_conn.ptnr1_label_comp_id 
_struct_conn.ptnr1_label_seq_id 
_struct_conn.ptnr1_label_atom_id 
_struct_conn.pdbx_ptnr1_label_alt_id 
_struct_conn.pdbx_ptnr1_PDB_ins_code 
_struct_conn.pdbx_ptnr1_standard_comp_id 
_struct_conn.ptnr1_symmetry 
_struct_conn.ptnr2_label_asym_id 
_struct_conn.ptnr2_label_comp_id 
_struct_conn.ptnr2_label_seq_id 
_struct_conn.ptnr2_label_atom_id 
_struct_conn.pdbx_ptnr2_label_alt_id 
_struct_conn.pdbx_ptnr2_PDB_ins_code 
_struct_conn.ptnr1_auth_asym_id 
_struct_conn.ptnr1_auth_comp_id 
_struct_conn.ptnr1_auth_seq_id 
_struct_conn.ptnr2_auth_asym_id 
_struct_conn.ptnr2_auth_comp_id 
_struct_conn.ptnr2_auth_seq_id 
_struct_conn.ptnr2_symmetry 
_struct_conn.pdbx_ptnr3_label_atom_id 
_struct_conn.pdbx_ptnr3_label_seq_id 
_struct_conn.pdbx_ptnr3_label_comp_id 
_struct_conn.pdbx_ptnr3_label_asym_id 
_struct_conn.pdbx_ptnr3_label_alt_id 
_struct_conn.pdbx_ptnr3_PDB_ins_code 
_struct_conn.details 
_struct_conn.pdbx_dist_value 
_struct_conn.pdbx_value_order 
_struct_conn.pdbx_role 
disulf1 disulf ?    ? A CYS 22  SG ? ? ? 1_555 A CYS 63  SG ? ? A CYS 22  A CYS 63  1_555 ? ? ? ? ? ? ? 2.035 ? ? 
disulf2 disulf ?    ? A CYS 56  SG ? ? ? 1_555 A CYS 101 SG ? ? A CYS 56  A CYS 95  1_555 ? ? ? ? ? ? ? 2.017 ? ? 
disulf3 disulf ?    ? A CYS 155 SG ? ? ? 1_555 A CYS 203 SG ? ? A CYS 153 A CYS 200 1_555 ? ? ? ? ? ? ? 2.025 ? ? 
covale1 covale none ? A CYS 25  SG ? ? ? 1_555 B RL2 .   C2 ? ? A CYS 25  A RL2 280 1_555 ? ? ? ? ? ? ? 1.827 ? ? 
# 
loop_
_struct_conn_type.id 
_struct_conn_type.criteria 
_struct_conn_type.reference 
disulf ? ? 
covale ? ? 
# 
loop_
_pdbx_modification_feature.ordinal 
_pdbx_modification_feature.label_comp_id 
_pdbx_modification_feature.label_asym_id 
_pdbx_modification_feature.label_seq_id 
_pdbx_modification_feature.label_alt_id 
_pdbx_modification_feature.modified_residue_label_comp_id 
_pdbx_modification_feature.modified_residue_label_asym_id 
_pdbx_modification_feature.modified_residue_label_seq_id 
_pdbx_modification_feature.modified_residue_label_alt_id 
_pdbx_modification_feature.auth_comp_id 
_pdbx_modification_feature.auth_asym_id 
_pdbx_modification_feature.auth_seq_id 
_pdbx_modification_feature.PDB_ins_code 
_pdbx_modification_feature.symmetry 
_pdbx_modification_feature.modified_residue_auth_comp_id 
_pdbx_modification_feature.modified_residue_auth_asym_id 
_pdbx_modification_feature.modified_residue_auth_seq_id 
_pdbx_modification_feature.modified_residue_PDB_ins_code 
_pdbx_modification_feature.modified_residue_symmetry 
_pdbx_modification_feature.comp_id_linking_atom 
_pdbx_modification_feature.modified_residue_id_linking_atom 
_pdbx_modification_feature.modified_residue_id 
_pdbx_modification_feature.ref_pcm_id 
_pdbx_modification_feature.ref_comp_id 
_pdbx_modification_feature.type 
_pdbx_modification_feature.category 
1 RL2 B .   ? CYS A 25  ? RL2 A 280 ? 1_555 CYS A 25  ? 1_555 C2 SG CYS 1 RL2 None 'Covalent chemical modification' 
2 CYS A 22  ? CYS A 63  ? CYS A 22  ? 1_555 CYS A 63  ? 1_555 SG SG .   . .   None 'Disulfide bridge'               
3 CYS A 56  ? CYS A 101 ? CYS A 56  ? 1_555 CYS A 95  ? 1_555 SG SG .   . .   None 'Disulfide bridge'               
4 CYS A 155 ? CYS A 203 ? CYS A 153 ? 1_555 CYS A 200 ? 1_555 SG SG .   . .   None 'Disulfide bridge'               
# 
loop_
_struct_sheet.id 
_struct_sheet.type 
_struct_sheet.number_strands 
_struct_sheet.details 
A ? 3 ? 
B ? 5 ? 
C ? 2 ? 
D ? 2 ? 
# 
loop_
_struct_sheet_order.sheet_id 
_struct_sheet_order.range_id_1 
_struct_sheet_order.range_id_2 
_struct_sheet_order.offset 
_struct_sheet_order.sense 
A 1 2 ? anti-parallel 
A 2 3 ? anti-parallel 
B 1 2 ? anti-parallel 
B 2 3 ? anti-parallel 
B 3 4 ? anti-parallel 
B 4 5 ? parallel      
C 1 2 ? anti-parallel 
D 1 2 ? anti-parallel 
# 
loop_
_struct_sheet_range.sheet_id 
_struct_sheet_range.id 
_struct_sheet_range.beg_label_comp_id 
_struct_sheet_range.beg_label_asym_id 
_struct_sheet_range.beg_label_seq_id 
_struct_sheet_range.pdbx_beg_PDB_ins_code 
_struct_sheet_range.end_label_comp_id 
_struct_sheet_range.end_label_asym_id 
_struct_sheet_range.end_label_seq_id 
_struct_sheet_range.pdbx_end_PDB_ins_code 
_struct_sheet_range.beg_auth_comp_id 
_struct_sheet_range.beg_auth_asym_id 
_struct_sheet_range.beg_auth_seq_id 
_struct_sheet_range.end_auth_comp_id 
_struct_sheet_range.end_auth_asym_id 
_struct_sheet_range.end_auth_seq_id 
A 1 VAL A 135 ? VAL A 139 ? VAL A 130 VAL A 134 
A 2 HIS A 162 ? ASN A 170 ? HIS A 159 ASN A 167 
A 3 ALA A 4   ? ASP A 6   ? ALA A 4   ASP A 6   
B 1 VAL A 135 ? VAL A 139 ? VAL A 130 VAL A 134 
B 2 HIS A 162 ? ASN A 170 ? HIS A 159 ASN A 167 
B 3 TYR A 177 ? LYS A 181 ? TYR A 170 LYS A 174 
B 4 TYR A 193 ? ALA A 197 ? TYR A 186 ALA A 190 
B 5 VAL A 151 ? MET A 152 ? VAL A 148 MET A 149 
C 1 ALA A 82  ? TYR A 84  ? ALA A 79  TYR A 81  
C 2 VAL A 108 ? THR A 111 ? VAL A 102 THR A 106 
D 1 GLY A 114 ? GLU A 117 ? GLY A 109 GLU A 112 
D 2 SER A 210 ? VAL A 213 ? SER A 207 VAL A 210 
# 
loop_
_pdbx_struct_sheet_hbond.sheet_id 
_pdbx_struct_sheet_hbond.range_id_1 
_pdbx_struct_sheet_hbond.range_id_2 
_pdbx_struct_sheet_hbond.range_1_label_atom_id 
_pdbx_struct_sheet_hbond.range_1_label_comp_id 
_pdbx_struct_sheet_hbond.range_1_label_asym_id 
_pdbx_struct_sheet_hbond.range_1_label_seq_id 
_pdbx_struct_sheet_hbond.range_1_PDB_ins_code 
_pdbx_struct_sheet_hbond.range_1_auth_atom_id 
_pdbx_struct_sheet_hbond.range_1_auth_comp_id 
_pdbx_struct_sheet_hbond.range_1_auth_asym_id 
_pdbx_struct_sheet_hbond.range_1_auth_seq_id 
_pdbx_struct_sheet_hbond.range_2_label_atom_id 
_pdbx_struct_sheet_hbond.range_2_label_comp_id 
_pdbx_struct_sheet_hbond.range_2_label_asym_id 
_pdbx_struct_sheet_hbond.range_2_label_seq_id 
_pdbx_struct_sheet_hbond.range_2_PDB_ins_code 
_pdbx_struct_sheet_hbond.range_2_auth_atom_id 
_pdbx_struct_sheet_hbond.range_2_auth_comp_id 
_pdbx_struct_sheet_hbond.range_2_auth_asym_id 
_pdbx_struct_sheet_hbond.range_2_auth_seq_id 
A 1 2 N VAL A 139 ? N VAL A 134 O HIS A 162 ? O HIS A 159 
A 2 3 N TYR A 169 ? N TYR A 166 O VAL A 5   ? O VAL A 5   
B 1 2 N VAL A 139 ? N VAL A 134 O HIS A 162 ? O HIS A 159 
B 2 3 N ASN A 170 ? N ASN A 167 O TYR A 177 ? O TYR A 170 
B 3 4 N ILE A 180 ? N ILE A 173 O ILE A 194 ? O ILE A 187 
B 4 5 N ALA A 197 ? N ALA A 190 O MET A 152 ? O MET A 149 
C 1 2 O VAL A 83  ? O VAL A 80  N GLY A 109 ? N GLY A 103 
D 1 2 N VAL A 116 ? N VAL A 111 O SER A 211 ? O SER A 208 
# 
_struct_site.id                   AC1 
_struct_site.pdbx_evidence_code   Software 
_struct_site.pdbx_auth_asym_id    A 
_struct_site.pdbx_auth_comp_id    RL2 
_struct_site.pdbx_auth_seq_id     280 
_struct_site.pdbx_auth_ins_code   ? 
_struct_site.pdbx_num_residues    11 
_struct_site.details              'BINDING SITE FOR RESIDUE RL2 A 280' 
# 
loop_
_struct_site_gen.id 
_struct_site_gen.site_id 
_struct_site_gen.pdbx_num_res 
_struct_site_gen.label_comp_id 
_struct_site_gen.label_asym_id 
_struct_site_gen.label_seq_id 
_struct_site_gen.pdbx_auth_ins_code 
_struct_site_gen.auth_comp_id 
_struct_site_gen.auth_asym_id 
_struct_site_gen.auth_seq_id 
_struct_site_gen.label_atom_id 
_struct_site_gen.label_alt_id 
_struct_site_gen.symmetry 
_struct_site_gen.details 
1  AC1 11 GLN A 19  ? GLN A 19  . ? 1_555 ? 
2  AC1 11 GLY A 23  ? GLY A 23  . ? 1_555 ? 
3  AC1 11 SER A 24  ? SER A 24  . ? 1_555 ? 
4  AC1 11 CYS A 25  ? CYS A 25  . ? 1_555 ? 
5  AC1 11 TRP A 26  ? TRP A 26  . ? 1_555 ? 
6  AC1 11 SER A 61  ? SER A 61  . ? 1_555 ? 
7  AC1 11 GLY A 65  ? GLY A 65  . ? 1_555 ? 
8  AC1 11 GLY A 66  ? GLY A 66  . ? 1_555 ? 
9  AC1 11 MET A 68  ? MET A 68  . ? 1_555 ? 
10 AC1 11 ASP A 161 ? ASP A 158 . ? 1_555 ? 
11 AC1 11 HIS A 162 ? HIS A 159 . ? 1_555 ? 
# 
_pdbx_entry_details.entry_id                   1EWM 
_pdbx_entry_details.nonpolymer_details         
;RL2 IS AN E-64 ANALOG. 
RL2 WAS N-(3-CARBOXYOXIRANE-2-CARBONYL)-L- 
HOMOPHENYLALANYL-AMINO-2-METHYLBUTANE BEFORE REACTION 
WITH THE PROTEASE.  DURING REACTION WITH THE PROTEASE, 
THE EPOXIDE RING OPENS TO FORM N-[3-CARBOXY-2-HYDROXY- 
PROPIONYL]-L-HOMOPHENYLALANYL-AMINO-2-METHYLBUTANE.  
THE SG OF CYS 25 IS THEN LINKED TO THE C2 OF RL2 280  
AFTER REACTION.
;
_pdbx_entry_details.sequence_details           'THERE IS A STOP CODON AFTER RESIDUE 212.' 
_pdbx_entry_details.compound_details           ? 
_pdbx_entry_details.source_details             ? 
_pdbx_entry_details.has_ligand_of_interest     ? 
_pdbx_entry_details.has_protein_modification   Y 
# 
loop_
_pdbx_validate_rmsd_bond.id 
_pdbx_validate_rmsd_bond.PDB_model_num 
_pdbx_validate_rmsd_bond.auth_atom_id_1 
_pdbx_validate_rmsd_bond.auth_asym_id_1 
_pdbx_validate_rmsd_bond.auth_comp_id_1 
_pdbx_validate_rmsd_bond.auth_seq_id_1 
_pdbx_validate_rmsd_bond.PDB_ins_code_1 
_pdbx_validate_rmsd_bond.label_alt_id_1 
_pdbx_validate_rmsd_bond.auth_atom_id_2 
_pdbx_validate_rmsd_bond.auth_asym_id_2 
_pdbx_validate_rmsd_bond.auth_comp_id_2 
_pdbx_validate_rmsd_bond.auth_seq_id_2 
_pdbx_validate_rmsd_bond.PDB_ins_code_2 
_pdbx_validate_rmsd_bond.label_alt_id_2 
_pdbx_validate_rmsd_bond.bond_value 
_pdbx_validate_rmsd_bond.bond_target_value 
_pdbx_validate_rmsd_bond.bond_deviation 
_pdbx_validate_rmsd_bond.bond_standard_deviation 
_pdbx_validate_rmsd_bond.linker_flag 
1 1 NE2 A HIS 43  ? ? CD2 A HIS 43  ? ? 1.307 1.373 -0.066 0.011 N 
2 1 NE2 A HIS 110 ? ? CD2 A HIS 110 ? ? 1.306 1.373 -0.067 0.011 N 
# 
loop_
_pdbx_validate_rmsd_angle.id 
_pdbx_validate_rmsd_angle.PDB_model_num 
_pdbx_validate_rmsd_angle.auth_atom_id_1 
_pdbx_validate_rmsd_angle.auth_asym_id_1 
_pdbx_validate_rmsd_angle.auth_comp_id_1 
_pdbx_validate_rmsd_angle.auth_seq_id_1 
_pdbx_validate_rmsd_angle.PDB_ins_code_1 
_pdbx_validate_rmsd_angle.label_alt_id_1 
_pdbx_validate_rmsd_angle.auth_atom_id_2 
_pdbx_validate_rmsd_angle.auth_asym_id_2 
_pdbx_validate_rmsd_angle.auth_comp_id_2 
_pdbx_validate_rmsd_angle.auth_seq_id_2 
_pdbx_validate_rmsd_angle.PDB_ins_code_2 
_pdbx_validate_rmsd_angle.label_alt_id_2 
_pdbx_validate_rmsd_angle.auth_atom_id_3 
_pdbx_validate_rmsd_angle.auth_asym_id_3 
_pdbx_validate_rmsd_angle.auth_comp_id_3 
_pdbx_validate_rmsd_angle.auth_seq_id_3 
_pdbx_validate_rmsd_angle.PDB_ins_code_3 
_pdbx_validate_rmsd_angle.label_alt_id_3 
_pdbx_validate_rmsd_angle.angle_value 
_pdbx_validate_rmsd_angle.angle_target_value 
_pdbx_validate_rmsd_angle.angle_deviation 
_pdbx_validate_rmsd_angle.angle_standard_deviation 
_pdbx_validate_rmsd_angle.linker_flag 
1  1 CD1 A TRP 7   ? ? CG  A TRP 7   ? ? CD2 A TRP 7   ? ? 113.06 106.30 6.76  0.80 N 
2  1 CE2 A TRP 7   ? ? CD2 A TRP 7   ? ? CG  A TRP 7   ? ? 101.27 107.30 -6.03 0.80 N 
3  1 CD1 A TRP 26  ? ? CG  A TRP 26  ? ? CD2 A TRP 26  ? ? 112.43 106.30 6.13  0.80 N 
4  1 CE2 A TRP 26  ? ? CD2 A TRP 26  ? ? CG  A TRP 26  ? ? 101.62 107.30 -5.68 0.80 N 
5  1 CD1 A TRP 38  ? ? CG  A TRP 38  ? ? CD2 A TRP 38  ? ? 113.19 106.30 6.89  0.80 N 
6  1 CE2 A TRP 38  ? ? CD2 A TRP 38  ? ? CG  A TRP 38  ? ? 101.28 107.30 -6.02 0.80 N 
7  1 CD1 A TRP 74  ? ? CG  A TRP 74  ? ? CD2 A TRP 74  ? ? 112.36 106.30 6.06  0.80 N 
8  1 CE2 A TRP 74  ? ? CD2 A TRP 74  ? ? CG  A TRP 74  ? ? 101.71 107.30 -5.59 0.80 N 
9  1 CD1 A TRP 123 ? ? CG  A TRP 123 ? ? CD2 A TRP 123 ? ? 112.68 106.30 6.38  0.80 N 
10 1 CB  A TRP 123 ? ? CG  A TRP 123 ? ? CD1 A TRP 123 ? ? 118.64 127.00 -8.36 1.30 N 
11 1 CE2 A TRP 123 ? ? CD2 A TRP 123 ? ? CG  A TRP 123 ? ? 101.45 107.30 -5.85 0.80 N 
12 1 CD1 A TRP 141 ? ? CG  A TRP 141 ? ? CD2 A TRP 141 ? ? 112.26 106.30 5.96  0.80 N 
13 1 CE2 A TRP 141 ? ? CD2 A TRP 141 ? ? CG  A TRP 141 ? ? 101.97 107.30 -5.33 0.80 N 
14 1 CD1 A TRP 171 ? ? CG  A TRP 171 ? ? CD2 A TRP 171 ? ? 112.67 106.30 6.37  0.80 N 
15 1 CE2 A TRP 171 ? ? CD2 A TRP 171 ? ? CG  A TRP 171 ? ? 101.56 107.30 -5.74 0.80 N 
16 1 CD1 A TRP 177 ? ? CG  A TRP 177 ? ? CD2 A TRP 177 ? ? 112.54 106.30 6.24  0.80 N 
17 1 CE2 A TRP 177 ? ? CD2 A TRP 177 ? ? CG  A TRP 177 ? ? 101.55 107.30 -5.75 0.80 N 
18 1 CD1 A TRP 181 ? ? CG  A TRP 181 ? ? CD2 A TRP 181 ? ? 112.46 106.30 6.16  0.80 N 
19 1 CE2 A TRP 181 ? ? CD2 A TRP 181 ? ? CG  A TRP 181 ? ? 101.97 107.30 -5.33 0.80 N 
# 
loop_
_pdbx_validate_torsion.id 
_pdbx_validate_torsion.PDB_model_num 
_pdbx_validate_torsion.auth_comp_id 
_pdbx_validate_torsion.auth_asym_id 
_pdbx_validate_torsion.auth_seq_id 
_pdbx_validate_torsion.PDB_ins_code 
_pdbx_validate_torsion.label_alt_id 
_pdbx_validate_torsion.phi 
_pdbx_validate_torsion.psi 
1 1 PRO A 2   ? ? -5.96 -67.18 
2 1 THR A 178 ? ? 68.36 171.76 
# 
loop_
_chem_comp_atom.comp_id 
_chem_comp_atom.atom_id 
_chem_comp_atom.type_symbol 
_chem_comp_atom.pdbx_aromatic_flag 
_chem_comp_atom.pdbx_stereo_config 
_chem_comp_atom.pdbx_ordinal 
ALA N    N N N 1   
ALA CA   C N S 2   
ALA C    C N N 3   
ALA O    O N N 4   
ALA CB   C N N 5   
ALA OXT  O N N 6   
ALA H    H N N 7   
ALA H2   H N N 8   
ALA HA   H N N 9   
ALA HB1  H N N 10  
ALA HB2  H N N 11  
ALA HB3  H N N 12  
ALA HXT  H N N 13  
ARG N    N N N 14  
ARG CA   C N S 15  
ARG C    C N N 16  
ARG O    O N N 17  
ARG CB   C N N 18  
ARG CG   C N N 19  
ARG CD   C N N 20  
ARG NE   N N N 21  
ARG CZ   C N N 22  
ARG NH1  N N N 23  
ARG NH2  N N N 24  
ARG OXT  O N N 25  
ARG H    H N N 26  
ARG H2   H N N 27  
ARG HA   H N N 28  
ARG HB2  H N N 29  
ARG HB3  H N N 30  
ARG HG2  H N N 31  
ARG HG3  H N N 32  
ARG HD2  H N N 33  
ARG HD3  H N N 34  
ARG HE   H N N 35  
ARG HH11 H N N 36  
ARG HH12 H N N 37  
ARG HH21 H N N 38  
ARG HH22 H N N 39  
ARG HXT  H N N 40  
ASN N    N N N 41  
ASN CA   C N S 42  
ASN C    C N N 43  
ASN O    O N N 44  
ASN CB   C N N 45  
ASN CG   C N N 46  
ASN OD1  O N N 47  
ASN ND2  N N N 48  
ASN OXT  O N N 49  
ASN H    H N N 50  
ASN H2   H N N 51  
ASN HA   H N N 52  
ASN HB2  H N N 53  
ASN HB3  H N N 54  
ASN HD21 H N N 55  
ASN HD22 H N N 56  
ASN HXT  H N N 57  
ASP N    N N N 58  
ASP CA   C N S 59  
ASP C    C N N 60  
ASP O    O N N 61  
ASP CB   C N N 62  
ASP CG   C N N 63  
ASP OD1  O N N 64  
ASP OD2  O N N 65  
ASP OXT  O N N 66  
ASP H    H N N 67  
ASP H2   H N N 68  
ASP HA   H N N 69  
ASP HB2  H N N 70  
ASP HB3  H N N 71  
ASP HD2  H N N 72  
ASP HXT  H N N 73  
CYS N    N N N 74  
CYS CA   C N R 75  
CYS C    C N N 76  
CYS O    O N N 77  
CYS CB   C N N 78  
CYS SG   S N N 79  
CYS OXT  O N N 80  
CYS H    H N N 81  
CYS H2   H N N 82  
CYS HA   H N N 83  
CYS HB2  H N N 84  
CYS HB3  H N N 85  
CYS HG   H N N 86  
CYS HXT  H N N 87  
GLN N    N N N 88  
GLN CA   C N S 89  
GLN C    C N N 90  
GLN O    O N N 91  
GLN CB   C N N 92  
GLN CG   C N N 93  
GLN CD   C N N 94  
GLN OE1  O N N 95  
GLN NE2  N N N 96  
GLN OXT  O N N 97  
GLN H    H N N 98  
GLN H2   H N N 99  
GLN HA   H N N 100 
GLN HB2  H N N 101 
GLN HB3  H N N 102 
GLN HG2  H N N 103 
GLN HG3  H N N 104 
GLN HE21 H N N 105 
GLN HE22 H N N 106 
GLN HXT  H N N 107 
GLU N    N N N 108 
GLU CA   C N S 109 
GLU C    C N N 110 
GLU O    O N N 111 
GLU CB   C N N 112 
GLU CG   C N N 113 
GLU CD   C N N 114 
GLU OE1  O N N 115 
GLU OE2  O N N 116 
GLU OXT  O N N 117 
GLU H    H N N 118 
GLU H2   H N N 119 
GLU HA   H N N 120 
GLU HB2  H N N 121 
GLU HB3  H N N 122 
GLU HG2  H N N 123 
GLU HG3  H N N 124 
GLU HE2  H N N 125 
GLU HXT  H N N 126 
GLY N    N N N 127 
GLY CA   C N N 128 
GLY C    C N N 129 
GLY O    O N N 130 
GLY OXT  O N N 131 
GLY H    H N N 132 
GLY H2   H N N 133 
GLY HA2  H N N 134 
GLY HA3  H N N 135 
GLY HXT  H N N 136 
HIS N    N N N 137 
HIS CA   C N S 138 
HIS C    C N N 139 
HIS O    O N N 140 
HIS CB   C N N 141 
HIS CG   C Y N 142 
HIS ND1  N Y N 143 
HIS CD2  C Y N 144 
HIS CE1  C Y N 145 
HIS NE2  N Y N 146 
HIS OXT  O N N 147 
HIS H    H N N 148 
HIS H2   H N N 149 
HIS HA   H N N 150 
HIS HB2  H N N 151 
HIS HB3  H N N 152 
HIS HD1  H N N 153 
HIS HD2  H N N 154 
HIS HE1  H N N 155 
HIS HE2  H N N 156 
HIS HXT  H N N 157 
HOH O    O N N 158 
HOH H1   H N N 159 
HOH H2   H N N 160 
ILE N    N N N 161 
ILE CA   C N S 162 
ILE C    C N N 163 
ILE O    O N N 164 
ILE CB   C N S 165 
ILE CG1  C N N 166 
ILE CG2  C N N 167 
ILE CD1  C N N 168 
ILE OXT  O N N 169 
ILE H    H N N 170 
ILE H2   H N N 171 
ILE HA   H N N 172 
ILE HB   H N N 173 
ILE HG12 H N N 174 
ILE HG13 H N N 175 
ILE HG21 H N N 176 
ILE HG22 H N N 177 
ILE HG23 H N N 178 
ILE HD11 H N N 179 
ILE HD12 H N N 180 
ILE HD13 H N N 181 
ILE HXT  H N N 182 
LEU N    N N N 183 
LEU CA   C N S 184 
LEU C    C N N 185 
LEU O    O N N 186 
LEU CB   C N N 187 
LEU CG   C N N 188 
LEU CD1  C N N 189 
LEU CD2  C N N 190 
LEU OXT  O N N 191 
LEU H    H N N 192 
LEU H2   H N N 193 
LEU HA   H N N 194 
LEU HB2  H N N 195 
LEU HB3  H N N 196 
LEU HG   H N N 197 
LEU HD11 H N N 198 
LEU HD12 H N N 199 
LEU HD13 H N N 200 
LEU HD21 H N N 201 
LEU HD22 H N N 202 
LEU HD23 H N N 203 
LEU HXT  H N N 204 
LYS N    N N N 205 
LYS CA   C N S 206 
LYS C    C N N 207 
LYS O    O N N 208 
LYS CB   C N N 209 
LYS CG   C N N 210 
LYS CD   C N N 211 
LYS CE   C N N 212 
LYS NZ   N N N 213 
LYS OXT  O N N 214 
LYS H    H N N 215 
LYS H2   H N N 216 
LYS HA   H N N 217 
LYS HB2  H N N 218 
LYS HB3  H N N 219 
LYS HG2  H N N 220 
LYS HG3  H N N 221 
LYS HD2  H N N 222 
LYS HD3  H N N 223 
LYS HE2  H N N 224 
LYS HE3  H N N 225 
LYS HZ1  H N N 226 
LYS HZ2  H N N 227 
LYS HZ3  H N N 228 
LYS HXT  H N N 229 
MET N    N N N 230 
MET CA   C N S 231 
MET C    C N N 232 
MET O    O N N 233 
MET CB   C N N 234 
MET CG   C N N 235 
MET SD   S N N 236 
MET CE   C N N 237 
MET OXT  O N N 238 
MET H    H N N 239 
MET H2   H N N 240 
MET HA   H N N 241 
MET HB2  H N N 242 
MET HB3  H N N 243 
MET HG2  H N N 244 
MET HG3  H N N 245 
MET HE1  H N N 246 
MET HE2  H N N 247 
MET HE3  H N N 248 
MET HXT  H N N 249 
PHE N    N N N 250 
PHE CA   C N S 251 
PHE C    C N N 252 
PHE O    O N N 253 
PHE CB   C N N 254 
PHE CG   C Y N 255 
PHE CD1  C Y N 256 
PHE CD2  C Y N 257 
PHE CE1  C Y N 258 
PHE CE2  C Y N 259 
PHE CZ   C Y N 260 
PHE OXT  O N N 261 
PHE H    H N N 262 
PHE H2   H N N 263 
PHE HA   H N N 264 
PHE HB2  H N N 265 
PHE HB3  H N N 266 
PHE HD1  H N N 267 
PHE HD2  H N N 268 
PHE HE1  H N N 269 
PHE HE2  H N N 270 
PHE HZ   H N N 271 
PHE HXT  H N N 272 
PRO N    N N N 273 
PRO CA   C N S 274 
PRO C    C N N 275 
PRO O    O N N 276 
PRO CB   C N N 277 
PRO CG   C N N 278 
PRO CD   C N N 279 
PRO OXT  O N N 280 
PRO H    H N N 281 
PRO HA   H N N 282 
PRO HB2  H N N 283 
PRO HB3  H N N 284 
PRO HG2  H N N 285 
PRO HG3  H N N 286 
PRO HD2  H N N 287 
PRO HD3  H N N 288 
PRO HXT  H N N 289 
RL2 C4   C N N 290 
RL2 O9   O N N 291 
RL2 C3   C N S 292 
RL2 O8   O N N 293 
RL2 C2   C N N 294 
RL2 C1   C N N 295 
RL2 O6   O N N 296 
RL2 O7   O N N 297 
RL2 N5   N N N 298 
RL2 C10  C N S 299 
RL2 C11  C N N 300 
RL2 O26  O N N 301 
RL2 C12  C N N 302 
RL2 C13  C N N 303 
RL2 C14  C Y N 304 
RL2 C15  C Y N 305 
RL2 C19  C Y N 306 
RL2 C16  C Y N 307 
RL2 C18  C Y N 308 
RL2 C17  C Y N 309 
RL2 C25  C N N 310 
RL2 C23  C N N 311 
RL2 C24  C N N 312 
RL2 C22  C N N 313 
RL2 C21  C N N 314 
RL2 N20  N N N 315 
RL2 H31  H N N 316 
RL2 HO8  H N N 317 
RL2 H21  H N N 318 
RL2 H22  H N N 319 
RL2 HO6  H N N 320 
RL2 HN5  H N N 321 
RL2 H101 H N N 322 
RL2 H121 H N N 323 
RL2 H122 H N N 324 
RL2 H131 H N N 325 
RL2 H132 H N N 326 
RL2 H151 H N N 327 
RL2 H191 H N N 328 
RL2 H161 H N N 329 
RL2 H181 H N N 330 
RL2 H171 H N N 331 
RL2 H251 H N N 332 
RL2 H252 H N N 333 
RL2 H253 H N N 334 
RL2 H231 H N N 335 
RL2 H241 H N N 336 
RL2 H242 H N N 337 
RL2 H243 H N N 338 
RL2 H221 H N N 339 
RL2 H222 H N N 340 
RL2 H211 H N N 341 
RL2 H212 H N N 342 
RL2 H20  H N N 343 
SER N    N N N 344 
SER CA   C N S 345 
SER C    C N N 346 
SER O    O N N 347 
SER CB   C N N 348 
SER OG   O N N 349 
SER OXT  O N N 350 
SER H    H N N 351 
SER H2   H N N 352 
SER HA   H N N 353 
SER HB2  H N N 354 
SER HB3  H N N 355 
SER HG   H N N 356 
SER HXT  H N N 357 
THR N    N N N 358 
THR CA   C N S 359 
THR C    C N N 360 
THR O    O N N 361 
THR CB   C N R 362 
THR OG1  O N N 363 
THR CG2  C N N 364 
THR OXT  O N N 365 
THR H    H N N 366 
THR H2   H N N 367 
THR HA   H N N 368 
THR HB   H N N 369 
THR HG1  H N N 370 
THR HG21 H N N 371 
THR HG22 H N N 372 
THR HG23 H N N 373 
THR HXT  H N N 374 
TRP N    N N N 375 
TRP CA   C N S 376 
TRP C    C N N 377 
TRP O    O N N 378 
TRP CB   C N N 379 
TRP CG   C Y N 380 
TRP CD1  C Y N 381 
TRP CD2  C Y N 382 
TRP NE1  N Y N 383 
TRP CE2  C Y N 384 
TRP CE3  C Y N 385 
TRP CZ2  C Y N 386 
TRP CZ3  C Y N 387 
TRP CH2  C Y N 388 
TRP OXT  O N N 389 
TRP H    H N N 390 
TRP H2   H N N 391 
TRP HA   H N N 392 
TRP HB2  H N N 393 
TRP HB3  H N N 394 
TRP HD1  H N N 395 
TRP HE1  H N N 396 
TRP HE3  H N N 397 
TRP HZ2  H N N 398 
TRP HZ3  H N N 399 
TRP HH2  H N N 400 
TRP HXT  H N N 401 
TYR N    N N N 402 
TYR CA   C N S 403 
TYR C    C N N 404 
TYR O    O N N 405 
TYR CB   C N N 406 
TYR CG   C Y N 407 
TYR CD1  C Y N 408 
TYR CD2  C Y N 409 
TYR CE1  C Y N 410 
TYR CE2  C Y N 411 
TYR CZ   C Y N 412 
TYR OH   O N N 413 
TYR OXT  O N N 414 
TYR H    H N N 415 
TYR H2   H N N 416 
TYR HA   H N N 417 
TYR HB2  H N N 418 
TYR HB3  H N N 419 
TYR HD1  H N N 420 
TYR HD2  H N N 421 
TYR HE1  H N N 422 
TYR HE2  H N N 423 
TYR HH   H N N 424 
TYR HXT  H N N 425 
VAL N    N N N 426 
VAL CA   C N S 427 
VAL C    C N N 428 
VAL O    O N N 429 
VAL CB   C N N 430 
VAL CG1  C N N 431 
VAL CG2  C N N 432 
VAL OXT  O N N 433 
VAL H    H N N 434 
VAL H2   H N N 435 
VAL HA   H N N 436 
VAL HB   H N N 437 
VAL HG11 H N N 438 
VAL HG12 H N N 439 
VAL HG13 H N N 440 
VAL HG21 H N N 441 
VAL HG22 H N N 442 
VAL HG23 H N N 443 
VAL HXT  H N N 444 
# 
loop_
_chem_comp_bond.comp_id 
_chem_comp_bond.atom_id_1 
_chem_comp_bond.atom_id_2 
_chem_comp_bond.value_order 
_chem_comp_bond.pdbx_aromatic_flag 
_chem_comp_bond.pdbx_stereo_config 
_chem_comp_bond.pdbx_ordinal 
ALA N   CA   sing N N 1   
ALA N   H    sing N N 2   
ALA N   H2   sing N N 3   
ALA CA  C    sing N N 4   
ALA CA  CB   sing N N 5   
ALA CA  HA   sing N N 6   
ALA C   O    doub N N 7   
ALA C   OXT  sing N N 8   
ALA CB  HB1  sing N N 9   
ALA CB  HB2  sing N N 10  
ALA CB  HB3  sing N N 11  
ALA OXT HXT  sing N N 12  
ARG N   CA   sing N N 13  
ARG N   H    sing N N 14  
ARG N   H2   sing N N 15  
ARG CA  C    sing N N 16  
ARG CA  CB   sing N N 17  
ARG CA  HA   sing N N 18  
ARG C   O    doub N N 19  
ARG C   OXT  sing N N 20  
ARG CB  CG   sing N N 21  
ARG CB  HB2  sing N N 22  
ARG CB  HB3  sing N N 23  
ARG CG  CD   sing N N 24  
ARG CG  HG2  sing N N 25  
ARG CG  HG3  sing N N 26  
ARG CD  NE   sing N N 27  
ARG CD  HD2  sing N N 28  
ARG CD  HD3  sing N N 29  
ARG NE  CZ   sing N N 30  
ARG NE  HE   sing N N 31  
ARG CZ  NH1  sing N N 32  
ARG CZ  NH2  doub N N 33  
ARG NH1 HH11 sing N N 34  
ARG NH1 HH12 sing N N 35  
ARG NH2 HH21 sing N N 36  
ARG NH2 HH22 sing N N 37  
ARG OXT HXT  sing N N 38  
ASN N   CA   sing N N 39  
ASN N   H    sing N N 40  
ASN N   H2   sing N N 41  
ASN CA  C    sing N N 42  
ASN CA  CB   sing N N 43  
ASN CA  HA   sing N N 44  
ASN C   O    doub N N 45  
ASN C   OXT  sing N N 46  
ASN CB  CG   sing N N 47  
ASN CB  HB2  sing N N 48  
ASN CB  HB3  sing N N 49  
ASN CG  OD1  doub N N 50  
ASN CG  ND2  sing N N 51  
ASN ND2 HD21 sing N N 52  
ASN ND2 HD22 sing N N 53  
ASN OXT HXT  sing N N 54  
ASP N   CA   sing N N 55  
ASP N   H    sing N N 56  
ASP N   H2   sing N N 57  
ASP CA  C    sing N N 58  
ASP CA  CB   sing N N 59  
ASP CA  HA   sing N N 60  
ASP C   O    doub N N 61  
ASP C   OXT  sing N N 62  
ASP CB  CG   sing N N 63  
ASP CB  HB2  sing N N 64  
ASP CB  HB3  sing N N 65  
ASP CG  OD1  doub N N 66  
ASP CG  OD2  sing N N 67  
ASP OD2 HD2  sing N N 68  
ASP OXT HXT  sing N N 69  
CYS N   CA   sing N N 70  
CYS N   H    sing N N 71  
CYS N   H2   sing N N 72  
CYS CA  C    sing N N 73  
CYS CA  CB   sing N N 74  
CYS CA  HA   sing N N 75  
CYS C   O    doub N N 76  
CYS C   OXT  sing N N 77  
CYS CB  SG   sing N N 78  
CYS CB  HB2  sing N N 79  
CYS CB  HB3  sing N N 80  
CYS SG  HG   sing N N 81  
CYS OXT HXT  sing N N 82  
GLN N   CA   sing N N 83  
GLN N   H    sing N N 84  
GLN N   H2   sing N N 85  
GLN CA  C    sing N N 86  
GLN CA  CB   sing N N 87  
GLN CA  HA   sing N N 88  
GLN C   O    doub N N 89  
GLN C   OXT  sing N N 90  
GLN CB  CG   sing N N 91  
GLN CB  HB2  sing N N 92  
GLN CB  HB3  sing N N 93  
GLN CG  CD   sing N N 94  
GLN CG  HG2  sing N N 95  
GLN CG  HG3  sing N N 96  
GLN CD  OE1  doub N N 97  
GLN CD  NE2  sing N N 98  
GLN NE2 HE21 sing N N 99  
GLN NE2 HE22 sing N N 100 
GLN OXT HXT  sing N N 101 
GLU N   CA   sing N N 102 
GLU N   H    sing N N 103 
GLU N   H2   sing N N 104 
GLU CA  C    sing N N 105 
GLU CA  CB   sing N N 106 
GLU CA  HA   sing N N 107 
GLU C   O    doub N N 108 
GLU C   OXT  sing N N 109 
GLU CB  CG   sing N N 110 
GLU CB  HB2  sing N N 111 
GLU CB  HB3  sing N N 112 
GLU CG  CD   sing N N 113 
GLU CG  HG2  sing N N 114 
GLU CG  HG3  sing N N 115 
GLU CD  OE1  doub N N 116 
GLU CD  OE2  sing N N 117 
GLU OE2 HE2  sing N N 118 
GLU OXT HXT  sing N N 119 
GLY N   CA   sing N N 120 
GLY N   H    sing N N 121 
GLY N   H2   sing N N 122 
GLY CA  C    sing N N 123 
GLY CA  HA2  sing N N 124 
GLY CA  HA3  sing N N 125 
GLY C   O    doub N N 126 
GLY C   OXT  sing N N 127 
GLY OXT HXT  sing N N 128 
HIS N   CA   sing N N 129 
HIS N   H    sing N N 130 
HIS N   H2   sing N N 131 
HIS CA  C    sing N N 132 
HIS CA  CB   sing N N 133 
HIS CA  HA   sing N N 134 
HIS C   O    doub N N 135 
HIS C   OXT  sing N N 136 
HIS CB  CG   sing N N 137 
HIS CB  HB2  sing N N 138 
HIS CB  HB3  sing N N 139 
HIS CG  ND1  sing Y N 140 
HIS CG  CD2  doub Y N 141 
HIS ND1 CE1  doub Y N 142 
HIS ND1 HD1  sing N N 143 
HIS CD2 NE2  sing Y N 144 
HIS CD2 HD2  sing N N 145 
HIS CE1 NE2  sing Y N 146 
HIS CE1 HE1  sing N N 147 
HIS NE2 HE2  sing N N 148 
HIS OXT HXT  sing N N 149 
HOH O   H1   sing N N 150 
HOH O   H2   sing N N 151 
ILE N   CA   sing N N 152 
ILE N   H    sing N N 153 
ILE N   H2   sing N N 154 
ILE CA  C    sing N N 155 
ILE CA  CB   sing N N 156 
ILE CA  HA   sing N N 157 
ILE C   O    doub N N 158 
ILE C   OXT  sing N N 159 
ILE CB  CG1  sing N N 160 
ILE CB  CG2  sing N N 161 
ILE CB  HB   sing N N 162 
ILE CG1 CD1  sing N N 163 
ILE CG1 HG12 sing N N 164 
ILE CG1 HG13 sing N N 165 
ILE CG2 HG21 sing N N 166 
ILE CG2 HG22 sing N N 167 
ILE CG2 HG23 sing N N 168 
ILE CD1 HD11 sing N N 169 
ILE CD1 HD12 sing N N 170 
ILE CD1 HD13 sing N N 171 
ILE OXT HXT  sing N N 172 
LEU N   CA   sing N N 173 
LEU N   H    sing N N 174 
LEU N   H2   sing N N 175 
LEU CA  C    sing N N 176 
LEU CA  CB   sing N N 177 
LEU CA  HA   sing N N 178 
LEU C   O    doub N N 179 
LEU C   OXT  sing N N 180 
LEU CB  CG   sing N N 181 
LEU CB  HB2  sing N N 182 
LEU CB  HB3  sing N N 183 
LEU CG  CD1  sing N N 184 
LEU CG  CD2  sing N N 185 
LEU CG  HG   sing N N 186 
LEU CD1 HD11 sing N N 187 
LEU CD1 HD12 sing N N 188 
LEU CD1 HD13 sing N N 189 
LEU CD2 HD21 sing N N 190 
LEU CD2 HD22 sing N N 191 
LEU CD2 HD23 sing N N 192 
LEU OXT HXT  sing N N 193 
LYS N   CA   sing N N 194 
LYS N   H    sing N N 195 
LYS N   H2   sing N N 196 
LYS CA  C    sing N N 197 
LYS CA  CB   sing N N 198 
LYS CA  HA   sing N N 199 
LYS C   O    doub N N 200 
LYS C   OXT  sing N N 201 
LYS CB  CG   sing N N 202 
LYS CB  HB2  sing N N 203 
LYS CB  HB3  sing N N 204 
LYS CG  CD   sing N N 205 
LYS CG  HG2  sing N N 206 
LYS CG  HG3  sing N N 207 
LYS CD  CE   sing N N 208 
LYS CD  HD2  sing N N 209 
LYS CD  HD3  sing N N 210 
LYS CE  NZ   sing N N 211 
LYS CE  HE2  sing N N 212 
LYS CE  HE3  sing N N 213 
LYS NZ  HZ1  sing N N 214 
LYS NZ  HZ2  sing N N 215 
LYS NZ  HZ3  sing N N 216 
LYS OXT HXT  sing N N 217 
MET N   CA   sing N N 218 
MET N   H    sing N N 219 
MET N   H2   sing N N 220 
MET CA  C    sing N N 221 
MET CA  CB   sing N N 222 
MET CA  HA   sing N N 223 
MET C   O    doub N N 224 
MET C   OXT  sing N N 225 
MET CB  CG   sing N N 226 
MET CB  HB2  sing N N 227 
MET CB  HB3  sing N N 228 
MET CG  SD   sing N N 229 
MET CG  HG2  sing N N 230 
MET CG  HG3  sing N N 231 
MET SD  CE   sing N N 232 
MET CE  HE1  sing N N 233 
MET CE  HE2  sing N N 234 
MET CE  HE3  sing N N 235 
MET OXT HXT  sing N N 236 
PHE N   CA   sing N N 237 
PHE N   H    sing N N 238 
PHE N   H2   sing N N 239 
PHE CA  C    sing N N 240 
PHE CA  CB   sing N N 241 
PHE CA  HA   sing N N 242 
PHE C   O    doub N N 243 
PHE C   OXT  sing N N 244 
PHE CB  CG   sing N N 245 
PHE CB  HB2  sing N N 246 
PHE CB  HB3  sing N N 247 
PHE CG  CD1  doub Y N 248 
PHE CG  CD2  sing Y N 249 
PHE CD1 CE1  sing Y N 250 
PHE CD1 HD1  sing N N 251 
PHE CD2 CE2  doub Y N 252 
PHE CD2 HD2  sing N N 253 
PHE CE1 CZ   doub Y N 254 
PHE CE1 HE1  sing N N 255 
PHE CE2 CZ   sing Y N 256 
PHE CE2 HE2  sing N N 257 
PHE CZ  HZ   sing N N 258 
PHE OXT HXT  sing N N 259 
PRO N   CA   sing N N 260 
PRO N   CD   sing N N 261 
PRO N   H    sing N N 262 
PRO CA  C    sing N N 263 
PRO CA  CB   sing N N 264 
PRO CA  HA   sing N N 265 
PRO C   O    doub N N 266 
PRO C   OXT  sing N N 267 
PRO CB  CG   sing N N 268 
PRO CB  HB2  sing N N 269 
PRO CB  HB3  sing N N 270 
PRO CG  CD   sing N N 271 
PRO CG  HG2  sing N N 272 
PRO CG  HG3  sing N N 273 
PRO CD  HD2  sing N N 274 
PRO CD  HD3  sing N N 275 
PRO OXT HXT  sing N N 276 
RL2 C1  O7   doub N N 277 
RL2 C1  O6   sing N N 278 
RL2 C1  C2   sing N N 279 
RL2 O6  HO6  sing N N 280 
RL2 C2  C3   sing N N 281 
RL2 C2  H21  sing N N 282 
RL2 C2  H22  sing N N 283 
RL2 C3  O8   sing N N 284 
RL2 C3  C4   sing N N 285 
RL2 C3  H31  sing N N 286 
RL2 O8  HO8  sing N N 287 
RL2 C4  O9   doub N N 288 
RL2 C4  N5   sing N N 289 
RL2 N5  C10  sing N N 290 
RL2 N5  HN5  sing N N 291 
RL2 C10 C12  sing N N 292 
RL2 C10 C11  sing N N 293 
RL2 C10 H101 sing N N 294 
RL2 C12 C13  sing N N 295 
RL2 C12 H121 sing N N 296 
RL2 C12 H122 sing N N 297 
RL2 C13 C14  sing N N 298 
RL2 C13 H131 sing N N 299 
RL2 C13 H132 sing N N 300 
RL2 C14 C15  doub Y N 301 
RL2 C14 C19  sing Y N 302 
RL2 C15 C16  sing Y N 303 
RL2 C15 H151 sing N N 304 
RL2 C16 C17  doub Y N 305 
RL2 C16 H161 sing N N 306 
RL2 C17 C18  sing Y N 307 
RL2 C17 H171 sing N N 308 
RL2 C18 C19  doub Y N 309 
RL2 C18 H181 sing N N 310 
RL2 C19 H191 sing N N 311 
RL2 C11 N20  sing N N 312 
RL2 C11 O26  doub N N 313 
RL2 N20 C21  sing N N 314 
RL2 N20 H20  sing N N 315 
RL2 C21 C22  sing N N 316 
RL2 C21 H211 sing N N 317 
RL2 C21 H212 sing N N 318 
RL2 C22 C23  sing N N 319 
RL2 C22 H221 sing N N 320 
RL2 C22 H222 sing N N 321 
RL2 C23 C25  sing N N 322 
RL2 C23 C24  sing N N 323 
RL2 C23 H231 sing N N 324 
RL2 C25 H251 sing N N 325 
RL2 C25 H252 sing N N 326 
RL2 C25 H253 sing N N 327 
RL2 C24 H241 sing N N 328 
RL2 C24 H242 sing N N 329 
RL2 C24 H243 sing N N 330 
SER N   CA   sing N N 331 
SER N   H    sing N N 332 
SER N   H2   sing N N 333 
SER CA  C    sing N N 334 
SER CA  CB   sing N N 335 
SER CA  HA   sing N N 336 
SER C   O    doub N N 337 
SER C   OXT  sing N N 338 
SER CB  OG   sing N N 339 
SER CB  HB2  sing N N 340 
SER CB  HB3  sing N N 341 
SER OG  HG   sing N N 342 
SER OXT HXT  sing N N 343 
THR N   CA   sing N N 344 
THR N   H    sing N N 345 
THR N   H2   sing N N 346 
THR CA  C    sing N N 347 
THR CA  CB   sing N N 348 
THR CA  HA   sing N N 349 
THR C   O    doub N N 350 
THR C   OXT  sing N N 351 
THR CB  OG1  sing N N 352 
THR CB  CG2  sing N N 353 
THR CB  HB   sing N N 354 
THR OG1 HG1  sing N N 355 
THR CG2 HG21 sing N N 356 
THR CG2 HG22 sing N N 357 
THR CG2 HG23 sing N N 358 
THR OXT HXT  sing N N 359 
TRP N   CA   sing N N 360 
TRP N   H    sing N N 361 
TRP N   H2   sing N N 362 
TRP CA  C    sing N N 363 
TRP CA  CB   sing N N 364 
TRP CA  HA   sing N N 365 
TRP C   O    doub N N 366 
TRP C   OXT  sing N N 367 
TRP CB  CG   sing N N 368 
TRP CB  HB2  sing N N 369 
TRP CB  HB3  sing N N 370 
TRP CG  CD1  doub Y N 371 
TRP CG  CD2  sing Y N 372 
TRP CD1 NE1  sing Y N 373 
TRP CD1 HD1  sing N N 374 
TRP CD2 CE2  doub Y N 375 
TRP CD2 CE3  sing Y N 376 
TRP NE1 CE2  sing Y N 377 
TRP NE1 HE1  sing N N 378 
TRP CE2 CZ2  sing Y N 379 
TRP CE3 CZ3  doub Y N 380 
TRP CE3 HE3  sing N N 381 
TRP CZ2 CH2  doub Y N 382 
TRP CZ2 HZ2  sing N N 383 
TRP CZ3 CH2  sing Y N 384 
TRP CZ3 HZ3  sing N N 385 
TRP CH2 HH2  sing N N 386 
TRP OXT HXT  sing N N 387 
TYR N   CA   sing N N 388 
TYR N   H    sing N N 389 
TYR N   H2   sing N N 390 
TYR CA  C    sing N N 391 
TYR CA  CB   sing N N 392 
TYR CA  HA   sing N N 393 
TYR C   O    doub N N 394 
TYR C   OXT  sing N N 395 
TYR CB  CG   sing N N 396 
TYR CB  HB2  sing N N 397 
TYR CB  HB3  sing N N 398 
TYR CG  CD1  doub Y N 399 
TYR CG  CD2  sing Y N 400 
TYR CD1 CE1  sing Y N 401 
TYR CD1 HD1  sing N N 402 
TYR CD2 CE2  doub Y N 403 
TYR CD2 HD2  sing N N 404 
TYR CE1 CZ   doub Y N 405 
TYR CE1 HE1  sing N N 406 
TYR CE2 CZ   sing Y N 407 
TYR CE2 HE2  sing N N 408 
TYR CZ  OH   sing N N 409 
TYR OH  HH   sing N N 410 
TYR OXT HXT  sing N N 411 
VAL N   CA   sing N N 412 
VAL N   H    sing N N 413 
VAL N   H2   sing N N 414 
VAL CA  C    sing N N 415 
VAL CA  CB   sing N N 416 
VAL CA  HA   sing N N 417 
VAL C   O    doub N N 418 
VAL C   OXT  sing N N 419 
VAL CB  CG1  sing N N 420 
VAL CB  CG2  sing N N 421 
VAL CB  HB   sing N N 422 
VAL CG1 HG11 sing N N 423 
VAL CG1 HG12 sing N N 424 
VAL CG1 HG13 sing N N 425 
VAL CG2 HG21 sing N N 426 
VAL CG2 HG22 sing N N 427 
VAL CG2 HG23 sing N N 428 
VAL OXT HXT  sing N N 429 
# 
_atom_sites.entry_id                    1EWM 
_atom_sites.fract_transf_matrix[1][1]   0.00851560 
_atom_sites.fract_transf_matrix[1][2]   -0.01840895 
_atom_sites.fract_transf_matrix[1][3]   0.01553383 
_atom_sites.fract_transf_matrix[2][1]   -0.00269633 
_atom_sites.fract_transf_matrix[2][2]   -0.01306512 
_atom_sites.fract_transf_matrix[2][3]   -0.01400519 
_atom_sites.fract_transf_matrix[3][1]   0.02406121 
_atom_sites.fract_transf_matrix[3][2]   -0.00403014 
_atom_sites.fract_transf_matrix[3][3]   -0.00087273 
_atom_sites.fract_transf_vector[1]      0.258201 
_atom_sites.fract_transf_vector[2]      0.000098 
_atom_sites.fract_transf_vector[3]      0.208264 
# 
loop_
_atom_type.symbol 
C 
N 
O 
S 
# 
loop_
_atom_site.group_PDB 
_atom_site.id 
_atom_site.type_symbol 
_atom_site.label_atom_id 
_atom_site.label_alt_id 
_atom_site.label_comp_id 
_atom_site.label_asym_id 
_atom_site.label_entity_id 
_atom_site.label_seq_id 
_atom_site.pdbx_PDB_ins_code 
_atom_site.Cartn_x 
_atom_site.Cartn_y 
_atom_site.Cartn_z 
_atom_site.occupancy 
_atom_site.B_iso_or_equiv 
_atom_site.pdbx_formal_charge 
_atom_site.auth_seq_id 
_atom_site.auth_comp_id 
_atom_site.auth_asym_id 
_atom_site.auth_atom_id 
_atom_site.pdbx_PDB_model_num 
ATOM   1    N N   . ALA A 1 1   ? 8.793   15.369  8.398   1.00 33.04 ? 1   ALA A N   1 
ATOM   2    C CA  . ALA A 1 1   ? 9.627   16.542  8.545   1.00 30.85 ? 1   ALA A CA  1 
ATOM   3    C C   . ALA A 1 1   ? 10.963  16.485  7.818   1.00 29.59 ? 1   ALA A C   1 
ATOM   4    O O   . ALA A 1 1   ? 11.851  15.685  8.162   1.00 29.61 ? 1   ALA A O   1 
ATOM   5    C CB  . ALA A 1 1   ? 9.865   16.790  10.033  1.00 32.06 ? 1   ALA A CB  1 
ATOM   6    N N   . PRO A 1 2   ? 11.130  17.363  6.813   1.00 27.49 ? 2   PRO A N   1 
ATOM   7    C CA  . PRO A 1 2   ? 12.116  17.309  5.759   1.00 26.57 ? 2   PRO A CA  1 
ATOM   8    C C   . PRO A 1 2   ? 13.255  16.324  5.623   1.00 23.84 ? 2   PRO A C   1 
ATOM   9    O O   . PRO A 1 2   ? 13.122  15.537  4.703   1.00 25.43 ? 2   PRO A O   1 
ATOM   10   C CB  . PRO A 1 2   ? 12.574  18.748  5.696   1.00 25.40 ? 2   PRO A CB  1 
ATOM   11   C CG  . PRO A 1 2   ? 11.219  19.385  5.585   1.00 26.72 ? 2   PRO A CG  1 
ATOM   12   C CD  . PRO A 1 2   ? 10.432  18.639  6.664   1.00 27.97 ? 2   PRO A CD  1 
ATOM   13   N N   . ALA A 1 3   ? 14.325  16.236  6.435   1.00 21.75 ? 3   ALA A N   1 
ATOM   14   C CA  . ALA A 1 3   ? 15.466  15.380  6.081   1.00 19.36 ? 3   ALA A CA  1 
ATOM   15   C C   . ALA A 1 3   ? 15.205  13.895  5.842   1.00 16.87 ? 3   ALA A C   1 
ATOM   16   O O   . ALA A 1 3   ? 15.474  13.382  4.760   1.00 15.64 ? 3   ALA A O   1 
ATOM   17   C CB  . ALA A 1 3   ? 16.547  15.476  7.153   1.00 19.79 ? 3   ALA A CB  1 
ATOM   18   N N   . ALA A 1 4   ? 14.628  13.205  6.819   1.00 15.62 ? 4   ALA A N   1 
ATOM   19   C CA  . ALA A 1 4   ? 14.331  11.793  6.697   1.00 14.17 ? 4   ALA A CA  1 
ATOM   20   C C   . ALA A 1 4   ? 13.110  11.504  7.543   1.00 14.46 ? 4   ALA A C   1 
ATOM   21   O O   . ALA A 1 4   ? 12.972  12.020  8.654   1.00 14.85 ? 4   ALA A O   1 
ATOM   22   C CB  . ALA A 1 4   ? 15.485  10.951  7.220   1.00 12.88 ? 4   ALA A CB  1 
ATOM   23   N N   . VAL A 1 5   ? 12.189  10.708  6.983   1.00 13.99 ? 5   VAL A N   1 
ATOM   24   C CA  . VAL A 1 5   ? 10.992  10.275  7.688   1.00 12.01 ? 5   VAL A CA  1 
ATOM   25   C C   . VAL A 1 5   ? 10.893  8.762   7.477   1.00 11.76 ? 5   VAL A C   1 
ATOM   26   O O   . VAL A 1 5   ? 10.987  8.274   6.350   1.00 9.30  ? 5   VAL A O   1 
ATOM   27   C CB  . VAL A 1 5   ? 9.718   10.982  7.116   1.00 12.60 ? 5   VAL A CB  1 
ATOM   28   C CG1 . VAL A 1 5   ? 8.475   10.501  7.854   1.00 11.58 ? 5   VAL A CG1 1 
ATOM   29   C CG2 . VAL A 1 5   ? 9.842   12.494  7.280   1.00 12.26 ? 5   VAL A CG2 1 
ATOM   30   N N   . ASP A 1 6   ? 10.748  8.001   8.559   1.00 9.96  ? 6   ASP A N   1 
ATOM   31   C CA  . ASP A 1 6   ? 10.506  6.581   8.424   1.00 10.30 ? 6   ASP A CA  1 
ATOM   32   C C   . ASP A 1 6   ? 9.380   6.216   9.385   1.00 9.01  ? 6   ASP A C   1 
ATOM   33   O O   . ASP A 1 6   ? 9.564   6.080   10.601  1.00 8.04  ? 6   ASP A O   1 
ATOM   34   C CB  . ASP A 1 6   ? 11.780  5.770   8.749   1.00 9.06  ? 6   ASP A CB  1 
ATOM   35   C CG  . ASP A 1 6   ? 11.661  4.265   8.472   1.00 11.48 ? 6   ASP A CG  1 
ATOM   36   O OD1 . ASP A 1 6   ? 10.593  3.777   8.103   1.00 9.61  ? 6   ASP A OD1 1 
ATOM   37   O OD2 . ASP A 1 6   ? 12.655  3.563   8.623   1.00 9.97  ? 6   ASP A OD2 1 
ATOM   38   N N   . TRP A 1 7   ? 8.192   6.013   8.798   1.00 7.50  ? 7   TRP A N   1 
ATOM   39   C CA  . TRP A 1 7   ? 7.024   5.677   9.593   1.00 6.94  ? 7   TRP A CA  1 
ATOM   40   C C   . TRP A 1 7   ? 7.085   4.297   10.231  1.00 6.50  ? 7   TRP A C   1 
ATOM   41   O O   . TRP A 1 7   ? 6.354   4.045   11.184  1.00 8.09  ? 7   TRP A O   1 
ATOM   42   C CB  . TRP A 1 7   ? 5.779   5.820   8.722   1.00 5.96  ? 7   TRP A CB  1 
ATOM   43   C CG  . TRP A 1 7   ? 5.405   7.283   8.483   1.00 5.02  ? 7   TRP A CG  1 
ATOM   44   C CD1 . TRP A 1 7   ? 5.539   7.842   7.243   1.00 4.54  ? 7   TRP A CD1 1 
ATOM   45   C CD2 . TRP A 1 7   ? 4.916   8.167   9.427   1.00 6.67  ? 7   TRP A CD2 1 
ATOM   46   N NE1 . TRP A 1 7   ? 5.146   9.084   7.384   1.00 6.09  ? 7   TRP A NE1 1 
ATOM   47   C CE2 . TRP A 1 7   ? 4.763   9.332   8.658   1.00 7.16  ? 7   TRP A CE2 1 
ATOM   48   C CE3 . TRP A 1 7   ? 4.580   8.180   10.788  1.00 6.75  ? 7   TRP A CE3 1 
ATOM   49   C CZ2 . TRP A 1 7   ? 4.274   10.510  9.249   1.00 6.73  ? 7   TRP A CZ2 1 
ATOM   50   C CZ3 . TRP A 1 7   ? 4.093   9.360   11.372  1.00 6.33  ? 7   TRP A CZ3 1 
ATOM   51   C CH2 . TRP A 1 7   ? 3.942   10.515  10.604  1.00 5.56  ? 7   TRP A CH2 1 
ATOM   52   N N   . ARG A 1 8   ? 7.951   3.382   9.777   1.00 5.69  ? 8   ARG A N   1 
ATOM   53   C CA  . ARG A 1 8   ? 8.113   2.091   10.448  1.00 7.88  ? 8   ARG A CA  1 
ATOM   54   C C   . ARG A 1 8   ? 8.722   2.252   11.833  1.00 9.12  ? 8   ARG A C   1 
ATOM   55   O O   . ARG A 1 8   ? 8.525   1.394   12.688  1.00 9.81  ? 8   ARG A O   1 
ATOM   56   C CB  . ARG A 1 8   ? 9.036   1.150   9.708   1.00 7.60  ? 8   ARG A CB  1 
ATOM   57   C CG  . ARG A 1 8   ? 8.613   0.730   8.316   1.00 7.88  ? 8   ARG A CG  1 
ATOM   58   C CD  . ARG A 1 8   ? 9.785   0.019   7.675   1.00 9.21  ? 8   ARG A CD  1 
ATOM   59   N NE  . ARG A 1 8   ? 10.901  0.910   7.418   1.00 10.17 ? 8   ARG A NE  1 
ATOM   60   C CZ  . ARG A 1 8   ? 11.999  0.518   6.771   1.00 14.09 ? 8   ARG A CZ  1 
ATOM   61   N NH1 . ARG A 1 8   ? 12.120  -0.689  6.220   1.00 16.76 ? 8   ARG A NH1 1 
ATOM   62   N NH2 . ARG A 1 8   ? 12.969  1.398   6.585   1.00 15.30 ? 8   ARG A NH2 1 
ATOM   63   N N   . ALA A 1 9   ? 9.517   3.327   11.989  1.00 10.07 ? 9   ALA A N   1 
ATOM   64   C CA  . ALA A 1 9   ? 10.184  3.682   13.234  1.00 11.79 ? 9   ALA A CA  1 
ATOM   65   C C   . ALA A 1 9   ? 9.307   4.494   14.200  1.00 12.79 ? 9   ALA A C   1 
ATOM   66   O O   . ALA A 1 9   ? 9.750   4.940   15.260  1.00 13.48 ? 9   ALA A O   1 
ATOM   67   C CB  . ALA A 1 9   ? 11.431  4.495   12.905  1.00 11.77 ? 9   ALA A CB  1 
ATOM   68   N N   . ARG A 1 10  ? 8.053   4.724   13.803  1.00 11.28 ? 10  ARG A N   1 
ATOM   69   C CA  . ARG A 1 10  ? 7.103   5.498   14.563  1.00 11.62 ? 10  ARG A CA  1 
ATOM   70   C C   . ARG A 1 10  ? 5.842   4.684   14.860  1.00 10.83 ? 10  ARG A C   1 
ATOM   71   O O   . ARG A 1 10  ? 4.758   5.247   15.054  1.00 10.42 ? 10  ARG A O   1 
ATOM   72   C CB  . ARG A 1 10  ? 6.783   6.753   13.761  1.00 14.72 ? 10  ARG A CB  1 
ATOM   73   C CG  . ARG A 1 10  ? 7.933   7.762   13.700  1.00 18.16 ? 10  ARG A CG  1 
ATOM   74   C CD  . ARG A 1 10  ? 7.560   8.791   12.673  1.00 23.36 ? 10  ARG A CD  1 
ATOM   75   N NE  . ARG A 1 10  ? 7.829   10.141  13.115  1.00 27.86 ? 10  ARG A NE  1 
ATOM   76   C CZ  . ARG A 1 10  ? 8.334   11.060  12.287  1.00 30.59 ? 10  ARG A CZ  1 
ATOM   77   N NH1 . ARG A 1 10  ? 8.680   10.795  11.024  1.00 32.94 ? 10  ARG A NH1 1 
ATOM   78   N NH2 . ARG A 1 10  ? 8.555   12.280  12.748  1.00 33.90 ? 10  ARG A NH2 1 
ATOM   79   N N   . GLY A 1 11  ? 6.000   3.350   14.888  1.00 8.42  ? 11  GLY A N   1 
ATOM   80   C CA  . GLY A 1 11  ? 4.944   2.385   15.164  1.00 8.59  ? 11  GLY A CA  1 
ATOM   81   C C   . GLY A 1 11  ? 3.727   2.439   14.239  1.00 7.18  ? 11  GLY A C   1 
ATOM   82   O O   . GLY A 1 11  ? 2.658   1.946   14.591  1.00 8.12  ? 11  GLY A O   1 
ATOM   83   N N   . ALA A 1 12  ? 3.857   3.006   13.039  1.00 7.07  ? 12  ALA A N   1 
ATOM   84   C CA  . ALA A 1 12  ? 2.737   3.205   12.138  1.00 6.59  ? 12  ALA A CA  1 
ATOM   85   C C   . ALA A 1 12  ? 2.514   2.164   11.030  1.00 7.18  ? 12  ALA A C   1 
ATOM   86   O O   . ALA A 1 12  ? 1.557   2.285   10.263  1.00 8.37  ? 12  ALA A O   1 
ATOM   87   C CB  . ALA A 1 12  ? 2.909   4.577   11.511  1.00 6.44  ? 12  ALA A CB  1 
ATOM   88   N N   . VAL A 1 13  ? 3.362   1.129   10.924  1.00 6.90  ? 13  VAL A N   1 
ATOM   89   C CA  . VAL A 1 13  ? 3.258   0.152   9.847   1.00 7.03  ? 13  VAL A CA  1 
ATOM   90   C C   . VAL A 1 13  ? 3.198   -1.290  10.378  1.00 6.98  ? 13  VAL A C   1 
ATOM   91   O O   . VAL A 1 13  ? 3.959   -1.699  11.267  1.00 7.63  ? 13  VAL A O   1 
ATOM   92   C CB  . VAL A 1 13  ? 4.481   0.324   8.868   1.00 6.71  ? 13  VAL A CB  1 
ATOM   93   C CG1 . VAL A 1 13  ? 4.210   -0.524  7.612   1.00 6.20  ? 13  VAL A CG1 1 
ATOM   94   C CG2 . VAL A 1 13  ? 4.687   1.778   8.430   1.00 4.90  ? 13  VAL A CG2 1 
ATOM   95   N N   . THR A 1 14  ? 2.264   -2.082  9.826   1.00 7.20  ? 14  THR A N   1 
ATOM   96   C CA  . THR A 1 14  ? 2.144   -3.497  10.191  1.00 6.55  ? 14  THR A CA  1 
ATOM   97   C C   . THR A 1 14  ? 3.230   -4.342  9.508   1.00 7.35  ? 14  THR A C   1 
ATOM   98   O O   . THR A 1 14  ? 3.958   -3.859  8.638   1.00 7.88  ? 14  THR A O   1 
ATOM   99   C CB  . THR A 1 14  ? 0.740   -4.041  9.798   1.00 7.43  ? 14  THR A CB  1 
ATOM   100  O OG1 . THR A 1 14  ? 0.604   -3.901  8.383   1.00 6.60  ? 14  THR A OG1 1 
ATOM   101  C CG2 . THR A 1 14  ? -0.388  -3.294  10.513  1.00 5.88  ? 14  THR A CG2 1 
ATOM   102  N N   . ALA A 1 15  ? 3.351   -5.610  9.915   1.00 5.93  ? 15  ALA A N   1 
ATOM   103  C CA  . ALA A 1 15  ? 4.312   -6.539  9.351   1.00 6.67  ? 15  ALA A CA  1 
ATOM   104  C C   . ALA A 1 15  ? 4.034   -6.816  7.869   1.00 5.87  ? 15  ALA A C   1 
ATOM   105  O O   . ALA A 1 15  ? 2.923   -6.582  7.379   1.00 5.95  ? 15  ALA A O   1 
ATOM   106  C CB  . ALA A 1 15  ? 4.251   -7.855  10.117  1.00 6.97  ? 15  ALA A CB  1 
ATOM   107  N N   . VAL A 1 16  ? 5.073   -7.263  7.153   1.00 5.20  ? 16  VAL A N   1 
ATOM   108  C CA  . VAL A 1 16  ? 4.979   -7.594  5.738   1.00 6.08  ? 16  VAL A CA  1 
ATOM   109  C C   . VAL A 1 16  ? 4.104   -8.832  5.538   1.00 5.62  ? 16  VAL A C   1 
ATOM   110  O O   . VAL A 1 16  ? 4.225   -9.825  6.254   1.00 4.12  ? 16  VAL A O   1 
ATOM   111  C CB  . VAL A 1 16  ? 6.409   -7.825  5.172   1.00 6.88  ? 16  VAL A CB  1 
ATOM   112  C CG1 . VAL A 1 16  ? 6.400   -8.398  3.747   1.00 5.93  ? 16  VAL A CG1 1 
ATOM   113  C CG2 . VAL A 1 16  ? 7.105   -6.473  5.140   1.00 8.71  ? 16  VAL A CG2 1 
ATOM   114  N N   . LYS A 1 17  ? 3.212   -8.740  4.540   1.00 4.89  ? 17  LYS A N   1 
ATOM   115  C CA  . LYS A 1 17  ? 2.285   -9.823  4.245   1.00 6.88  ? 17  LYS A CA  1 
ATOM   116  C C   . LYS A 1 17  ? 2.640   -10.540 2.936   1.00 7.86  ? 17  LYS A C   1 
ATOM   117  O O   . LYS A 1 17  ? 3.657   -10.259 2.288   1.00 6.28  ? 17  LYS A O   1 
ATOM   118  C CB  . LYS A 1 17  ? 0.871   -9.235  4.172   1.00 7.67  ? 17  LYS A CB  1 
ATOM   119  C CG  . LYS A 1 17  ? 0.450   -8.414  5.389   1.00 7.86  ? 17  LYS A CG  1 
ATOM   120  C CD  . LYS A 1 17  ? -0.990  -7.950  5.269   1.00 6.82  ? 17  LYS A CD  1 
ATOM   121  C CE  . LYS A 1 17  ? -1.351  -7.095  6.473   1.00 6.53  ? 17  LYS A CE  1 
ATOM   122  N NZ  . LYS A 1 17  ? -2.777  -6.787  6.485   1.00 4.11  ? 17  LYS A NZ  1 
ATOM   123  N N   . ASP A 1 18  ? 1.786   -11.485 2.538   1.00 9.15  ? 18  ASP A N   1 
ATOM   124  C CA  . ASP A 1 18  ? 1.993   -12.235 1.314   1.00 9.21  ? 18  ASP A CA  1 
ATOM   125  C C   . ASP A 1 18  ? 0.746   -12.326 0.446   1.00 8.57  ? 18  ASP A C   1 
ATOM   126  O O   . ASP A 1 18  ? -0.259  -12.918 0.843   1.00 9.24  ? 18  ASP A O   1 
ATOM   127  C CB  . ASP A 1 18  ? 2.476   -13.631 1.684   1.00 10.91 ? 18  ASP A CB  1 
ATOM   128  C CG  . ASP A 1 18  ? 2.841   -14.543 0.517   1.00 12.67 ? 18  ASP A CG  1 
ATOM   129  O OD1 . ASP A 1 18  ? 3.135   -14.073 -0.584  1.00 14.89 ? 18  ASP A OD1 1 
ATOM   130  O OD2 . ASP A 1 18  ? 2.851   -15.749 0.738   1.00 14.65 ? 18  ASP A OD2 1 
ATOM   131  N N   . GLN A 1 19  ? 0.804   -11.765 -0.768  1.00 7.81  ? 19  GLN A N   1 
ATOM   132  C CA  . GLN A 1 19  ? -0.339  -11.869 -1.663  1.00 8.64  ? 19  GLN A CA  1 
ATOM   133  C C   . GLN A 1 19  ? -0.483  -13.238 -2.332  1.00 8.88  ? 19  GLN A C   1 
ATOM   134  O O   . GLN A 1 19  ? -1.557  -13.557 -2.850  1.00 9.26  ? 19  GLN A O   1 
ATOM   135  C CB  . GLN A 1 19  ? -0.268  -10.794 -2.740  1.00 7.54  ? 19  GLN A CB  1 
ATOM   136  C CG  . GLN A 1 19  ? 0.933   -10.849 -3.660  1.00 6.85  ? 19  GLN A CG  1 
ATOM   137  C CD  . GLN A 1 19  ? 0.804   -9.815  -4.758  1.00 9.31  ? 19  GLN A CD  1 
ATOM   138  O OE1 . GLN A 1 19  ? 0.158   -10.045 -5.781  1.00 10.44 ? 19  GLN A OE1 1 
ATOM   139  N NE2 . GLN A 1 19  ? 1.432   -8.657  -4.584  1.00 7.19  ? 19  GLN A NE2 1 
ATOM   140  N N   . GLY A 1 20  ? 0.567   -14.082 -2.307  1.00 9.23  ? 20  GLY A N   1 
ATOM   141  C CA  . GLY A 1 20  ? 0.519   -15.394 -2.938  1.00 9.46  ? 20  GLY A CA  1 
ATOM   142  C C   . GLY A 1 20  ? 0.399   -15.276 -4.454  1.00 10.73 ? 20  GLY A C   1 
ATOM   143  O O   . GLY A 1 20  ? 0.940   -14.353 -5.069  1.00 8.36  ? 20  GLY A O   1 
ATOM   144  N N   . GLN A 1 21  ? -0.365  -16.206 -5.044  1.00 11.10 ? 21  GLN A N   1 
ATOM   145  C CA  . GLN A 1 21  ? -0.584  -16.274 -6.488  1.00 12.34 ? 21  GLN A CA  1 
ATOM   146  C C   . GLN A 1 21  ? -1.677  -15.354 -7.019  1.00 13.04 ? 21  GLN A C   1 
ATOM   147  O O   . GLN A 1 21  ? -1.937  -15.307 -8.226  1.00 15.52 ? 21  GLN A O   1 
ATOM   148  C CB  . GLN A 1 21  ? -0.940  -17.705 -6.900  1.00 14.28 ? 21  GLN A CB  1 
ATOM   149  C CG  . GLN A 1 21  ? 0.096   -18.760 -6.542  1.00 17.17 ? 21  GLN A CG  1 
ATOM   150  C CD  . GLN A 1 21  ? 1.461   -18.482 -7.153  1.00 20.41 ? 21  GLN A CD  1 
ATOM   151  O OE1 . GLN A 1 21  ? 2.477   -18.667 -6.491  1.00 23.37 ? 21  GLN A OE1 1 
ATOM   152  N NE2 . GLN A 1 21  ? 1.571   -18.085 -8.421  1.00 22.84 ? 21  GLN A NE2 1 
ATOM   153  N N   . CYS A 1 22  ? -2.337  -14.608 -6.133  1.00 11.52 ? 22  CYS A N   1 
ATOM   154  C CA  . CYS A 1 22  ? -3.409  -13.729 -6.535  1.00 9.17  ? 22  CYS A CA  1 
ATOM   155  C C   . CYS A 1 22  ? -2.870  -12.380 -7.018  1.00 9.39  ? 22  CYS A C   1 
ATOM   156  O O   . CYS A 1 22  ? -1.899  -11.864 -6.464  1.00 9.16  ? 22  CYS A O   1 
ATOM   157  C CB  . CYS A 1 22  ? -4.329  -13.596 -5.325  1.00 7.89  ? 22  CYS A CB  1 
ATOM   158  S SG  . CYS A 1 22  ? -5.806  -12.619 -5.634  1.00 9.05  ? 22  CYS A SG  1 
ATOM   159  N N   . GLY A 1 23  ? -3.463  -11.805 -8.073  1.00 8.09  ? 23  GLY A N   1 
ATOM   160  C CA  . GLY A 1 23  ? -3.089  -10.482 -8.561  1.00 8.95  ? 23  GLY A CA  1 
ATOM   161  C C   . GLY A 1 23  ? -3.836  -9.403  -7.772  1.00 8.04  ? 23  GLY A C   1 
ATOM   162  O O   . GLY A 1 23  ? -4.508  -8.531  -8.326  1.00 7.17  ? 23  GLY A O   1 
ATOM   163  N N   . SER A 1 24  ? -3.636  -9.464  -6.445  1.00 9.09  ? 24  SER A N   1 
ATOM   164  C CA  . SER A 1 24  ? -4.306  -8.602  -5.491  1.00 8.50  ? 24  SER A CA  1 
ATOM   165  C C   . SER A 1 24  ? -3.442  -7.483  -4.898  1.00 9.30  ? 24  SER A C   1 
ATOM   166  O O   . SER A 1 24  ? -3.751  -6.978  -3.812  1.00 9.80  ? 24  SER A O   1 
ATOM   167  C CB  . SER A 1 24  ? -4.843  -9.473  -4.377  1.00 5.33  ? 24  SER A CB  1 
ATOM   168  O OG  . SER A 1 24  ? -3.797  -10.232 -3.795  1.00 7.22  ? 24  SER A OG  1 
ATOM   169  N N   . CYS A 1 25  ? -2.379  -7.065  -5.612  1.00 8.33  ? 25  CYS A N   1 
ATOM   170  C CA  . CYS A 1 25  ? -1.478  -5.989  -5.175  1.00 8.45  ? 25  CYS A CA  1 
ATOM   171  C C   . CYS A 1 25  ? -2.203  -4.689  -4.830  1.00 6.53  ? 25  CYS A C   1 
ATOM   172  O O   . CYS A 1 25  ? -1.851  -4.010  -3.876  1.00 8.30  ? 25  CYS A O   1 
ATOM   173  C CB  . CYS A 1 25  ? -0.453  -5.668  -6.260  1.00 7.65  ? 25  CYS A CB  1 
ATOM   174  S SG  . CYS A 1 25  ? -1.172  -4.897  -7.745  1.00 7.17  ? 25  CYS A SG  1 
ATOM   175  N N   . TRP A 1 26  ? -3.248  -4.369  -5.603  1.00 6.87  ? 26  TRP A N   1 
ATOM   176  C CA  . TRP A 1 26  ? -4.114  -3.212  -5.428  1.00 6.24  ? 26  TRP A CA  1 
ATOM   177  C C   . TRP A 1 26  ? -4.775  -3.182  -4.042  1.00 5.81  ? 26  TRP A C   1 
ATOM   178  O O   . TRP A 1 26  ? -4.920  -2.120  -3.441  1.00 5.71  ? 26  TRP A O   1 
ATOM   179  C CB  . TRP A 1 26  ? -5.184  -3.239  -6.529  1.00 4.38  ? 26  TRP A CB  1 
ATOM   180  C CG  . TRP A 1 26  ? -6.145  -4.436  -6.500  1.00 4.51  ? 26  TRP A CG  1 
ATOM   181  C CD1 . TRP A 1 26  ? -5.778  -5.645  -7.042  1.00 4.26  ? 26  TRP A CD1 1 
ATOM   182  C CD2 . TRP A 1 26  ? -7.405  -4.475  -5.926  1.00 5.57  ? 26  TRP A CD2 1 
ATOM   183  N NE1 . TRP A 1 26  ? -6.787  -6.451  -6.805  1.00 4.00  ? 26  TRP A NE1 1 
ATOM   184  C CE2 . TRP A 1 26  ? -7.775  -5.812  -6.146  1.00 4.66  ? 26  TRP A CE2 1 
ATOM   185  C CE3 . TRP A 1 26  ? -8.274  -3.611  -5.254  1.00 3.82  ? 26  TRP A CE3 1 
ATOM   186  C CZ2 . TRP A 1 26  ? -9.012  -6.295  -5.696  1.00 4.41  ? 26  TRP A CZ2 1 
ATOM   187  C CZ3 . TRP A 1 26  ? -9.506  -4.094  -4.805  1.00 5.00  ? 26  TRP A CZ3 1 
ATOM   188  C CH2 . TRP A 1 26  ? -9.878  -5.429  -5.022  1.00 2.34  ? 26  TRP A CH2 1 
ATOM   189  N N   . ALA A 1 27  ? -5.199  -4.356  -3.539  1.00 6.26  ? 27  ALA A N   1 
ATOM   190  C CA  . ALA A 1 27  ? -5.851  -4.512  -2.248  1.00 6.09  ? 27  ALA A CA  1 
ATOM   191  C C   . ALA A 1 27  ? -4.838  -4.430  -1.114  1.00 7.45  ? 27  ALA A C   1 
ATOM   192  O O   . ALA A 1 27  ? -5.165  -3.933  -0.039  1.00 6.76  ? 27  ALA A O   1 
ATOM   193  C CB  . ALA A 1 27  ? -6.540  -5.864  -2.153  1.00 5.82  ? 27  ALA A CB  1 
ATOM   194  N N   . PHE A 1 28  ? -3.613  -4.939  -1.307  1.00 7.27  ? 28  PHE A N   1 
ATOM   195  C CA  . PHE A 1 28  ? -2.569  -4.850  -0.297  1.00 8.36  ? 28  PHE A CA  1 
ATOM   196  C C   . PHE A 1 28  ? -2.075  -3.406  -0.139  1.00 8.42  ? 28  PHE A C   1 
ATOM   197  O O   . PHE A 1 28  ? -1.857  -2.919  0.974   1.00 7.98  ? 28  PHE A O   1 
ATOM   198  C CB  . PHE A 1 28  ? -1.418  -5.780  -0.679  1.00 6.57  ? 28  PHE A CB  1 
ATOM   199  C CG  . PHE A 1 28  ? -1.705  -7.215  -0.241  1.00 9.75  ? 28  PHE A CG  1 
ATOM   200  C CD1 . PHE A 1 28  ? -2.550  -8.027  -1.010  1.00 8.30  ? 28  PHE A CD1 1 
ATOM   201  C CD2 . PHE A 1 28  ? -1.157  -7.711  0.951   1.00 7.89  ? 28  PHE A CD2 1 
ATOM   202  C CE1 . PHE A 1 28  ? -2.852  -9.314  -0.575  1.00 5.98  ? 28  PHE A CE1 1 
ATOM   203  C CE2 . PHE A 1 28  ? -1.464  -9.003  1.378   1.00 7.65  ? 28  PHE A CE2 1 
ATOM   204  C CZ  . PHE A 1 28  ? -2.314  -9.802  0.617   1.00 6.64  ? 28  PHE A CZ  1 
ATOM   205  N N   . SER A 1 29  ? -1.987  -2.675  -1.254  1.00 6.39  ? 29  SER A N   1 
ATOM   206  C CA  . SER A 1 29  ? -1.579  -1.280  -1.232  1.00 6.00  ? 29  SER A CA  1 
ATOM   207  C C   . SER A 1 29  ? -2.651  -0.419  -0.550  1.00 5.84  ? 29  SER A C   1 
ATOM   208  O O   . SER A 1 29  ? -2.326  0.419   0.293   1.00 6.55  ? 29  SER A O   1 
ATOM   209  C CB  . SER A 1 29  ? -1.352  -0.821  -2.660  1.00 2.75  ? 29  SER A CB  1 
ATOM   210  O OG  . SER A 1 29  ? -1.094  0.568   -2.732  1.00 3.92  ? 29  SER A OG  1 
ATOM   211  N N   . ALA A 1 30  ? -3.934  -0.631  -0.875  1.00 4.07  ? 30  ALA A N   1 
ATOM   212  C CA  . ALA A 1 30  ? -5.022  0.132   -0.294  1.00 4.45  ? 30  ALA A CA  1 
ATOM   213  C C   . ALA A 1 30  ? -5.199  -0.155  1.205   1.00 5.16  ? 30  ALA A C   1 
ATOM   214  O O   . ALA A 1 30  ? -5.332  0.768   2.011   1.00 6.09  ? 30  ALA A O   1 
ATOM   215  C CB  . ALA A 1 30  ? -6.327  -0.199  -1.031  1.00 3.63  ? 30  ALA A CB  1 
ATOM   216  N N   . ILE A 1 31  ? -5.150  -1.423  1.632   1.00 5.30  ? 31  ILE A N   1 
ATOM   217  C CA  . ILE A 1 31  ? -5.313  -1.781  3.039   1.00 6.25  ? 31  ILE A CA  1 
ATOM   218  C C   . ILE A 1 31  ? -4.103  -1.353  3.867   1.00 5.50  ? 31  ILE A C   1 
ATOM   219  O O   . ILE A 1 31  ? -4.294  -0.891  4.992   1.00 4.26  ? 31  ILE A O   1 
ATOM   220  C CB  . ILE A 1 31  ? -5.562  -3.320  3.156   1.00 5.21  ? 31  ILE A CB  1 
ATOM   221  C CG1 . ILE A 1 31  ? -6.930  -3.646  2.546   1.00 8.52  ? 31  ILE A CG1 1 
ATOM   222  C CG2 . ILE A 1 31  ? -5.556  -3.785  4.596   1.00 7.00  ? 31  ILE A CG2 1 
ATOM   223  C CD1 . ILE A 1 31  ? -8.181  -2.934  3.143   1.00 7.45  ? 31  ILE A CD1 1 
ATOM   224  N N   . GLY A 1 32  ? -2.871  -1.487  3.358   1.00 3.89  ? 32  GLY A N   1 
ATOM   225  C CA  . GLY A 1 32  ? -1.668  -1.053  4.058   1.00 3.53  ? 32  GLY A CA  1 
ATOM   226  C C   . GLY A 1 32  ? -1.721  0.453   4.347   1.00 4.15  ? 32  GLY A C   1 
ATOM   227  O O   . GLY A 1 32  ? -1.370  0.911   5.437   1.00 3.90  ? 32  GLY A O   1 
ATOM   228  N N   . ASN A 1 33  ? -2.195  1.237   3.369   1.00 4.01  ? 33  ASN A N   1 
ATOM   229  C CA  . ASN A 1 33  ? -2.421  2.661   3.558   1.00 4.87  ? 33  ASN A CA  1 
ATOM   230  C C   . ASN A 1 33  ? -3.521  2.906   4.597   1.00 6.03  ? 33  ASN A C   1 
ATOM   231  O O   . ASN A 1 33  ? -3.330  3.799   5.421   1.00 7.25  ? 33  ASN A O   1 
ATOM   232  C CB  . ASN A 1 33  ? -2.810  3.311   2.223   1.00 3.53  ? 33  ASN A CB  1 
ATOM   233  C CG  . ASN A 1 33  ? -3.315  4.745   2.344   1.00 6.50  ? 33  ASN A CG  1 
ATOM   234  O OD1 . ASN A 1 33  ? -4.516  4.985   2.324   1.00 3.76  ? 33  ASN A OD1 1 
ATOM   235  N ND2 . ASN A 1 33  ? -2.420  5.718   2.503   1.00 6.91  ? 33  ASN A ND2 1 
ATOM   236  N N   . VAL A 1 34  ? -4.656  2.173   4.614   1.00 5.07  ? 34  VAL A N   1 
ATOM   237  C CA  . VAL A 1 34  ? -5.720  2.378   5.603   1.00 5.39  ? 34  VAL A CA  1 
ATOM   238  C C   . VAL A 1 34  ? -5.207  2.056   7.001   1.00 6.57  ? 34  VAL A C   1 
ATOM   239  O O   . VAL A 1 34  ? -5.509  2.813   7.923   1.00 8.91  ? 34  VAL A O   1 
ATOM   240  C CB  . VAL A 1 34  ? -6.987  1.486   5.347   1.00 3.89  ? 34  VAL A CB  1 
ATOM   241  C CG1 . VAL A 1 34  ? -8.031  1.685   6.456   1.00 2.45  ? 34  VAL A CG1 1 
ATOM   242  C CG2 . VAL A 1 34  ? -7.621  1.866   4.014   1.00 3.74  ? 34  VAL A CG2 1 
ATOM   243  N N   . GLU A 1 35  ? -4.440  0.973   7.186   1.00 6.24  ? 35  GLU A N   1 
ATOM   244  C CA  . GLU A 1 35  ? -3.894  0.602   8.484   1.00 7.32  ? 35  GLU A CA  1 
ATOM   245  C C   . GLU A 1 35  ? -3.024  1.708   9.072   1.00 7.50  ? 35  GLU A C   1 
ATOM   246  O O   . GLU A 1 35  ? -3.129  2.000   10.263  1.00 9.69  ? 35  GLU A O   1 
ATOM   247  C CB  . GLU A 1 35  ? -3.030  -0.646  8.398   1.00 6.33  ? 35  GLU A CB  1 
ATOM   248  C CG  . GLU A 1 35  ? -3.761  -1.933  7.989   1.00 5.80  ? 35  GLU A CG  1 
ATOM   249  C CD  . GLU A 1 35  ? -2.829  -3.088  7.636   1.00 4.84  ? 35  GLU A CD  1 
ATOM   250  O OE1 . GLU A 1 35  ? -1.707  -2.845  7.209   1.00 5.54  ? 35  GLU A OE1 1 
ATOM   251  O OE2 . GLU A 1 35  ? -3.219  -4.237  7.783   1.00 4.85  ? 35  GLU A OE2 1 
ATOM   252  N N   . CYS A 1 36  ? -2.179  2.325   8.240   1.00 6.63  ? 36  CYS A N   1 
ATOM   253  C CA  . CYS A 1 36  ? -1.328  3.425   8.664   1.00 7.19  ? 36  CYS A CA  1 
ATOM   254  C C   . CYS A 1 36  ? -2.146  4.677   8.976   1.00 6.19  ? 36  CYS A C   1 
ATOM   255  O O   . CYS A 1 36  ? -1.958  5.281   10.029  1.00 6.11  ? 36  CYS A O   1 
ATOM   256  C CB  . CYS A 1 36  ? -0.319  3.734   7.570   1.00 7.66  ? 36  CYS A CB  1 
ATOM   257  S SG  . CYS A 1 36  ? 0.855   2.390   7.265   1.00 8.52  ? 36  CYS A SG  1 
ATOM   258  N N   . GLN A 1 37  ? -3.086  5.064   8.109   1.00 5.55  ? 37  GLN A N   1 
ATOM   259  C CA  . GLN A 1 37  ? -3.913  6.246   8.316   1.00 7.79  ? 37  GLN A CA  1 
ATOM   260  C C   . GLN A 1 37  ? -4.837  6.135   9.524   1.00 9.09  ? 37  GLN A C   1 
ATOM   261  O O   . GLN A 1 37  ? -5.094  7.139   10.188  1.00 8.95  ? 37  GLN A O   1 
ATOM   262  C CB  . GLN A 1 37  ? -4.729  6.515   7.053   1.00 6.29  ? 37  GLN A CB  1 
ATOM   263  C CG  . GLN A 1 37  ? -3.864  6.954   5.875   1.00 6.23  ? 37  GLN A CG  1 
ATOM   264  C CD  . GLN A 1 37  ? -3.121  8.262   6.116   1.00 8.44  ? 37  GLN A CD  1 
ATOM   265  O OE1 . GLN A 1 37  ? -3.663  9.205   6.702   1.00 9.28  ? 37  GLN A OE1 1 
ATOM   266  N NE2 . GLN A 1 37  ? -1.865  8.334   5.681   1.00 5.51  ? 37  GLN A NE2 1 
ATOM   267  N N   . TRP A 1 38  ? -5.289  4.916   9.859   1.00 8.53  ? 38  TRP A N   1 
ATOM   268  C CA  . TRP A 1 38  ? -6.118  4.664   11.025  1.00 9.38  ? 38  TRP A CA  1 
ATOM   269  C C   . TRP A 1 38  ? -5.293  4.890   12.298  1.00 9.24  ? 38  TRP A C   1 
ATOM   270  O O   . TRP A 1 38  ? -5.758  5.533   13.236  1.00 9.23  ? 38  TRP A O   1 
ATOM   271  C CB  . TRP A 1 38  ? -6.640  3.219   10.977  1.00 7.49  ? 38  TRP A CB  1 
ATOM   272  C CG  . TRP A 1 38  ? -7.631  2.863   12.083  1.00 5.93  ? 38  TRP A CG  1 
ATOM   273  C CD1 . TRP A 1 38  ? -7.319  1.906   13.019  1.00 5.82  ? 38  TRP A CD1 1 
ATOM   274  C CD2 . TRP A 1 38  ? -8.887  3.395   12.250  1.00 6.18  ? 38  TRP A CD2 1 
ATOM   275  N NE1 . TRP A 1 38  ? -8.385  1.829   13.781  1.00 6.29  ? 38  TRP A NE1 1 
ATOM   276  C CE2 . TRP A 1 38  ? -9.336  2.689   13.371  1.00 6.36  ? 38  TRP A CE2 1 
ATOM   277  C CE3 . TRP A 1 38  ? -9.707  4.349   11.645  1.00 5.78  ? 38  TRP A CE3 1 
ATOM   278  C CZ2 . TRP A 1 38  ? -10.605 2.923   13.900  1.00 8.27  ? 38  TRP A CZ2 1 
ATOM   279  C CZ3 . TRP A 1 38  ? -10.978 4.589   12.170  1.00 8.15  ? 38  TRP A CZ3 1 
ATOM   280  C CH2 . TRP A 1 38  ? -11.420 3.882   13.291  1.00 8.38  ? 38  TRP A CH2 1 
ATOM   281  N N   . PHE A 1 39  ? -4.061  4.378   12.355  1.00 9.64  ? 39  PHE A N   1 
ATOM   282  C CA  . PHE A 1 39  ? -3.188  4.579   13.496  1.00 12.21 ? 39  PHE A CA  1 
ATOM   283  C C   . PHE A 1 39  ? -2.878  6.066   13.696  1.00 12.75 ? 39  PHE A C   1 
ATOM   284  O O   . PHE A 1 39  ? -2.944  6.571   14.823  1.00 12.23 ? 39  PHE A O   1 
ATOM   285  C CB  . PHE A 1 39  ? -1.874  3.815   13.296  1.00 12.81 ? 39  PHE A CB  1 
ATOM   286  C CG  . PHE A 1 39  ? -0.827  4.115   14.371  1.00 11.83 ? 39  PHE A CG  1 
ATOM   287  C CD1 . PHE A 1 39  ? -0.952  3.557   15.642  1.00 11.90 ? 39  PHE A CD1 1 
ATOM   288  C CD2 . PHE A 1 39  ? 0.262   4.935   14.076  1.00 11.58 ? 39  PHE A CD2 1 
ATOM   289  C CE1 . PHE A 1 39  ? 0.006   3.832   16.621  1.00 13.55 ? 39  PHE A CE1 1 
ATOM   290  C CE2 . PHE A 1 39  ? 1.222   5.210   15.052  1.00 12.14 ? 39  PHE A CE2 1 
ATOM   291  C CZ  . PHE A 1 39  ? 1.094   4.660   16.328  1.00 13.48 ? 39  PHE A CZ  1 
ATOM   292  N N   . LEU A 1 40  ? -2.539  6.767   12.604  1.00 12.34 ? 40  LEU A N   1 
ATOM   293  C CA  . LEU A 1 40  ? -2.209  8.172   12.675  1.00 13.13 ? 40  LEU A CA  1 
ATOM   294  C C   . LEU A 1 40  ? -3.380  9.080   13.025  1.00 14.22 ? 40  LEU A C   1 
ATOM   295  O O   . LEU A 1 40  ? -3.188  10.241  13.405  1.00 13.94 ? 40  LEU A O   1 
ATOM   296  C CB  . LEU A 1 40  ? -1.567  8.580   11.349  1.00 11.03 ? 40  LEU A CB  1 
ATOM   297  C CG  . LEU A 1 40  ? -0.142  8.003   11.203  1.00 11.04 ? 40  LEU A CG  1 
ATOM   298  C CD1 . LEU A 1 40  ? 0.428   8.325   9.832   1.00 11.12 ? 40  LEU A CD1 1 
ATOM   299  C CD2 . LEU A 1 40  ? 0.741   8.572   12.302  1.00 10.82 ? 40  LEU A CD2 1 
ATOM   300  N N   . ALA A 1 41  ? -4.599  8.532   12.979  1.00 14.05 ? 41  ALA A N   1 
ATOM   301  C CA  . ALA A 1 41  ? -5.781  9.266   13.399  1.00 14.29 ? 41  ALA A CA  1 
ATOM   302  C C   . ALA A 1 41  ? -6.046  9.097   14.903  1.00 13.87 ? 41  ALA A C   1 
ATOM   303  O O   . ALA A 1 41  ? -7.042  9.610   15.409  1.00 15.67 ? 41  ALA A O   1 
ATOM   304  C CB  . ALA A 1 41  ? -6.993  8.774   12.614  1.00 13.24 ? 41  ALA A CB  1 
ATOM   305  N N   . GLY A 1 42  ? -5.189  8.378   15.643  1.00 14.46 ? 42  GLY A N   1 
ATOM   306  C CA  . GLY A 1 42  ? -5.308  8.218   17.086  1.00 14.58 ? 42  GLY A CA  1 
ATOM   307  C C   . GLY A 1 42  ? -5.941  6.901   17.518  1.00 14.64 ? 42  GLY A C   1 
ATOM   308  O O   . GLY A 1 42  ? -6.600  6.822   18.557  1.00 15.57 ? 42  GLY A O   1 
ATOM   309  N N   . HIS A 1 43  ? -5.755  5.851   16.716  1.00 13.50 ? 43  HIS A N   1 
ATOM   310  C CA  . HIS A 1 43  ? -6.304  4.536   17.019  1.00 12.59 ? 43  HIS A CA  1 
ATOM   311  C C   . HIS A 1 43  ? -5.198  3.492   17.090  1.00 12.14 ? 43  HIS A C   1 
ATOM   312  O O   . HIS A 1 43  ? -4.138  3.711   16.490  1.00 14.32 ? 43  HIS A O   1 
ATOM   313  C CB  . HIS A 1 43  ? -7.299  4.143   15.945  1.00 11.38 ? 43  HIS A CB  1 
ATOM   314  C CG  . HIS A 1 43  ? -8.457  5.110   15.850  1.00 10.55 ? 43  HIS A CG  1 
ATOM   315  N ND1 . HIS A 1 43  ? -9.464  5.228   16.695  1.00 13.26 ? 43  HIS A ND1 1 
ATOM   316  C CD2 . HIS A 1 43  ? -8.638  6.022   14.847  1.00 10.74 ? 43  HIS A CD2 1 
ATOM   317  C CE1 . HIS A 1 43  ? -10.258 6.167   16.248  1.00 12.02 ? 43  HIS A CE1 1 
ATOM   318  N NE2 . HIS A 1 43  ? -9.753  6.639   15.138  1.00 10.64 ? 43  HIS A NE2 1 
ATOM   319  N N   . PRO A 1 44  ? -5.336  2.346   17.785  1.00 11.14 ? 44  PRO A N   1 
ATOM   320  C CA  . PRO A 1 44  ? -4.276  1.349   17.878  1.00 10.26 ? 44  PRO A CA  1 
ATOM   321  C C   . PRO A 1 44  ? -4.001  0.735   16.499  1.00 9.86  ? 44  PRO A C   1 
ATOM   322  O O   . PRO A 1 44  ? -4.909  0.630   15.668  1.00 8.76  ? 44  PRO A O   1 
ATOM   323  C CB  . PRO A 1 44  ? -4.796  0.364   18.901  1.00 10.53 ? 44  PRO A CB  1 
ATOM   324  C CG  . PRO A 1 44  ? -5.812  1.152   19.703  1.00 11.77 ? 44  PRO A CG  1 
ATOM   325  C CD  . PRO A 1 44  ? -6.478  1.972   18.613  1.00 10.33 ? 44  PRO A CD  1 
ATOM   326  N N   . LEU A 1 45  ? -2.735  0.387   16.218  1.00 8.79  ? 45  LEU A N   1 
ATOM   327  C CA  . LEU A 1 45  ? -2.381  -0.221  14.942  1.00 9.45  ? 45  LEU A CA  1 
ATOM   328  C C   . LEU A 1 45  ? -3.033  -1.610  14.914  1.00 9.38  ? 45  LEU A C   1 
ATOM   329  O O   . LEU A 1 45  ? -2.797  -2.464  15.775  1.00 10.00 ? 45  LEU A O   1 
ATOM   330  C CB  . LEU A 1 45  ? -0.849  -0.310  14.830  1.00 7.98  ? 45  LEU A CB  1 
ATOM   331  C CG  . LEU A 1 45  ? -0.257  -0.735  13.480  1.00 8.78  ? 45  LEU A CG  1 
ATOM   332  C CD1 . LEU A 1 45  ? -0.569  0.305   12.412  1.00 7.29  ? 45  LEU A CD1 1 
ATOM   333  C CD2 . LEU A 1 45  ? 1.245   -0.902  13.621  1.00 7.22  ? 45  LEU A CD2 1 
ATOM   334  N N   . THR A 1 46  ? -3.948  -1.750  13.940  1.00 9.18  ? 46  THR A N   1 
ATOM   335  C CA  . THR A 1 46  ? -4.744  -2.958  13.760  1.00 9.92  ? 46  THR A CA  1 
ATOM   336  C C   . THR A 1 46  ? -4.524  -3.520  12.365  1.00 9.49  ? 46  THR A C   1 
ATOM   337  O O   . THR A 1 46  ? -4.546  -2.763  11.394  1.00 8.95  ? 46  THR A O   1 
ATOM   338  C CB  . THR A 1 46  ? -6.259  -2.657  13.924  1.00 11.86 ? 46  THR A CB  1 
ATOM   339  O OG1 . THR A 1 46  ? -6.424  -1.950  15.145  1.00 13.02 ? 46  THR A OG1 1 
ATOM   340  C CG2 . THR A 1 46  ? -7.105  -3.920  13.968  1.00 14.18 ? 46  THR A CG2 1 
ATOM   341  N N   . ASN A 1 47  ? -4.295  -4.835  12.248  1.00 9.22  ? 47  ASN A N   1 
ATOM   342  C CA  . ASN A 1 47  ? -4.218  -5.508  10.951  1.00 9.56  ? 47  ASN A CA  1 
ATOM   343  C C   . ASN A 1 47  ? -5.606  -5.586  10.335  1.00 7.35  ? 47  ASN A C   1 
ATOM   344  O O   . ASN A 1 47  ? -6.567  -6.005  10.979  1.00 6.64  ? 47  ASN A O   1 
ATOM   345  C CB  . ASN A 1 47  ? -3.668  -6.921  11.104  1.00 11.53 ? 47  ASN A CB  1 
ATOM   346  C CG  . ASN A 1 47  ? -2.159  -6.920  11.242  1.00 16.06 ? 47  ASN A CG  1 
ATOM   347  O OD1 . ASN A 1 47  ? -1.609  -6.465  12.241  1.00 18.31 ? 47  ASN A OD1 1 
ATOM   348  N ND2 . ASN A 1 47  ? -1.428  -7.418  10.255  1.00 18.76 ? 47  ASN A ND2 1 
ATOM   349  N N   . LEU A 1 48  ? -5.711  -5.124  9.086   1.00 7.84  ? 48  LEU A N   1 
ATOM   350  C CA  . LEU A 1 48  ? -6.981  -5.094  8.379   1.00 6.81  ? 48  LEU A CA  1 
ATOM   351  C C   . LEU A 1 48  ? -7.020  -6.046  7.182   1.00 7.08  ? 48  LEU A C   1 
ATOM   352  O O   . LEU A 1 48  ? -5.979  -6.486  6.689   1.00 6.46  ? 48  LEU A O   1 
ATOM   353  C CB  . LEU A 1 48  ? -7.253  -3.643  7.957   1.00 4.95  ? 48  LEU A CB  1 
ATOM   354  C CG  . LEU A 1 48  ? -7.312  -2.640  9.127   1.00 6.70  ? 48  LEU A CG  1 
ATOM   355  C CD1 . LEU A 1 48  ? -7.381  -1.222  8.587   1.00 4.88  ? 48  LEU A CD1 1 
ATOM   356  C CD2 . LEU A 1 48  ? -8.496  -2.982  10.021  1.00 3.54  ? 48  LEU A CD2 1 
ATOM   357  N N   . SER A 1 49  ? -8.247  -6.361  6.716   1.00 5.93  ? 49  SER A N   1 
ATOM   358  C CA  . SER A 1 49  ? -8.488  -7.382  5.703   1.00 5.22  ? 49  SER A CA  1 
ATOM   359  C C   . SER A 1 49  ? -8.431  -6.990  4.222   1.00 3.51  ? 49  SER A C   1 
ATOM   360  O O   . SER A 1 49  ? -9.274  -6.249  3.697   1.00 2.00  ? 49  SER A O   1 
ATOM   361  C CB  . SER A 1 49  ? -9.838  -8.020  5.997   1.00 6.42  ? 49  SER A CB  1 
ATOM   362  O OG  . SER A 1 49  ? -10.154 -9.059  5.081   1.00 8.11  ? 49  SER A OG  1 
ATOM   363  N N   . GLU A 1 50  ? -7.427  -7.536  3.536   1.00 4.16  ? 50  GLU A N   1 
ATOM   364  C CA  . GLU A 1 50  ? -7.324  -7.436  2.076   1.00 5.58  ? 50  GLU A CA  1 
ATOM   365  C C   . GLU A 1 50  ? -8.388  -8.314  1.421   1.00 5.01  ? 50  GLU A C   1 
ATOM   366  O O   . GLU A 1 50  ? -8.930  -7.939  0.389   1.00 6.50  ? 50  GLU A O   1 
ATOM   367  C CB  . GLU A 1 50  ? -5.994  -7.931  1.536   1.00 6.75  ? 50  GLU A CB  1 
ATOM   368  C CG  . GLU A 1 50  ? -4.793  -7.088  1.874   1.00 8.11  ? 50  GLU A CG  1 
ATOM   369  C CD  . GLU A 1 50  ? -4.243  -7.226  3.286   1.00 8.25  ? 50  GLU A CD  1 
ATOM   370  O OE1 . GLU A 1 50  ? -4.560  -8.152  4.014   1.00 9.67  ? 50  GLU A OE1 1 
ATOM   371  O OE2 . GLU A 1 50  ? -3.455  -6.381  3.662   1.00 11.01 ? 50  GLU A OE2 1 
ATOM   372  N N   . GLN A 1 51  ? -8.684  -9.482  2.027   1.00 5.09  ? 51  GLN A N   1 
ATOM   373  C CA  . GLN A 1 51  ? -9.663  -10.428 1.514   1.00 6.04  ? 51  GLN A CA  1 
ATOM   374  C C   . GLN A 1 51  ? -11.033 -9.787  1.351   1.00 7.05  ? 51  GLN A C   1 
ATOM   375  O O   . GLN A 1 51  ? -11.746 -10.089 0.399   1.00 7.63  ? 51  GLN A O   1 
ATOM   376  C CB  . GLN A 1 51  ? -9.763  -11.644 2.455   1.00 4.77  ? 51  GLN A CB  1 
ATOM   377  C CG  . GLN A 1 51  ? -10.421 -12.856 1.777   1.00 5.44  ? 51  GLN A CG  1 
ATOM   378  C CD  . GLN A 1 51  ? -9.761  -13.229 0.452   1.00 4.39  ? 51  GLN A CD  1 
ATOM   379  O OE1 . GLN A 1 51  ? -8.594  -13.592 0.406   1.00 6.96  ? 51  GLN A OE1 1 
ATOM   380  N NE2 . GLN A 1 51  ? -10.453 -13.085 -0.670  1.00 5.79  ? 51  GLN A NE2 1 
ATOM   381  N N   . MET A 1 52  ? -11.398 -8.860  2.248   1.00 7.46  ? 52  MET A N   1 
ATOM   382  C CA  . MET A 1 52  ? -12.623 -8.086  2.146   1.00 7.32  ? 52  MET A CA  1 
ATOM   383  C C   . MET A 1 52  ? -12.686 -7.426  0.771   1.00 7.07  ? 52  MET A C   1 
ATOM   384  O O   . MET A 1 52  ? -13.711 -7.503  0.092   1.00 7.47  ? 52  MET A O   1 
ATOM   385  C CB  . MET A 1 52  ? -12.661 -7.004  3.240   1.00 6.93  ? 52  MET A CB  1 
ATOM   386  C CG  . MET A 1 52  ? -13.871 -6.058  3.108   1.00 6.43  ? 52  MET A CG  1 
ATOM   387  S SD  . MET A 1 52  ? -13.787 -4.551  4.116   1.00 8.55  ? 52  MET A SD  1 
ATOM   388  C CE  . MET A 1 52  ? -12.580 -3.668  3.163   1.00 7.06  ? 52  MET A CE  1 
ATOM   389  N N   . LEU A 1 53  ? -11.591 -6.798  0.329   1.00 6.43  ? 53  LEU A N   1 
ATOM   390  C CA  . LEU A 1 53  ? -11.576 -6.183  -0.984  1.00 6.81  ? 53  LEU A CA  1 
ATOM   391  C C   . LEU A 1 53  ? -11.538 -7.204  -2.116  1.00 6.96  ? 53  LEU A C   1 
ATOM   392  O O   . LEU A 1 53  ? -12.368 -7.110  -3.025  1.00 7.15  ? 53  LEU A O   1 
ATOM   393  C CB  . LEU A 1 53  ? -10.375 -5.252  -1.126  1.00 7.74  ? 53  LEU A CB  1 
ATOM   394  C CG  . LEU A 1 53  ? -10.379 -3.962  -0.302  1.00 7.04  ? 53  LEU A CG  1 
ATOM   395  C CD1 . LEU A 1 53  ? -9.075  -3.239  -0.565  1.00 4.79  ? 53  LEU A CD1 1 
ATOM   396  C CD2 . LEU A 1 53  ? -11.579 -3.092  -0.650  1.00 4.25  ? 53  LEU A CD2 1 
ATOM   397  N N   . VAL A 1 54  ? -10.637 -8.204  -2.065  1.00 6.18  ? 54  VAL A N   1 
ATOM   398  C CA  . VAL A 1 54  ? -10.491 -9.198  -3.137  1.00 7.04  ? 54  VAL A CA  1 
ATOM   399  C C   . VAL A 1 54  ? -11.812 -9.935  -3.420  1.00 6.71  ? 54  VAL A C   1 
ATOM   400  O O   . VAL A 1 54  ? -12.226 -10.064 -4.575  1.00 7.62  ? 54  VAL A O   1 
ATOM   401  C CB  . VAL A 1 54  ? -9.352  -10.194 -2.732  1.00 7.38  ? 54  VAL A CB  1 
ATOM   402  C CG1 . VAL A 1 54  ? -9.134  -11.252 -3.806  1.00 8.78  ? 54  VAL A CG1 1 
ATOM   403  C CG2 . VAL A 1 54  ? -8.024  -9.437  -2.618  1.00 8.62  ? 54  VAL A CG2 1 
ATOM   404  N N   . SER A 1 55  ? -12.534 -10.349 -2.376  1.00 5.95  ? 55  SER A N   1 
ATOM   405  C CA  . SER A 1 55  ? -13.804 -11.042 -2.531  1.00 7.08  ? 55  SER A CA  1 
ATOM   406  C C   . SER A 1 55  ? -15.050 -10.175 -2.702  1.00 7.58  ? 55  SER A C   1 
ATOM   407  O O   . SER A 1 55  ? -15.947 -10.557 -3.455  1.00 6.81  ? 55  SER A O   1 
ATOM   408  C CB  . SER A 1 55  ? -14.033 -11.952 -1.344  1.00 4.91  ? 55  SER A CB  1 
ATOM   409  O OG  . SER A 1 55  ? -13.125 -13.043 -1.366  1.00 6.67  ? 55  SER A OG  1 
ATOM   410  N N   . CYS A 1 56  ? -15.162 -9.010  -2.042  1.00 7.03  ? 56  CYS A N   1 
ATOM   411  C CA  . CYS A 1 56  ? -16.399 -8.237  -2.046  1.00 6.54  ? 56  CYS A CA  1 
ATOM   412  C C   . CYS A 1 56  ? -16.429 -6.992  -2.913  1.00 7.04  ? 56  CYS A C   1 
ATOM   413  O O   . CYS A 1 56  ? -17.513 -6.514  -3.258  1.00 7.30  ? 56  CYS A O   1 
ATOM   414  C CB  . CYS A 1 56  ? -16.733 -7.850  -0.606  1.00 8.19  ? 56  CYS A CB  1 
ATOM   415  S SG  . CYS A 1 56  ? -16.699 -9.234  0.546   1.00 8.20  ? 56  CYS A SG  1 
ATOM   416  N N   . ASP A 1 57  ? -15.263 -6.435  -3.278  1.00 6.55  ? 57  ASP A N   1 
ATOM   417  C CA  . ASP A 1 57  ? -15.223 -5.239  -4.102  1.00 7.40  ? 57  ASP A CA  1 
ATOM   418  C C   . ASP A 1 57  ? -15.413 -5.586  -5.575  1.00 7.43  ? 57  ASP A C   1 
ATOM   419  O O   . ASP A 1 57  ? -14.496 -5.947  -6.308  1.00 7.29  ? 57  ASP A O   1 
ATOM   420  C CB  . ASP A 1 57  ? -13.886 -4.510  -3.868  1.00 6.34  ? 57  ASP A CB  1 
ATOM   421  C CG  . ASP A 1 57  ? -13.577 -3.282  -4.715  1.00 6.84  ? 57  ASP A CG  1 
ATOM   422  O OD1 . ASP A 1 57  ? -14.423 -2.787  -5.447  1.00 5.36  ? 57  ASP A OD1 1 
ATOM   423  O OD2 . ASP A 1 57  ? -12.453 -2.806  -4.647  1.00 9.43  ? 57  ASP A OD2 1 
ATOM   424  N N   . LYS A 1 58  ? -16.645 -5.362  -6.006  1.00 8.59  ? 58  LYS A N   1 
ATOM   425  C CA  . LYS A 1 58  ? -17.040 -5.635  -7.370  1.00 9.80  ? 58  LYS A CA  1 
ATOM   426  C C   . LYS A 1 58  ? -16.752 -4.569  -8.410  1.00 9.65  ? 58  LYS A C   1 
ATOM   427  O O   . LYS A 1 58  ? -17.072 -4.747  -9.594  1.00 8.94  ? 58  LYS A O   1 
ATOM   428  C CB  . LYS A 1 58  ? -18.522 -5.969  -7.373  1.00 12.92 ? 58  LYS A CB  1 
ATOM   429  C CG  . LYS A 1 58  ? -18.650 -7.461  -7.499  1.00 15.06 ? 58  LYS A CG  1 
ATOM   430  C CD  . LYS A 1 58  ? -18.374 -8.120  -6.181  1.00 16.44 ? 58  LYS A CD  1 
ATOM   431  C CE  . LYS A 1 58  ? -17.468 -9.293  -6.441  1.00 16.58 ? 58  LYS A CE  1 
ATOM   432  N NZ  . LYS A 1 58  ? -17.862 -10.332 -5.526  1.00 17.76 ? 58  LYS A NZ  1 
ATOM   433  N N   . THR A 1 59  ? -16.165 -3.447  -7.966  1.00 8.65  ? 59  THR A N   1 
ATOM   434  C CA  . THR A 1 59  ? -15.753 -2.418  -8.910  1.00 6.96  ? 59  THR A CA  1 
ATOM   435  C C   . THR A 1 59  ? -14.305 -2.667  -9.330  1.00 5.95  ? 59  THR A C   1 
ATOM   436  O O   . THR A 1 59  ? -13.742 -1.940  -10.143 1.00 7.96  ? 59  THR A O   1 
ATOM   437  C CB  . THR A 1 59  ? -15.947 -1.030  -8.262  1.00 6.73  ? 59  THR A CB  1 
ATOM   438  O OG1 . THR A 1 59  ? -14.989 -0.865  -7.233  1.00 6.58  ? 59  THR A OG1 1 
ATOM   439  C CG2 . THR A 1 59  ? -17.357 -0.896  -7.696  1.00 5.56  ? 59  THR A CG2 1 
ATOM   440  N N   . ASP A 1 60  ? -13.668 -3.689  -8.725  1.00 6.06  ? 60  ASP A N   1 
ATOM   441  C CA  . ASP A 1 60  ? -12.365 -4.182  -9.136  1.00 7.75  ? 60  ASP A CA  1 
ATOM   442  C C   . ASP A 1 60  ? -12.498 -5.670  -9.503  1.00 8.64  ? 60  ASP A C   1 
ATOM   443  O O   . ASP A 1 60  ? -13.599 -6.244  -9.475  1.00 7.00  ? 60  ASP A O   1 
ATOM   444  C CB  . ASP A 1 60  ? -11.349 -3.959  -8.007  1.00 8.43  ? 60  ASP A CB  1 
ATOM   445  C CG  . ASP A 1 60  ? -10.977 -2.477  -7.883  1.00 9.31  ? 60  ASP A CG  1 
ATOM   446  O OD1 . ASP A 1 60  ? -10.416 -1.915  -8.812  1.00 9.42  ? 60  ASP A OD1 1 
ATOM   447  O OD2 . ASP A 1 60  ? -11.271 -1.858  -6.867  1.00 10.45 ? 60  ASP A OD2 1 
ATOM   448  N N   . SER A 1 61  ? -11.377 -6.297  -9.889  1.00 7.32  ? 61  SER A N   1 
ATOM   449  C CA  . SER A 1 61  ? -11.431 -7.631  -10.445 1.00 7.94  ? 61  SER A CA  1 
ATOM   450  C C   . SER A 1 61  ? -10.674 -8.714  -9.689  1.00 8.54  ? 61  SER A C   1 
ATOM   451  O O   . SER A 1 61  ? -10.003 -9.543  -10.302 1.00 10.12 ? 61  SER A O   1 
ATOM   452  C CB  . SER A 1 61  ? -10.941 -7.533  -11.905 1.00 8.03  ? 61  SER A CB  1 
ATOM   453  O OG  . SER A 1 61  ? -11.701 -6.607  -12.686 1.00 8.39  ? 61  SER A OG  1 
ATOM   454  N N   . GLY A 1 62  ? -10.752 -8.729  -8.351  1.00 7.29  ? 62  GLY A N   1 
ATOM   455  C CA  . GLY A 1 62  ? -10.153 -9.767  -7.520  1.00 5.33  ? 62  GLY A CA  1 
ATOM   456  C C   . GLY A 1 62  ? -8.701  -10.122 -7.820  1.00 6.31  ? 62  GLY A C   1 
ATOM   457  O O   . GLY A 1 62  ? -7.800  -9.270  -7.796  1.00 5.47  ? 62  GLY A O   1 
ATOM   458  N N   . CYS A 1 63  ? -8.478  -11.414 -8.129  1.00 4.04  ? 63  CYS A N   1 
ATOM   459  C CA  . CYS A 1 63  ? -7.137  -11.861 -8.469  1.00 6.06  ? 63  CYS A CA  1 
ATOM   460  C C   . CYS A 1 63  ? -6.681  -11.468 -9.869  1.00 4.02  ? 63  CYS A C   1 
ATOM   461  O O   . CYS A 1 63  ? -5.547  -11.730 -10.243 1.00 4.01  ? 63  CYS A O   1 
ATOM   462  C CB  . CYS A 1 63  ? -7.028  -13.379 -8.304  1.00 5.12  ? 63  CYS A CB  1 
ATOM   463  S SG  . CYS A 1 63  ? -7.146  -13.837 -6.563  1.00 8.34  ? 63  CYS A SG  1 
ATOM   464  N N   . SER A 1 64  ? -7.521  -10.810 -10.669 1.00 5.51  ? 64  SER A N   1 
ATOM   465  C CA  . SER A 1 64  ? -7.113  -10.286 -11.966 1.00 8.28  ? 64  SER A CA  1 
ATOM   466  C C   . SER A 1 64  ? -6.721  -8.815  -11.886 1.00 8.43  ? 64  SER A C   1 
ATOM   467  O O   . SER A 1 64  ? -6.495  -8.181  -12.916 1.00 10.46 ? 64  SER A O   1 
ATOM   468  C CB  . SER A 1 64  ? -8.239  -10.430 -12.989 1.00 8.98  ? 64  SER A CB  1 
ATOM   469  O OG  . SER A 1 64  ? -8.497  -11.794 -13.274 1.00 12.99 ? 64  SER A OG  1 
ATOM   470  N N   . GLY A 1 65  ? -6.629  -8.221  -10.684 1.00 9.52  ? 65  GLY A N   1 
ATOM   471  C CA  . GLY A 1 65  ? -6.186  -6.847  -10.571 1.00 7.41  ? 65  GLY A CA  1 
ATOM   472  C C   . GLY A 1 65  ? -7.292  -5.885  -10.189 1.00 8.39  ? 65  GLY A C   1 
ATOM   473  O O   . GLY A 1 65  ? -8.466  -6.224  -10.062 1.00 7.93  ? 65  GLY A O   1 
ATOM   474  N N   . GLY A 1 66  ? -6.832  -4.647  -10.005 1.00 8.41  ? 66  GLY A N   1 
ATOM   475  C CA  . GLY A 1 66  ? -7.683  -3.547  -9.610  1.00 7.35  ? 66  GLY A CA  1 
ATOM   476  C C   . GLY A 1 66  ? -6.889  -2.247  -9.474  1.00 6.54  ? 66  GLY A C   1 
ATOM   477  O O   . GLY A 1 66  ? -5.752  -2.119  -9.913  1.00 7.01  ? 66  GLY A O   1 
ATOM   478  N N   . LEU A 1 67  ? -7.531  -1.281  -8.815  1.00 7.41  ? 67  LEU A N   1 
ATOM   479  C CA  . LEU A 1 67  ? -7.031  0.070   -8.614  1.00 8.03  ? 67  LEU A CA  1 
ATOM   480  C C   . LEU A 1 67  ? -7.329  0.466   -7.166  1.00 7.57  ? 67  LEU A C   1 
ATOM   481  O O   . LEU A 1 67  ? -8.444  0.239   -6.682  1.00 6.07  ? 67  LEU A O   1 
ATOM   482  C CB  . LEU A 1 67  ? -7.745  1.068   -9.548  1.00 6.25  ? 67  LEU A CB  1 
ATOM   483  C CG  . LEU A 1 67  ? -7.755  0.849   -11.054 1.00 8.96  ? 67  LEU A CG  1 
ATOM   484  C CD1 . LEU A 1 67  ? -8.601  1.935   -11.709 1.00 9.55  ? 67  LEU A CD1 1 
ATOM   485  C CD2 . LEU A 1 67  ? -6.332  0.867   -11.595 1.00 7.63  ? 67  LEU A CD2 1 
ATOM   486  N N   . MET A 1 68  ? -6.334  1.029   -6.459  1.00 7.48  ? 68  MET A N   1 
ATOM   487  C CA  . MET A 1 68  ? -6.524  1.511   -5.091  1.00 7.47  ? 68  MET A CA  1 
ATOM   488  C C   . MET A 1 68  ? -7.598  2.593   -5.012  1.00 6.93  ? 68  MET A C   1 
ATOM   489  O O   . MET A 1 68  ? -8.352  2.572   -4.051  1.00 8.72  ? 68  MET A O   1 
ATOM   490  C CB  . MET A 1 68  ? -5.255  2.118   -4.505  1.00 6.43  ? 68  MET A CB  1 
ATOM   491  C CG  . MET A 1 68  ? -4.107  1.152   -4.248  1.00 8.44  ? 68  MET A CG  1 
ATOM   492  S SD  . MET A 1 68  ? -3.229  0.598   -5.730  1.00 8.87  ? 68  MET A SD  1 
ATOM   493  C CE  . MET A 1 68  ? -2.154  1.987   -5.937  1.00 7.76  ? 68  MET A CE  1 
ATOM   494  N N   . ASN A 1 69  ? -7.730  3.524   -5.977  1.00 7.05  ? 69  ASN A N   1 
ATOM   495  C CA  . ASN A 1 69  ? -8.761  4.552   -5.929  1.00 7.46  ? 69  ASN A CA  1 
ATOM   496  C C   . ASN A 1 69  ? -10.162 3.979   -6.049  1.00 7.45  ? 69  ASN A C   1 
ATOM   497  O O   . ASN A 1 69  ? -11.086 4.537   -5.459  1.00 6.72  ? 69  ASN A O   1 
ATOM   498  C CB  . ASN A 1 69  ? -8.565  5.580   -7.042  1.00 7.92  ? 69  ASN A CB  1 
ATOM   499  C CG  . ASN A 1 69  ? -7.291  6.394   -6.846  1.00 11.46 ? 69  ASN A CG  1 
ATOM   500  O OD1 . ASN A 1 69  ? -6.814  6.574   -5.725  1.00 13.74 ? 69  ASN A OD1 1 
ATOM   501  N ND2 . ASN A 1 69  ? -6.683  6.872   -7.927  1.00 10.05 ? 69  ASN A ND2 1 
ATOM   502  N N   . ASN A 1 70  ? -10.356 2.866   -6.783  1.00 7.44  ? 70  ASN A N   1 
ATOM   503  C CA  . ASN A 1 70  ? -11.673 2.238   -6.846  1.00 8.08  ? 70  ASN A CA  1 
ATOM   504  C C   . ASN A 1 70  ? -11.931 1.511   -5.534  1.00 6.96  ? 70  ASN A C   1 
ATOM   505  O O   . ASN A 1 70  ? -13.047 1.547   -5.031  1.00 8.07  ? 70  ASN A O   1 
ATOM   506  C CB  . ASN A 1 70  ? -11.776 1.208   -7.971  1.00 10.12 ? 70  ASN A CB  1 
ATOM   507  C CG  . ASN A 1 70  ? -11.809 1.775   -9.381  1.00 12.07 ? 70  ASN A CG  1 
ATOM   508  O OD1 . ASN A 1 70  ? -11.900 2.976   -9.603  1.00 12.65 ? 70  ASN A OD1 1 
ATOM   509  N ND2 . ASN A 1 70  ? -11.715 0.922   -10.399 1.00 15.21 ? 70  ASN A ND2 1 
ATOM   510  N N   . ALA A 1 71  ? -10.914 0.865   -4.946  1.00 5.30  ? 71  ALA A N   1 
ATOM   511  C CA  . ALA A 1 71  ? -11.065 0.185   -3.671  1.00 5.53  ? 71  ALA A CA  1 
ATOM   512  C C   . ALA A 1 71  ? -11.492 1.172   -2.572  1.00 5.88  ? 71  ALA A C   1 
ATOM   513  O O   . ALA A 1 71  ? -12.475 0.900   -1.874  1.00 5.10  ? 71  ALA A O   1 
ATOM   514  C CB  . ALA A 1 71  ? -9.746  -0.469  -3.286  1.00 4.63  ? 71  ALA A CB  1 
ATOM   515  N N   . PHE A 1 72  ? -10.855 2.363   -2.477  1.00 6.20  ? 72  PHE A N   1 
ATOM   516  C CA  . PHE A 1 72  ? -11.203 3.370   -1.463  1.00 5.93  ? 72  PHE A CA  1 
ATOM   517  C C   . PHE A 1 72  ? -12.641 3.843   -1.614  1.00 7.12  ? 72  PHE A C   1 
ATOM   518  O O   . PHE A 1 72  ? -13.365 3.952   -0.617  1.00 8.79  ? 72  PHE A O   1 
ATOM   519  C CB  . PHE A 1 72  ? -10.277 4.604   -1.548  1.00 4.01  ? 72  PHE A CB  1 
ATOM   520  C CG  . PHE A 1 72  ? -8.804  4.345   -1.231  1.00 4.39  ? 72  PHE A CG  1 
ATOM   521  C CD1 . PHE A 1 72  ? -8.435  3.434   -0.234  1.00 6.34  ? 72  PHE A CD1 1 
ATOM   522  C CD2 . PHE A 1 72  ? -7.816  5.031   -1.940  1.00 4.73  ? 72  PHE A CD2 1 
ATOM   523  C CE1 . PHE A 1 72  ? -7.089  3.208   0.043   1.00 6.16  ? 72  PHE A CE1 1 
ATOM   524  C CE2 . PHE A 1 72  ? -6.468  4.808   -1.665  1.00 4.70  ? 72  PHE A CE2 1 
ATOM   525  C CZ  . PHE A 1 72  ? -6.107  3.894   -0.676  1.00 6.30  ? 72  PHE A CZ  1 
ATOM   526  N N   . GLU A 1 73  ? -13.084 4.069   -2.857  1.00 7.41  ? 73  GLU A N   1 
ATOM   527  C CA  . GLU A 1 73  ? -14.446 4.464   -3.112  1.00 8.98  ? 73  GLU A CA  1 
ATOM   528  C C   . GLU A 1 73  ? -15.463 3.358   -2.886  1.00 8.57  ? 73  GLU A C   1 
ATOM   529  O O   . GLU A 1 73  ? -16.582 3.660   -2.495  1.00 8.32  ? 73  GLU A O   1 
ATOM   530  C CB  . GLU A 1 73  ? -14.547 4.995   -4.537  1.00 13.22 ? 73  GLU A CB  1 
ATOM   531  C CG  . GLU A 1 73  ? -14.164 6.474   -4.600  1.00 20.30 ? 73  GLU A CG  1 
ATOM   532  C CD  . GLU A 1 73  ? -15.043 7.389   -3.744  1.00 24.52 ? 73  GLU A CD  1 
ATOM   533  O OE1 . GLU A 1 73  ? -16.209 7.589   -4.089  1.00 27.96 ? 73  GLU A OE1 1 
ATOM   534  O OE2 . GLU A 1 73  ? -14.560 7.889   -2.723  1.00 27.95 ? 73  GLU A OE2 1 
ATOM   535  N N   . TRP A 1 74  ? -15.113 2.078   -3.070  1.00 8.77  ? 74  TRP A N   1 
ATOM   536  C CA  . TRP A 1 74  ? -16.013 0.977   -2.764  1.00 7.38  ? 74  TRP A CA  1 
ATOM   537  C C   . TRP A 1 74  ? -16.252 0.922   -1.250  1.00 8.05  ? 74  TRP A C   1 
ATOM   538  O O   . TRP A 1 74  ? -17.392 0.692   -0.833  1.00 7.91  ? 74  TRP A O   1 
ATOM   539  C CB  . TRP A 1 74  ? -15.422 -0.369  -3.226  1.00 6.83  ? 74  TRP A CB  1 
ATOM   540  C CG  . TRP A 1 74  ? -16.302 -1.560  -2.826  1.00 8.81  ? 74  TRP A CG  1 
ATOM   541  C CD1 . TRP A 1 74  ? -17.371 -1.935  -3.605  1.00 10.80 ? 74  TRP A CD1 1 
ATOM   542  C CD2 . TRP A 1 74  ? -16.194 -2.323  -1.681  1.00 9.52  ? 74  TRP A CD2 1 
ATOM   543  N NE1 . TRP A 1 74  ? -17.950 -2.922  -2.958  1.00 7.86  ? 74  TRP A NE1 1 
ATOM   544  C CE2 . TRP A 1 74  ? -17.295 -3.193  -1.811  1.00 8.21  ? 74  TRP A CE2 1 
ATOM   545  C CE3 . TRP A 1 74  ? -15.352 -2.408  -0.561  1.00 9.04  ? 74  TRP A CE3 1 
ATOM   546  C CZ2 . TRP A 1 74  ? -17.554 -4.148  -0.824  1.00 7.44  ? 74  TRP A CZ2 1 
ATOM   547  C CZ3 . TRP A 1 74  ? -15.617 -3.364  0.423   1.00 8.59  ? 74  TRP A CZ3 1 
ATOM   548  C CH2 . TRP A 1 74  ? -16.709 -4.229  0.291   1.00 9.23  ? 74  TRP A CH2 1 
ATOM   549  N N   . ILE A 1 75  ? -15.206 1.100   -0.419  1.00 6.12  ? 75  ILE A N   1 
ATOM   550  C CA  . ILE A 1 75  ? -15.341 1.092   1.032   1.00 6.55  ? 75  ILE A CA  1 
ATOM   551  C C   . ILE A 1 75  ? -16.345 2.160   1.462   1.00 7.65  ? 75  ILE A C   1 
ATOM   552  O O   . ILE A 1 75  ? -17.297 1.843   2.173   1.00 8.17  ? 75  ILE A O   1 
ATOM   553  C CB  . ILE A 1 75  ? -13.945 1.339   1.684   1.00 5.95  ? 75  ILE A CB  1 
ATOM   554  C CG1 . ILE A 1 75  ? -13.005 0.174   1.379   1.00 5.67  ? 75  ILE A CG1 1 
ATOM   555  C CG2 . ILE A 1 75  ? -14.093 1.482   3.191   1.00 5.63  ? 75  ILE A CG2 1 
ATOM   556  C CD1 . ILE A 1 75  ? -11.503 0.465   1.688   1.00 3.63  ? 75  ILE A CD1 1 
ATOM   557  N N   . VAL A 1 76  ? -16.216 3.396   0.959   1.00 9.55  ? 76  VAL A N   1 
ATOM   558  C CA  . VAL A 1 76  ? -17.107 4.483   1.347   1.00 11.33 ? 76  VAL A CA  1 
ATOM   559  C C   . VAL A 1 76  ? -18.520 4.335   0.775   1.00 12.86 ? 76  VAL A C   1 
ATOM   560  O O   . VAL A 1 76  ? -19.480 4.322   1.541   1.00 12.11 ? 76  VAL A O   1 
ATOM   561  C CB  . VAL A 1 76  ? -16.469 5.846   0.907   1.00 11.84 ? 76  VAL A CB  1 
ATOM   562  C CG1 . VAL A 1 76  ? -17.308 7.033   1.375   1.00 11.51 ? 76  VAL A CG1 1 
ATOM   563  C CG2 . VAL A 1 76  ? -15.088 5.977   1.539   1.00 12.37 ? 76  VAL A CG2 1 
ATOM   564  N N   . GLN A 1 77  ? -18.651 4.173   -0.552  1.00 13.41 ? 77  GLN A N   1 
ATOM   565  C CA  . GLN A 1 77  ? -19.929 4.115   -1.248  1.00 15.51 ? 77  GLN A CA  1 
ATOM   566  C C   . GLN A 1 77  ? -20.725 2.825   -1.120  1.00 15.49 ? 77  GLN A C   1 
ATOM   567  O O   . GLN A 1 77  ? -21.954 2.882   -1.149  1.00 16.41 ? 77  GLN A O   1 
ATOM   568  C CB  . GLN A 1 77  ? -19.737 4.379   -2.748  1.00 18.16 ? 77  GLN A CB  1 
ATOM   569  C CG  . GLN A 1 77  ? -19.089 5.712   -3.138  1.00 22.79 ? 77  GLN A CG  1 
ATOM   570  C CD  . GLN A 1 77  ? -19.768 6.942   -2.539  1.00 27.03 ? 77  GLN A CD  1 
ATOM   571  O OE1 . GLN A 1 77  ? -20.981 7.138   -2.659  1.00 28.77 ? 77  GLN A OE1 1 
ATOM   572  N NE2 . GLN A 1 77  ? -19.001 7.800   -1.857  1.00 27.67 ? 77  GLN A NE2 1 
ATOM   573  N N   . GLU A 1 78  ? -20.078 1.664   -0.962  1.00 14.20 ? 78  GLU A N   1 
ATOM   574  C CA  . GLU A 1 78  ? -20.783 0.391   -0.870  1.00 13.95 ? 78  GLU A CA  1 
ATOM   575  C C   . GLU A 1 78  ? -20.669 -0.353  0.450   1.00 13.20 ? 78  GLU A C   1 
ATOM   576  O O   . GLU A 1 78  ? -21.528 -1.193  0.743   1.00 15.12 ? 78  GLU A O   1 
ATOM   577  C CB  . GLU A 1 78  ? -20.318 -0.573  -1.962  1.00 14.30 ? 78  GLU A CB  1 
ATOM   578  C CG  . GLU A 1 78  ? -20.477 -0.087  -3.403  1.00 16.39 ? 78  GLU A CG  1 
ATOM   579  C CD  . GLU A 1 78  ? -21.900 0.183   -3.866  1.00 18.23 ? 78  GLU A CD  1 
ATOM   580  O OE1 . GLU A 1 78  ? -22.113 1.183   -4.551  1.00 20.44 ? 78  GLU A OE1 1 
ATOM   581  O OE2 . GLU A 1 78  ? -22.796 -0.600  -3.546  1.00 19.76 ? 78  GLU A OE2 1 
ATOM   582  N N   . ASN A 1 79  A -19.625 -0.117  1.254   1.00 11.89 ? 78  ASN A N   1 
ATOM   583  C CA  . ASN A 1 79  A -19.503 -0.817  2.520   1.00 10.10 ? 78  ASN A CA  1 
ATOM   584  C C   . ASN A 1 79  A -19.701 0.076   3.746   1.00 10.00 ? 78  ASN A C   1 
ATOM   585  O O   . ASN A 1 79  A -19.274 -0.287  4.846   1.00 11.21 ? 78  ASN A O   1 
ATOM   586  C CB  . ASN A 1 79  A -18.134 -1.500  2.578   1.00 8.62  ? 78  ASN A CB  1 
ATOM   587  C CG  . ASN A 1 79  A -18.167 -2.799  3.379   1.00 7.76  ? 78  ASN A CG  1 
ATOM   588  O OD1 . ASN A 1 79  A -17.217 -3.138  4.083   1.00 6.88  ? 78  ASN A OD1 1 
ATOM   589  N ND2 . ASN A 1 79  A -19.236 -3.590  3.288   1.00 5.87  ? 78  ASN A ND2 1 
ATOM   590  N N   . ASN A 1 80  B -20.345 1.249   3.601   1.00 9.71  ? 78  ASN A N   1 
ATOM   591  C CA  . ASN A 1 80  B -20.607 2.182   4.701   1.00 10.48 ? 78  ASN A CA  1 
ATOM   592  C C   . ASN A 1 80  B -19.355 2.600   5.480   1.00 9.65  ? 78  ASN A C   1 
ATOM   593  O O   . ASN A 1 80  B -19.369 2.719   6.710   1.00 11.00 ? 78  ASN A O   1 
ATOM   594  C CB  . ASN A 1 80  B -21.617 1.564   5.681   1.00 10.35 ? 78  ASN A CB  1 
ATOM   595  C CG  . ASN A 1 80  B -22.993 1.377   5.089   1.00 12.30 ? 78  ASN A CG  1 
ATOM   596  O OD1 . ASN A 1 80  B -23.313 0.313   4.566   1.00 14.37 ? 78  ASN A OD1 1 
ATOM   597  N ND2 . ASN A 1 80  B -23.838 2.395   5.184   1.00 10.86 ? 78  ASN A ND2 1 
ATOM   598  N N   . GLY A 1 81  C -18.245 2.767   4.749   1.00 8.01  ? 78  GLY A N   1 
ATOM   599  C CA  . GLY A 1 81  C -16.960 3.162   5.308   1.00 8.01  ? 78  GLY A CA  1 
ATOM   600  C C   . GLY A 1 81  C -16.233 2.071   6.084   1.00 7.73  ? 78  GLY A C   1 
ATOM   601  O O   . GLY A 1 81  C -15.124 2.324   6.539   1.00 7.89  ? 78  GLY A O   1 
ATOM   602  N N   . ALA A 1 82  ? -16.781 0.853   6.217   1.00 8.14  ? 79  ALA A N   1 
ATOM   603  C CA  . ALA A 1 82  ? -16.177 -0.207  7.009   1.00 8.47  ? 79  ALA A CA  1 
ATOM   604  C C   . ALA A 1 82  ? -15.033 -0.988  6.388   1.00 10.00 ? 79  ALA A C   1 
ATOM   605  O O   . ALA A 1 82  ? -15.035 -1.325  5.195   1.00 11.49 ? 79  ALA A O   1 
ATOM   606  C CB  . ALA A 1 82  ? -17.241 -1.223  7.414   1.00 8.09  ? 79  ALA A CB  1 
ATOM   607  N N   . VAL A 1 83  ? -14.030 -1.245  7.227   1.00 8.14  ? 80  VAL A N   1 
ATOM   608  C CA  . VAL A 1 83  ? -12.900 -2.067  6.825   1.00 8.41  ? 80  VAL A CA  1 
ATOM   609  C C   . VAL A 1 83  ? -12.750 -3.106  7.933   1.00 8.40  ? 80  VAL A C   1 
ATOM   610  O O   . VAL A 1 83  ? -12.546 -2.756  9.089   1.00 8.20  ? 80  VAL A O   1 
ATOM   611  C CB  . VAL A 1 83  ? -11.586 -1.235  6.697   1.00 7.00  ? 80  VAL A CB  1 
ATOM   612  C CG1 . VAL A 1 83  ? -10.463 -2.176  6.266   1.00 7.22  ? 80  VAL A CG1 1 
ATOM   613  C CG2 . VAL A 1 83  ? -11.740 -0.101  5.686   1.00 6.27  ? 80  VAL A CG2 1 
ATOM   614  N N   . TYR A 1 84  ? -12.838 -4.396  7.615   1.00 6.57  ? 81  TYR A N   1 
ATOM   615  C CA  . TYR A 1 84  ? -12.799 -5.443  8.630   1.00 6.45  ? 81  TYR A CA  1 
ATOM   616  C C   . TYR A 1 84  ? -11.403 -5.775  9.099   1.00 7.34  ? 81  TYR A C   1 
ATOM   617  O O   . TYR A 1 84  ? -10.443 -5.511  8.378   1.00 6.56  ? 81  TYR A O   1 
ATOM   618  C CB  . TYR A 1 84  ? -13.395 -6.765  8.130   1.00 8.41  ? 81  TYR A CB  1 
ATOM   619  C CG  . TYR A 1 84  ? -14.787 -6.656  7.532   1.00 9.67  ? 81  TYR A CG  1 
ATOM   620  C CD1 . TYR A 1 84  ? -15.838 -6.029  8.208   1.00 11.97 ? 81  TYR A CD1 1 
ATOM   621  C CD2 . TYR A 1 84  ? -15.006 -7.204  6.271   1.00 10.35 ? 81  TYR A CD2 1 
ATOM   622  C CE1 . TYR A 1 84  ? -17.104 -5.952  7.614   1.00 12.24 ? 81  TYR A CE1 1 
ATOM   623  C CE2 . TYR A 1 84  ? -16.264 -7.124  5.674   1.00 9.87  ? 81  TYR A CE2 1 
ATOM   624  C CZ  . TYR A 1 84  ? -17.306 -6.506  6.346   1.00 10.81 ? 81  TYR A CZ  1 
ATOM   625  O OH  . TYR A 1 84  ? -18.542 -6.471  5.743   1.00 14.51 ? 81  TYR A OH  1 
ATOM   626  N N   . THR A 1 85  ? -11.281 -6.353  10.300  1.00 7.12  ? 82  THR A N   1 
ATOM   627  C CA  . THR A 1 85  ? -9.987  -6.796  10.790  1.00 7.16  ? 82  THR A CA  1 
ATOM   628  C C   . THR A 1 85  ? -9.559  -8.022  10.004  1.00 6.83  ? 82  THR A C   1 
ATOM   629  O O   . THR A 1 85  ? -10.395 -8.793  9.534   1.00 4.87  ? 82  THR A O   1 
ATOM   630  C CB  . THR A 1 85  ? -10.024 -7.165  12.297  1.00 8.32  ? 82  THR A CB  1 
ATOM   631  O OG1 . THR A 1 85  ? -10.977 -8.194  12.496  1.00 8.23  ? 82  THR A OG1 1 
ATOM   632  C CG2 . THR A 1 85  ? -10.371 -5.956  13.148  1.00 6.49  ? 82  THR A CG2 1 
ATOM   633  N N   . GLU A 1 86  ? -8.248  -8.205  9.863   1.00 8.13  ? 83  GLU A N   1 
ATOM   634  C CA  . GLU A 1 86  ? -7.688  -9.341  9.159   1.00 9.48  ? 83  GLU A CA  1 
ATOM   635  C C   . GLU A 1 86  ? -8.012  -10.612 9.908   1.00 10.30 ? 83  GLU A C   1 
ATOM   636  O O   . GLU A 1 86  ? -8.254  -11.631 9.273   1.00 9.25  ? 83  GLU A O   1 
ATOM   637  C CB  . GLU A 1 86  ? -6.169  -9.188  9.030   1.00 11.42 ? 83  GLU A CB  1 
ATOM   638  C CG  . GLU A 1 86  ? -5.501  -10.219 8.112   1.00 12.08 ? 83  GLU A CG  1 
ATOM   639  C CD  . GLU A 1 86  ? -3.988  -10.058 7.937   1.00 14.84 ? 83  GLU A CD  1 
ATOM   640  O OE1 . GLU A 1 86  ? -3.409  -9.067  8.383   1.00 14.05 ? 83  GLU A OE1 1 
ATOM   641  O OE2 . GLU A 1 86  ? -3.369  -10.938 7.339   1.00 15.35 ? 83  GLU A OE2 1 
ATOM   642  N N   . ASP A 1 87  ? -8.053  -10.577 11.243  1.00 10.55 ? 84  ASP A N   1 
ATOM   643  C CA  . ASP A 1 87  ? -8.388  -11.756 12.032  1.00 12.44 ? 84  ASP A CA  1 
ATOM   644  C C   . ASP A 1 87  ? -9.804  -12.272 11.836  1.00 11.32 ? 84  ASP A C   1 
ATOM   645  O O   . ASP A 1 87  ? -10.037 -13.475 11.941  1.00 10.54 ? 84  ASP A O   1 
ATOM   646  C CB  . ASP A 1 87  ? -8.219  -11.478 13.514  1.00 16.81 ? 84  ASP A CB  1 
ATOM   647  C CG  . ASP A 1 87  ? -6.804  -11.215 13.984  1.00 20.72 ? 84  ASP A CG  1 
ATOM   648  O OD1 . ASP A 1 87  ? -5.837  -11.698 13.385  1.00 22.89 ? 84  ASP A OD1 1 
ATOM   649  O OD2 . ASP A 1 87  ? -6.684  -10.516 14.986  1.00 25.36 ? 84  ASP A OD2 1 
ATOM   650  N N   . SER A 1 88  ? -10.757 -11.365 11.592  1.00 10.38 ? 85  SER A N   1 
ATOM   651  C CA  . SER A 1 88  ? -12.131 -11.753 11.364  1.00 10.63 ? 85  SER A CA  1 
ATOM   652  C C   . SER A 1 88  ? -12.411 -12.071 9.900   1.00 11.38 ? 85  SER A C   1 
ATOM   653  O O   . SER A 1 88  ? -13.457 -12.656 9.621   1.00 13.01 ? 85  SER A O   1 
ATOM   654  C CB  . SER A 1 88  ? -13.076 -10.656 11.809  1.00 10.68 ? 85  SER A CB  1 
ATOM   655  O OG  . SER A 1 88  ? -12.962 -9.509  10.993  1.00 10.04 ? 85  SER A OG  1 
ATOM   656  N N   . TYR A 1 89  ? -11.528 -11.676 8.963   1.00 9.57  ? 86  TYR A N   1 
ATOM   657  C CA  . TYR A 1 89  ? -11.649 -12.043 7.554   1.00 8.77  ? 86  TYR A CA  1 
ATOM   658  C C   . TYR A 1 89  ? -10.241 -12.295 7.008   1.00 8.38  ? 86  TYR A C   1 
ATOM   659  O O   . TYR A 1 89  ? -9.686  -11.442 6.313   1.00 9.19  ? 86  TYR A O   1 
ATOM   660  C CB  . TYR A 1 89  ? -12.322 -10.919 6.751   1.00 8.40  ? 86  TYR A CB  1 
ATOM   661  C CG  . TYR A 1 89  ? -13.023 -11.336 5.459   1.00 9.61  ? 86  TYR A CG  1 
ATOM   662  C CD1 . TYR A 1 89  ? -12.806 -12.582 4.845   1.00 11.92 ? 86  TYR A CD1 1 
ATOM   663  C CD2 . TYR A 1 89  ? -13.952 -10.464 4.901   1.00 9.57  ? 86  TYR A CD2 1 
ATOM   664  C CE1 . TYR A 1 89  ? -13.509 -12.941 3.691   1.00 10.73 ? 86  TYR A CE1 1 
ATOM   665  C CE2 . TYR A 1 89  ? -14.659 -10.818 3.748   1.00 10.09 ? 86  TYR A CE2 1 
ATOM   666  C CZ  . TYR A 1 89  ? -14.443 -12.060 3.150   1.00 10.49 ? 86  TYR A CZ  1 
ATOM   667  O OH  . TYR A 1 89  ? -15.185 -12.414 2.036   1.00 10.34 ? 86  TYR A OH  1 
ATOM   668  N N   . PRO A 1 90  ? -9.603  -13.448 7.296   1.00 7.57  ? 87  PRO A N   1 
ATOM   669  C CA  . PRO A 1 90  ? -8.230  -13.749 6.894   1.00 7.45  ? 87  PRO A CA  1 
ATOM   670  C C   . PRO A 1 90  ? -8.063  -13.900 5.391   1.00 8.47  ? 87  PRO A C   1 
ATOM   671  O O   . PRO A 1 90  ? -9.038  -14.062 4.653   1.00 7.72  ? 87  PRO A O   1 
ATOM   672  C CB  . PRO A 1 90  ? -7.876  -15.014 7.630   1.00 6.71  ? 87  PRO A CB  1 
ATOM   673  C CG  . PRO A 1 90  ? -8.955  -15.202 8.659   1.00 8.08  ? 87  PRO A CG  1 
ATOM   674  C CD  . PRO A 1 90  ? -10.178 -14.571 8.028   1.00 7.32  ? 87  PRO A CD  1 
ATOM   675  N N   . TYR A 1 91  ? -6.807  -13.846 4.935   1.00 8.56  ? 88  TYR A N   1 
ATOM   676  C CA  . TYR A 1 91  ? -6.516  -13.994 3.524   1.00 9.19  ? 88  TYR A CA  1 
ATOM   677  C C   . TYR A 1 91  ? -6.740  -15.456 3.153   1.00 8.92  ? 88  TYR A C   1 
ATOM   678  O O   . TYR A 1 91  ? -6.292  -16.387 3.815   1.00 9.34  ? 88  TYR A O   1 
ATOM   679  C CB  . TYR A 1 91  ? -5.077  -13.603 3.244   1.00 9.05  ? 88  TYR A CB  1 
ATOM   680  C CG  . TYR A 1 91  ? -4.791  -13.336 1.768   1.00 6.97  ? 88  TYR A CG  1 
ATOM   681  C CD1 . TYR A 1 91  ? -5.481  -12.312 1.111   1.00 6.36  ? 88  TYR A CD1 1 
ATOM   682  C CD2 . TYR A 1 91  ? -3.802  -14.072 1.102   1.00 6.10  ? 88  TYR A CD2 1 
ATOM   683  C CE1 . TYR A 1 91  ? -5.186  -12.019 -0.217  1.00 4.15  ? 88  TYR A CE1 1 
ATOM   684  C CE2 . TYR A 1 91  ? -3.502  -13.776 -0.226  1.00 4.23  ? 88  TYR A CE2 1 
ATOM   685  C CZ  . TYR A 1 91  ? -4.187  -12.744 -0.871  1.00 5.32  ? 88  TYR A CZ  1 
ATOM   686  O OH  . TYR A 1 91  ? -3.878  -12.427 -2.174  1.00 5.10  ? 88  TYR A OH  1 
ATOM   687  N N   . ALA A 1 92  ? -7.524  -15.594 2.095   1.00 9.91  ? 89  ALA A N   1 
ATOM   688  C CA  . ALA A 1 92  ? -7.949  -16.873 1.560   1.00 9.69  ? 89  ALA A CA  1 
ATOM   689  C C   . ALA A 1 92  ? -7.669  -16.974 0.060   1.00 8.99  ? 89  ALA A C   1 
ATOM   690  O O   . ALA A 1 92  ? -8.066  -17.956 -0.568  1.00 9.66  ? 89  ALA A O   1 
ATOM   691  C CB  . ALA A 1 92  ? -9.451  -17.041 1.800   1.00 7.17  ? 89  ALA A CB  1 
ATOM   692  N N   . SER A 1 93  A -6.968  -15.996 -0.539  1.00 8.71  ? 89  SER A N   1 
ATOM   693  C CA  . SER A 1 93  A -6.690  -15.992 -1.971  1.00 7.79  ? 89  SER A CA  1 
ATOM   694  C C   . SER A 1 93  A -5.284  -16.369 -2.427  1.00 7.32  ? 89  SER A C   1 
ATOM   695  O O   . SER A 1 93  A -4.942  -16.179 -3.596  1.00 8.97  ? 89  SER A O   1 
ATOM   696  C CB  . SER A 1 93  A -7.007  -14.623 -2.533  1.00 6.93  ? 89  SER A CB  1 
ATOM   697  O OG  . SER A 1 93  A -8.382  -14.357 -2.443  1.00 8.02  ? 89  SER A OG  1 
ATOM   698  N N   . GLY A 1 94  B -4.466  -16.950 -1.540  1.00 7.51  ? 89  GLY A N   1 
ATOM   699  C CA  . GLY A 1 94  B -3.084  -17.302 -1.835  1.00 8.44  ? 89  GLY A CA  1 
ATOM   700  C C   . GLY A 1 94  B -2.886  -18.333 -2.947  1.00 10.33 ? 89  GLY A C   1 
ATOM   701  O O   . GLY A 1 94  B -1.802  -18.393 -3.533  1.00 9.77  ? 89  GLY A O   1 
ATOM   702  N N   . GLU A 1 95  C -3.891  -19.177 -3.256  1.00 11.73 ? 89  GLU A N   1 
ATOM   703  C CA  . GLU A 1 95  C -3.760  -20.107 -4.368  1.00 12.84 ? 89  GLU A CA  1 
ATOM   704  C C   . GLU A 1 95  C -4.089  -19.460 -5.714  1.00 13.29 ? 89  GLU A C   1 
ATOM   705  O O   . GLU A 1 95  C -3.787  -20.050 -6.753  1.00 14.91 ? 89  GLU A O   1 
ATOM   706  C CB  . GLU A 1 95  C -4.655  -21.337 -4.149  1.00 13.59 ? 89  GLU A CB  1 
ATOM   707  C CG  . GLU A 1 95  C -4.320  -22.223 -2.946  1.00 14.32 ? 89  GLU A CG  1 
ATOM   708  C CD  . GLU A 1 95  C -2.880  -22.713 -2.856  1.00 16.86 ? 89  GLU A CD  1 
ATOM   709  O OE1 . GLU A 1 95  C -2.365  -23.306 -3.807  1.00 17.99 ? 89  GLU A OE1 1 
ATOM   710  O OE2 . GLU A 1 95  C -2.264  -22.494 -1.810  1.00 18.59 ? 89  GLU A OE2 1 
ATOM   711  N N   . GLY A 1 96  ? -4.637  -18.240 -5.760  1.00 11.97 ? 90  GLY A N   1 
ATOM   712  C CA  . GLY A 1 96  ? -4.881  -17.546 -7.013  1.00 13.66 ? 90  GLY A CA  1 
ATOM   713  C C   . GLY A 1 96  ? -6.345  -17.352 -7.354  1.00 14.90 ? 90  GLY A C   1 
ATOM   714  O O   . GLY A 1 96  ? -6.673  -16.854 -8.432  1.00 17.11 ? 90  GLY A O   1 
ATOM   715  N N   . ILE A 1 97  ? -7.244  -17.766 -6.462  1.00 15.87 ? 91  ILE A N   1 
ATOM   716  C CA  . ILE A 1 97  ? -8.676  -17.581 -6.659  1.00 18.71 ? 91  ILE A CA  1 
ATOM   717  C C   . ILE A 1 97  ? -9.274  -16.802 -5.486  1.00 18.43 ? 91  ILE A C   1 
ATOM   718  O O   . ILE A 1 97  ? -8.743  -16.829 -4.374  1.00 18.19 ? 91  ILE A O   1 
ATOM   719  C CB  . ILE A 1 97  ? -9.417  -18.941 -6.767  1.00 20.83 ? 91  ILE A CB  1 
ATOM   720  C CG1 . ILE A 1 97  ? -9.090  -19.801 -5.547  1.00 22.42 ? 91  ILE A CG1 1 
ATOM   721  C CG2 . ILE A 1 97  ? -9.036  -19.626 -8.088  1.00 22.38 ? 91  ILE A CG2 1 
ATOM   722  C CD1 . ILE A 1 97  ? -10.034 -20.980 -5.360  1.00 25.58 ? 91  ILE A CD1 1 
ATOM   723  N N   . SER A 1 98  ? -10.371 -16.079 -5.721  1.00 17.33 ? 92  SER A N   1 
ATOM   724  C CA  . SER A 1 98  ? -11.043 -15.396 -4.640  1.00 16.87 ? 92  SER A CA  1 
ATOM   725  C C   . SER A 1 98  ? -12.390 -16.031 -4.359  1.00 16.52 ? 92  SER A C   1 
ATOM   726  O O   . SER A 1 98  ? -13.315 -15.904 -5.168  1.00 16.58 ? 92  SER A O   1 
ATOM   727  C CB  . SER A 1 98  ? -11.243 -13.913 -4.960  1.00 17.34 ? 92  SER A CB  1 
ATOM   728  O OG  . SER A 1 98  ? -11.729 -13.683 -6.267  1.00 20.71 ? 92  SER A OG  1 
ATOM   729  N N   . PRO A 1 99  ? -12.554 -16.700 -3.203  1.00 14.96 ? 93  PRO A N   1 
ATOM   730  C CA  . PRO A 1 99  ? -13.830 -17.239 -2.731  1.00 14.14 ? 93  PRO A CA  1 
ATOM   731  C C   . PRO A 1 99  ? -14.978 -16.223 -2.733  1.00 14.09 ? 93  PRO A C   1 
ATOM   732  O O   . PRO A 1 99  ? -14.706 -15.017 -2.758  1.00 13.60 ? 93  PRO A O   1 
ATOM   733  C CB  . PRO A 1 99  ? -13.477 -17.763 -1.358  1.00 14.54 ? 93  PRO A CB  1 
ATOM   734  C CG  . PRO A 1 99  ? -12.025 -18.163 -1.482  1.00 16.02 ? 93  PRO A CG  1 
ATOM   735  C CD  . PRO A 1 99  ? -11.486 -16.972 -2.249  1.00 14.50 ? 93  PRO A CD  1 
ATOM   736  N N   . PRO A 1 100 ? -16.271 -16.601 -2.752  1.00 12.87 ? 94  PRO A N   1 
ATOM   737  C CA  . PRO A 1 100 ? -17.396 -15.677 -2.641  1.00 12.27 ? 94  PRO A CA  1 
ATOM   738  C C   . PRO A 1 100 ? -17.333 -14.777 -1.397  1.00 12.24 ? 94  PRO A C   1 
ATOM   739  O O   . PRO A 1 100 ? -16.807 -15.151 -0.341  1.00 11.56 ? 94  PRO A O   1 
ATOM   740  C CB  . PRO A 1 100 ? -18.624 -16.569 -2.637  1.00 11.46 ? 94  PRO A CB  1 
ATOM   741  C CG  . PRO A 1 100 ? -18.151 -17.811 -3.362  1.00 13.73 ? 94  PRO A CG  1 
ATOM   742  C CD  . PRO A 1 100 ? -16.743 -17.979 -2.834  1.00 12.63 ? 94  PRO A CD  1 
ATOM   743  N N   . CYS A 1 101 ? -17.823 -13.545 -1.586  1.00 10.72 ? 95  CYS A N   1 
ATOM   744  C CA  . CYS A 1 101 ? -17.897 -12.575 -0.518  1.00 11.95 ? 95  CYS A CA  1 
ATOM   745  C C   . CYS A 1 101 ? -18.887 -12.980 0.567   1.00 14.00 ? 95  CYS A C   1 
ATOM   746  O O   . CYS A 1 101 ? -20.014 -13.403 0.287   1.00 13.00 ? 95  CYS A O   1 
ATOM   747  C CB  . CYS A 1 101 ? -18.324 -11.214 -1.060  1.00 10.84 ? 95  CYS A CB  1 
ATOM   748  S SG  . CYS A 1 101 ? -18.558 -9.952  0.236   1.00 10.21 ? 95  CYS A SG  1 
ATOM   749  N N   . THR A 1 102 ? -18.441 -12.844 1.821   1.00 16.01 ? 96  THR A N   1 
ATOM   750  C CA  . THR A 1 102 ? -19.333 -13.016 2.956   1.00 18.63 ? 96  THR A CA  1 
ATOM   751  C C   . THR A 1 102 ? -19.459 -11.628 3.619   1.00 18.82 ? 96  THR A C   1 
ATOM   752  O O   . THR A 1 102 ? -18.465 -10.962 3.942   1.00 16.92 ? 96  THR A O   1 
ATOM   753  C CB  . THR A 1 102 ? -18.750 -14.165 3.896   1.00 21.35 ? 96  THR A CB  1 
ATOM   754  O OG1 . THR A 1 102 ? -18.730 -13.621 5.198   1.00 25.22 ? 96  THR A OG1 1 
ATOM   755  C CG2 . THR A 1 102 ? -17.340 -14.673 3.568   1.00 22.96 ? 96  THR A CG2 1 
ATOM   756  N N   . THR A 1 103 ? -20.713 -11.159 3.768   1.00 19.74 ? 97  THR A N   1 
ATOM   757  C CA  . THR A 1 103 ? -21.035 -9.836  4.322   1.00 20.00 ? 97  THR A CA  1 
ATOM   758  C C   . THR A 1 103 ? -21.280 -9.724  5.827   1.00 17.91 ? 97  THR A C   1 
ATOM   759  O O   . THR A 1 103 ? -21.595 -8.641  6.333   1.00 19.04 ? 97  THR A O   1 
ATOM   760  C CB  . THR A 1 103 ? -22.273 -9.235  3.606   1.00 21.54 ? 97  THR A CB  1 
ATOM   761  O OG1 . THR A 1 103 ? -23.249 -10.280 3.572   1.00 26.17 ? 97  THR A OG1 1 
ATOM   762  C CG2 . THR A 1 103 ? -21.950 -8.663  2.226   1.00 23.14 ? 97  THR A CG2 1 
ATOM   763  N N   . SER A 1 104 ? -21.144 -10.848 6.530   1.00 15.21 ? 98  SER A N   1 
ATOM   764  C CA  . SER A 1 104 ? -21.286 -10.871 7.973   1.00 13.76 ? 98  SER A CA  1 
ATOM   765  C C   . SER A 1 104 ? -20.310 -11.882 8.555   1.00 12.56 ? 98  SER A C   1 
ATOM   766  O O   . SER A 1 104 ? -19.639 -12.604 7.812   1.00 11.56 ? 98  SER A O   1 
ATOM   767  C CB  . SER A 1 104 ? -22.708 -11.265 8.380   1.00 15.24 ? 98  SER A CB  1 
ATOM   768  O OG  . SER A 1 104 ? -23.017 -12.640 8.177   1.00 14.45 ? 98  SER A OG  1 
ATOM   769  N N   . GLY A 1 105 ? -20.264 -11.946 9.893   1.00 11.32 ? 99  GLY A N   1 
ATOM   770  C CA  . GLY A 1 105 ? -19.350 -12.820 10.607  1.00 11.61 ? 99  GLY A CA  1 
ATOM   771  C C   . GLY A 1 105 ? -17.978 -12.161 10.737  1.00 12.41 ? 99  GLY A C   1 
ATOM   772  O O   . GLY A 1 105 ? -16.986 -12.813 11.082  1.00 13.87 ? 99  GLY A O   1 
ATOM   773  N N   . HIS A 1 106 ? -17.898 -10.844 10.454  1.00 12.04 ? 100 HIS A N   1 
ATOM   774  C CA  . HIS A 1 106 ? -16.647 -10.087 10.512  1.00 12.12 ? 100 HIS A CA  1 
ATOM   775  C C   . HIS A 1 106 ? -16.783 -8.911  11.488  1.00 13.51 ? 100 HIS A C   1 
ATOM   776  O O   . HIS A 1 106 ? -17.893 -8.499  11.854  1.00 15.95 ? 100 HIS A O   1 
ATOM   777  C CB  . HIS A 1 106 ? -16.292 -9.571  9.103   1.00 10.75 ? 100 HIS A CB  1 
ATOM   778  C CG  . HIS A 1 106 ? -16.280 -10.679 8.050   1.00 10.61 ? 100 HIS A CG  1 
ATOM   779  N ND1 . HIS A 1 106 ? -15.662 -11.850 8.120   1.00 9.27  ? 100 HIS A ND1 1 
ATOM   780  C CD2 . HIS A 1 106 ? -16.972 -10.644 6.859   1.00 10.50 ? 100 HIS A CD2 1 
ATOM   781  C CE1 . HIS A 1 106 ? -15.941 -12.530 7.037   1.00 10.03 ? 100 HIS A CE1 1 
ATOM   782  N NE2 . HIS A 1 106 ? -16.725 -11.796 6.286   1.00 9.51  ? 100 HIS A NE2 1 
ATOM   783  N N   . THR A 1 107 ? -15.650 -8.359  11.941  1.00 12.80 ? 101 THR A N   1 
ATOM   784  C CA  . THR A 1 107 ? -15.628 -7.229  12.875  1.00 12.31 ? 101 THR A CA  1 
ATOM   785  C C   . THR A 1 107 ? -15.016 -6.017  12.191  1.00 11.17 ? 101 THR A C   1 
ATOM   786  O O   . THR A 1 107 ? -14.013 -6.147  11.483  1.00 9.11  ? 101 THR A O   1 
ATOM   787  C CB  . THR A 1 107 ? -14.784 -7.523  14.131  1.00 12.47 ? 101 THR A CB  1 
ATOM   788  O OG1 . THR A 1 107 ? -15.238 -8.739  14.701  1.00 12.90 ? 101 THR A OG1 1 
ATOM   789  C CG2 . THR A 1 107 ? -14.925 -6.417  15.156  1.00 11.57 ? 101 THR A CG2 1 
ATOM   790  N N   . VAL A 1 108 ? -15.619 -4.836  12.408  1.00 9.02  ? 102 VAL A N   1 
ATOM   791  C CA  . VAL A 1 108 ? -15.110 -3.601  11.841  1.00 9.22  ? 102 VAL A CA  1 
ATOM   792  C C   . VAL A 1 108 ? -13.866 -3.186  12.643  1.00 9.96  ? 102 VAL A C   1 
ATOM   793  O O   . VAL A 1 108 ? -13.895 -3.014  13.863  1.00 10.99 ? 102 VAL A O   1 
ATOM   794  C CB  . VAL A 1 108 ? -16.198 -2.487  11.906  1.00 9.75  ? 102 VAL A CB  1 
ATOM   795  C CG1 . VAL A 1 108 ? -15.690 -1.256  11.151  1.00 8.21  ? 102 VAL A CG1 1 
ATOM   796  C CG2 . VAL A 1 108 ? -17.510 -2.952  11.281  1.00 8.40  ? 102 VAL A CG2 1 
ATOM   797  N N   . GLY A 1 109 ? -12.721 -3.105  11.968  1.00 8.81  ? 103 GLY A N   1 
ATOM   798  C CA  . GLY A 1 109 ? -11.473 -2.695  12.590  1.00 9.63  ? 103 GLY A CA  1 
ATOM   799  C C   . GLY A 1 109 ? -11.149 -1.224  12.351  1.00 11.02 ? 103 GLY A C   1 
ATOM   800  O O   . GLY A 1 109 ? -10.407 -0.628  13.135  1.00 12.88 ? 103 GLY A O   1 
ATOM   801  N N   . ALA A 1 110 ? -11.690 -0.641  11.272  1.00 9.05  ? 105 ALA A N   1 
ATOM   802  C CA  . ALA A 1 110 ? -11.448 0.736   10.882  1.00 8.36  ? 105 ALA A CA  1 
ATOM   803  C C   . ALA A 1 110 ? -12.523 1.297   9.961   1.00 8.56  ? 105 ALA A C   1 
ATOM   804  O O   . ALA A 1 110 ? -13.328 0.549   9.396   1.00 9.74  ? 105 ALA A O   1 
ATOM   805  C CB  . ALA A 1 110 ? -10.119 0.860   10.145  1.00 7.76  ? 105 ALA A CB  1 
ATOM   806  N N   . THR A 1 111 ? -12.575 2.630   9.820   1.00 7.49  ? 106 THR A N   1 
ATOM   807  C CA  . THR A 1 111 ? -13.505 3.274   8.904   1.00 7.67  ? 106 THR A CA  1 
ATOM   808  C C   . THR A 1 111 ? -12.812 4.425   8.202   1.00 7.90  ? 106 THR A C   1 
ATOM   809  O O   . THR A 1 111 ? -11.847 4.984   8.724   1.00 8.91  ? 106 THR A O   1 
ATOM   810  C CB  . THR A 1 111 ? -14.777 3.847   9.601   1.00 8.69  ? 106 THR A CB  1 
ATOM   811  O OG1 . THR A 1 111 ? -14.347 4.742   10.620  1.00 10.49 ? 106 THR A OG1 1 
ATOM   812  C CG2 . THR A 1 111 ? -15.673 2.749   10.160  1.00 9.57  ? 106 THR A CG2 1 
ATOM   813  N N   . ILE A 1 112 ? -13.232 4.741   6.974   1.00 7.20  ? 107 ILE A N   1 
ATOM   814  C CA  . ILE A 1 112 ? -12.679 5.885   6.274   1.00 8.34  ? 107 ILE A CA  1 
ATOM   815  C C   . ILE A 1 112 ? -13.830 6.671   5.680   1.00 7.83  ? 107 ILE A C   1 
ATOM   816  O O   . ILE A 1 112 ? -14.945 6.167   5.531   1.00 9.11  ? 107 ILE A O   1 
ATOM   817  C CB  . ILE A 1 112 ? -11.684 5.502   5.105   1.00 9.16  ? 107 ILE A CB  1 
ATOM   818  C CG1 . ILE A 1 112 ? -12.388 4.763   3.970   1.00 10.01 ? 107 ILE A CG1 1 
ATOM   819  C CG2 . ILE A 1 112 ? -10.549 4.665   5.695   1.00 10.13 ? 107 ILE A CG2 1 
ATOM   820  C CD1 . ILE A 1 112 ? -11.526 4.689   2.691   1.00 11.45 ? 107 ILE A CD1 1 
ATOM   821  N N   . THR A 1 113 ? -13.580 7.935   5.353   1.00 8.37  ? 108 THR A N   1 
ATOM   822  C CA  . THR A 1 113 ? -14.609 8.805   4.798   1.00 9.77  ? 108 THR A CA  1 
ATOM   823  C C   . THR A 1 113 ? -14.393 9.145   3.332   1.00 9.04  ? 108 THR A C   1 
ATOM   824  O O   . THR A 1 113 ? -15.312 9.620   2.661   1.00 11.26 ? 108 THR A O   1 
ATOM   825  C CB  . THR A 1 113 ? -14.678 10.108  5.641   1.00 11.32 ? 108 THR A CB  1 
ATOM   826  O OG1 . THR A 1 113 ? -13.373 10.682  5.680   1.00 13.37 ? 108 THR A OG1 1 
ATOM   827  C CG2 . THR A 1 113 ? -15.190 9.829   7.037   1.00 10.64 ? 108 THR A CG2 1 
ATOM   828  N N   . GLY A 1 114 ? -13.192 8.918   2.793   1.00 7.98  ? 109 GLY A N   1 
ATOM   829  C CA  . GLY A 1 114 ? -12.906 9.225   1.400   1.00 7.83  ? 109 GLY A CA  1 
ATOM   830  C C   . GLY A 1 114 ? -11.434 8.993   1.066   1.00 6.70  ? 109 GLY A C   1 
ATOM   831  O O   . GLY A 1 114 ? -10.739 8.199   1.705   1.00 6.82  ? 109 GLY A O   1 
ATOM   832  N N   . HIS A 1 115 ? -10.956 9.675   0.025   1.00 6.82  ? 110 HIS A N   1 
ATOM   833  C CA  . HIS A 1 115 ? -9.555  9.589   -0.348  1.00 7.49  ? 110 HIS A CA  1 
ATOM   834  C C   . HIS A 1 115 ? -9.151  10.816  -1.145  1.00 6.56  ? 110 HIS A C   1 
ATOM   835  O O   . HIS A 1 115 ? -9.986  11.555  -1.666  1.00 7.57  ? 110 HIS A O   1 
ATOM   836  C CB  . HIS A 1 115 ? -9.274  8.317   -1.196  1.00 8.21  ? 110 HIS A CB  1 
ATOM   837  C CG  . HIS A 1 115 ? -9.797  8.382   -2.627  1.00 8.47  ? 110 HIS A CG  1 
ATOM   838  N ND1 . HIS A 1 115 ? -11.056 8.429   -3.042  1.00 9.15  ? 110 HIS A ND1 1 
ATOM   839  C CD2 . HIS A 1 115 ? -8.989  8.491   -3.733  1.00 9.45  ? 110 HIS A CD2 1 
ATOM   840  C CE1 . HIS A 1 115 ? -11.045 8.572   -4.346  1.00 9.91  ? 110 HIS A CE1 1 
ATOM   841  N NE2 . HIS A 1 115 ? -9.801  8.608   -4.750  1.00 9.03  ? 110 HIS A NE2 1 
ATOM   842  N N   . VAL A 1 116 ? -7.842  11.027  -1.222  1.00 7.74  ? 111 VAL A N   1 
ATOM   843  C CA  . VAL A 1 116 ? -7.269  12.106  -2.017  1.00 8.39  ? 111 VAL A CA  1 
ATOM   844  C C   . VAL A 1 116 ? -6.259  11.538  -3.007  1.00 7.99  ? 111 VAL A C   1 
ATOM   845  O O   . VAL A 1 116 ? -5.607  10.530  -2.747  1.00 5.28  ? 111 VAL A O   1 
ATOM   846  C CB  . VAL A 1 116 ? -6.528  13.175  -1.146  1.00 8.07  ? 111 VAL A CB  1 
ATOM   847  C CG1 . VAL A 1 116 ? -7.566  14.036  -0.460  1.00 10.52 ? 111 VAL A CG1 1 
ATOM   848  C CG2 . VAL A 1 116 ? -5.613  12.523  -0.110  1.00 9.08  ? 111 VAL A CG2 1 
ATOM   849  N N   . GLU A 1 117 ? -6.174  12.177  -4.169  1.00 8.60  ? 112 GLU A N   1 
ATOM   850  C CA  . GLU A 1 117 ? -5.165  11.828  -5.156  1.00 11.31 ? 112 GLU A CA  1 
ATOM   851  C C   . GLU A 1 117 ? -4.139  12.957  -5.108  1.00 12.15 ? 112 GLU A C   1 
ATOM   852  O O   . GLU A 1 117 ? -4.454  14.151  -5.223  1.00 11.58 ? 112 GLU A O   1 
ATOM   853  C CB  . GLU A 1 117 ? -5.823  11.711  -6.539  1.00 12.95 ? 112 GLU A CB  1 
ATOM   854  C CG  . GLU A 1 117 ? -6.707  10.449  -6.590  1.00 16.63 ? 112 GLU A CG  1 
ATOM   855  C CD  . GLU A 1 117 ? -7.682  10.305  -7.759  1.00 18.28 ? 112 GLU A CD  1 
ATOM   856  O OE1 . GLU A 1 117 ? -7.355  10.687  -8.885  1.00 18.17 ? 112 GLU A OE1 1 
ATOM   857  O OE2 . GLU A 1 117 ? -8.780  9.789   -7.535  1.00 19.07 ? 112 GLU A OE2 1 
ATOM   858  N N   . LEU A 1 118 ? -2.906  12.510  -4.877  1.00 11.21 ? 113 LEU A N   1 
ATOM   859  C CA  . LEU A 1 118 ? -1.750  13.376  -4.738  1.00 12.32 ? 113 LEU A CA  1 
ATOM   860  C C   . LEU A 1 118 ? -1.117  13.794  -6.062  1.00 12.37 ? 113 LEU A C   1 
ATOM   861  O O   . LEU A 1 118 ? -1.224  13.035  -7.029  1.00 12.74 ? 113 LEU A O   1 
ATOM   862  C CB  . LEU A 1 118 ? -0.705  12.660  -3.873  1.00 12.53 ? 113 LEU A CB  1 
ATOM   863  C CG  . LEU A 1 118 ? -1.041  12.131  -2.476  1.00 13.93 ? 113 LEU A CG  1 
ATOM   864  C CD1 . LEU A 1 118 ? 0.262   11.989  -1.719  1.00 14.15 ? 113 LEU A CD1 1 
ATOM   865  C CD2 . LEU A 1 118 ? -1.940  13.081  -1.706  1.00 15.41 ? 113 LEU A CD2 1 
ATOM   866  N N   . PRO A 1 119 ? -0.412  14.945  -6.173  1.00 13.74 ? 114 PRO A N   1 
ATOM   867  C CA  . PRO A 1 119 ? 0.234   15.428  -7.394  1.00 13.52 ? 114 PRO A CA  1 
ATOM   868  C C   . PRO A 1 119 ? 1.296   14.476  -7.939  1.00 12.99 ? 114 PRO A C   1 
ATOM   869  O O   . PRO A 1 119 ? 1.909   13.704  -7.199  1.00 12.24 ? 114 PRO A O   1 
ATOM   870  C CB  . PRO A 1 119 ? 0.824   16.777  -7.018  1.00 13.16 ? 114 PRO A CB  1 
ATOM   871  C CG  . PRO A 1 119 ? 0.028   17.222  -5.820  1.00 13.73 ? 114 PRO A CG  1 
ATOM   872  C CD  . PRO A 1 119 ? -0.161  15.901  -5.090  1.00 13.58 ? 114 PRO A CD  1 
ATOM   873  N N   . GLN A 1 120 ? 1.536   14.518  -9.248  1.00 13.50 ? 115 GLN A N   1 
ATOM   874  C CA  . GLN A 1 120 ? 2.544   13.670  -9.868  1.00 13.98 ? 115 GLN A CA  1 
ATOM   875  C C   . GLN A 1 120 ? 3.894   14.383  -9.787  1.00 13.15 ? 115 GLN A C   1 
ATOM   876  O O   . GLN A 1 120 ? 4.458   14.886  -10.766 1.00 12.16 ? 115 GLN A O   1 
ATOM   877  C CB  . GLN A 1 120 ? 2.094   13.404  -11.303 1.00 15.48 ? 115 GLN A CB  1 
ATOM   878  C CG  . GLN A 1 120 ? 0.764   12.661  -11.337 1.00 18.16 ? 115 GLN A CG  1 
ATOM   879  C CD  . GLN A 1 120 ? 0.213   12.504  -12.740 1.00 21.80 ? 115 GLN A CD  1 
ATOM   880  O OE1 . GLN A 1 120 ? -0.059  13.489  -13.424 1.00 24.53 ? 115 GLN A OE1 1 
ATOM   881  N NE2 . GLN A 1 120 ? 0.025   11.273  -13.217 1.00 22.54 ? 115 GLN A NE2 1 
ATOM   882  N N   . ASP A 1 121 ? 4.407   14.429  -8.550  1.00 12.06 ? 116 ASP A N   1 
ATOM   883  C CA  . ASP A 1 121 ? 5.636   15.152  -8.255  1.00 11.61 ? 116 ASP A CA  1 
ATOM   884  C C   . ASP A 1 121 ? 6.192   14.551  -6.975  1.00 10.61 ? 116 ASP A C   1 
ATOM   885  O O   . ASP A 1 121 ? 5.509   14.553  -5.948  1.00 8.55  ? 116 ASP A O   1 
ATOM   886  C CB  . ASP A 1 121 ? 5.290   16.643  -8.082  1.00 13.38 ? 116 ASP A CB  1 
ATOM   887  C CG  . ASP A 1 121 ? 6.459   17.608  -7.954  1.00 14.79 ? 116 ASP A CG  1 
ATOM   888  O OD1 . ASP A 1 121 ? 7.299   17.450  -7.073  1.00 15.63 ? 116 ASP A OD1 1 
ATOM   889  O OD2 . ASP A 1 121 ? 6.507   18.559  -8.726  1.00 20.13 ? 116 ASP A OD2 1 
ATOM   890  N N   . GLU A 1 122 ? 7.429   14.042  -7.020  1.00 9.25  ? 117 GLU A N   1 
ATOM   891  C CA  . GLU A 1 122 ? 8.029   13.403  -5.862  1.00 10.51 ? 117 GLU A CA  1 
ATOM   892  C C   . GLU A 1 122 ? 8.301   14.299  -4.671  1.00 9.69  ? 117 GLU A C   1 
ATOM   893  O O   . GLU A 1 122 ? 8.206   13.820  -3.544  1.00 10.84 ? 117 GLU A O   1 
ATOM   894  C CB  . GLU A 1 122 ? 9.334   12.736  -6.245  1.00 9.44  ? 117 GLU A CB  1 
ATOM   895  C CG  . GLU A 1 122 ? 9.081   11.444  -7.005  1.00 9.35  ? 117 GLU A CG  1 
ATOM   896  C CD  . GLU A 1 122 ? 10.375  10.873  -7.522  1.00 9.72  ? 117 GLU A CD  1 
ATOM   897  O OE1 . GLU A 1 122 ? 10.814  11.324  -8.572  1.00 11.14 ? 117 GLU A OE1 1 
ATOM   898  O OE2 . GLU A 1 122 ? 10.957  10.011  -6.873  1.00 10.60 ? 117 GLU A OE2 1 
ATOM   899  N N   . ALA A 1 123 ? 8.623   15.577  -4.897  1.00 9.32  ? 118 ALA A N   1 
ATOM   900  C CA  . ALA A 1 123 ? 8.852   16.516  -3.804  1.00 10.28 ? 118 ALA A CA  1 
ATOM   901  C C   . ALA A 1 123 ? 7.539   16.800  -3.071  1.00 10.02 ? 118 ALA A C   1 
ATOM   902  O O   . ALA A 1 123 ? 7.493   16.844  -1.840  1.00 10.47 ? 118 ALA A O   1 
ATOM   903  C CB  . ALA A 1 123 ? 9.407   17.835  -4.342  1.00 11.11 ? 118 ALA A CB  1 
ATOM   904  N N   . GLN A 1 124 ? 6.448   16.957  -3.839  1.00 11.26 ? 119 GLN A N   1 
ATOM   905  C CA  . GLN A 1 124 ? 5.126   17.182  -3.284  1.00 11.44 ? 119 GLN A CA  1 
ATOM   906  C C   . GLN A 1 124 ? 4.641   15.949  -2.537  1.00 11.36 ? 119 GLN A C   1 
ATOM   907  O O   . GLN A 1 124 ? 4.093   16.077  -1.444  1.00 12.60 ? 119 GLN A O   1 
ATOM   908  C CB  . GLN A 1 124 ? 4.151   17.543  -4.403  1.00 12.22 ? 119 GLN A CB  1 
ATOM   909  C CG  . GLN A 1 124 ? 4.570   18.896  -4.962  1.00 13.91 ? 119 GLN A CG  1 
ATOM   910  C CD  . GLN A 1 124 ? 3.588   19.507  -5.950  1.00 15.68 ? 119 GLN A CD  1 
ATOM   911  O OE1 . GLN A 1 124 ? 2.430   19.806  -5.640  1.00 19.47 ? 119 GLN A OE1 1 
ATOM   912  N NE2 . GLN A 1 124 ? 4.045   19.897  -7.136  1.00 18.05 ? 119 GLN A NE2 1 
ATOM   913  N N   . ILE A 1 125 ? 4.896   14.740  -3.048  1.00 9.63  ? 120 ILE A N   1 
ATOM   914  C CA  . ILE A 1 125 ? 4.497   13.514  -2.362  1.00 8.13  ? 120 ILE A CA  1 
ATOM   915  C C   . ILE A 1 125 ? 5.293   13.360  -1.072  1.00 6.68  ? 120 ILE A C   1 
ATOM   916  O O   . ILE A 1 125 ? 4.708   12.966  -0.067  1.00 5.92  ? 120 ILE A O   1 
ATOM   917  C CB  . ILE A 1 125 ? 4.708   12.279  -3.304  1.00 8.49  ? 120 ILE A CB  1 
ATOM   918  C CG1 . ILE A 1 125 ? 3.750   12.402  -4.488  1.00 8.45  ? 120 ILE A CG1 1 
ATOM   919  C CG2 . ILE A 1 125 ? 4.419   10.957  -2.583  1.00 8.59  ? 120 ILE A CG2 1 
ATOM   920  C CD1 . ILE A 1 125 ? 4.033   11.360  -5.587  1.00 8.47  ? 120 ILE A CD1 1 
ATOM   921  N N   . ALA A 1 126 ? 6.595   13.706  -1.034  1.00 7.15  ? 121 ALA A N   1 
ATOM   922  C CA  . ALA A 1 126 ? 7.400   13.601  0.189   1.00 7.22  ? 121 ALA A CA  1 
ATOM   923  C C   . ALA A 1 126 ? 6.884   14.548  1.275   1.00 7.44  ? 121 ALA A C   1 
ATOM   924  O O   . ALA A 1 126 ? 6.840   14.167  2.442   1.00 7.20  ? 121 ALA A O   1 
ATOM   925  C CB  . ALA A 1 126 ? 8.860   13.964  -0.063  1.00 6.89  ? 121 ALA A CB  1 
ATOM   926  N N   . ALA A 1 127 ? 6.428   15.744  0.878   1.00 7.47  ? 122 ALA A N   1 
ATOM   927  C CA  . ALA A 1 127 ? 5.926   16.757  1.790   1.00 8.85  ? 122 ALA A CA  1 
ATOM   928  C C   . ALA A 1 127 ? 4.642   16.335  2.478   1.00 8.61  ? 122 ALA A C   1 
ATOM   929  O O   . ALA A 1 127 ? 4.470   16.546  3.688   1.00 9.45  ? 122 ALA A O   1 
ATOM   930  C CB  . ALA A 1 127 ? 5.661   18.057  1.034   1.00 8.17  ? 122 ALA A CB  1 
ATOM   931  N N   . TRP A 1 128 ? 3.734   15.724  1.698   1.00 7.68  ? 123 TRP A N   1 
ATOM   932  C CA  . TRP A 1 128 ? 2.490   15.214  2.230   1.00 6.11  ? 123 TRP A CA  1 
ATOM   933  C C   . TRP A 1 128 ? 2.774   14.012  3.125   1.00 5.70  ? 123 TRP A C   1 
ATOM   934  O O   . TRP A 1 128 ? 2.232   13.927  4.227   1.00 3.47  ? 123 TRP A O   1 
ATOM   935  C CB  . TRP A 1 128 ? 1.589   14.839  1.059   1.00 5.48  ? 123 TRP A CB  1 
ATOM   936  C CG  . TRP A 1 128 ? 0.130   14.561  1.427   1.00 5.61  ? 123 TRP A CG  1 
ATOM   937  C CD1 . TRP A 1 128 ? -0.805  15.537  1.191   1.00 4.93  ? 123 TRP A CD1 1 
ATOM   938  C CD2 . TRP A 1 128 ? -0.423  13.411  1.955   1.00 4.43  ? 123 TRP A CD2 1 
ATOM   939  N NE1 . TRP A 1 128 ? -1.950  15.007  1.559   1.00 5.38  ? 123 TRP A NE1 1 
ATOM   940  C CE2 . TRP A 1 128 ? -1.779  13.758  2.019   1.00 4.46  ? 123 TRP A CE2 1 
ATOM   941  C CE3 . TRP A 1 128 ? -0.019  12.141  2.387   1.00 5.84  ? 123 TRP A CE3 1 
ATOM   942  C CZ2 . TRP A 1 128 ? -2.748  12.867  2.504   1.00 4.64  ? 123 TRP A CZ2 1 
ATOM   943  C CZ3 . TRP A 1 128 ? -0.971  11.245  2.872   1.00 6.00  ? 123 TRP A CZ3 1 
ATOM   944  C CH2 . TRP A 1 128 ? -2.328  11.609  2.929   1.00 5.56  ? 123 TRP A CH2 1 
ATOM   945  N N   . LEU A 1 129 ? 3.647   13.079  2.709   1.00 5.65  ? 124 LEU A N   1 
ATOM   946  C CA  . LEU A 1 129 ? 3.962   11.873  3.468   1.00 7.34  ? 124 LEU A CA  1 
ATOM   947  C C   . LEU A 1 129 ? 4.585   12.179  4.825   1.00 7.33  ? 124 LEU A C   1 
ATOM   948  O O   . LEU A 1 129 ? 4.304   11.511  5.820   1.00 6.51  ? 124 LEU A O   1 
ATOM   949  C CB  . LEU A 1 129 ? 4.923   10.985  2.654   1.00 8.55  ? 124 LEU A CB  1 
ATOM   950  C CG  . LEU A 1 129 ? 5.391   9.642   3.261   1.00 9.90  ? 124 LEU A CG  1 
ATOM   951  C CD1 . LEU A 1 129 ? 5.311   8.560   2.206   1.00 11.57 ? 124 LEU A CD1 1 
ATOM   952  C CD2 . LEU A 1 129 ? 6.805   9.766   3.801   1.00 10.61 ? 124 LEU A CD2 1 
ATOM   953  N N   . ALA A 1 130 ? 5.453   13.200  4.844   1.00 7.83  ? 125 ALA A N   1 
ATOM   954  C CA  . ALA A 1 130 ? 6.150   13.664  6.047   1.00 8.42  ? 125 ALA A CA  1 
ATOM   955  C C   . ALA A 1 130 ? 5.204   14.038  7.189   1.00 7.93  ? 125 ALA A C   1 
ATOM   956  O O   . ALA A 1 130 ? 5.481   13.762  8.358   1.00 9.30  ? 125 ALA A O   1 
ATOM   957  C CB  . ALA A 1 130 ? 7.002   14.885  5.698   1.00 7.67  ? 125 ALA A CB  1 
ATOM   958  N N   . VAL A 1 131 ? 4.035   14.593  6.848   1.00 7.78  ? 126 VAL A N   1 
ATOM   959  C CA  . VAL A 1 131 ? 3.038   15.016  7.823   1.00 10.04 ? 126 VAL A CA  1 
ATOM   960  C C   . VAL A 1 131 ? 1.860   14.062  7.980   1.00 10.31 ? 126 VAL A C   1 
ATOM   961  O O   . VAL A 1 131 ? 1.487   13.697  9.097   1.00 11.64 ? 126 VAL A O   1 
ATOM   962  C CB  . VAL A 1 131 ? 2.541   16.442  7.409   1.00 10.97 ? 126 VAL A CB  1 
ATOM   963  C CG1 . VAL A 1 131 ? 1.352   16.910  8.248   1.00 11.01 ? 126 VAL A CG1 1 
ATOM   964  C CG2 . VAL A 1 131 ? 3.696   17.425  7.610   1.00 9.52  ? 126 VAL A CG2 1 
ATOM   965  N N   . ASN A 1 132 ? 1.244   13.656  6.867   1.00 9.63  ? 127 ASN A N   1 
ATOM   966  C CA  . ASN A 1 132 ? 0.052   12.818  6.903   1.00 8.88  ? 127 ASN A CA  1 
ATOM   967  C C   . ASN A 1 132 ? 0.263   11.302  6.888   1.00 9.52  ? 127 ASN A C   1 
ATOM   968  O O   . ASN A 1 132 ? -0.682  10.539  7.137   1.00 10.22 ? 127 ASN A O   1 
ATOM   969  C CB  . ASN A 1 132 ? -0.830  13.237  5.754   1.00 8.10  ? 127 ASN A CB  1 
ATOM   970  C CG  . ASN A 1 132 ? -1.108  14.731  5.726   1.00 9.12  ? 127 ASN A CG  1 
ATOM   971  O OD1 . ASN A 1 132 ? -0.710  15.428  4.792   1.00 8.14  ? 127 ASN A OD1 1 
ATOM   972  N ND2 . ASN A 1 132 ? -1.776  15.266  6.745   1.00 7.30  ? 127 ASN A ND2 1 
ATOM   973  N N   . GLY A 1 133 ? 1.496   10.836  6.639   1.00 7.80  ? 128 GLY A N   1 
ATOM   974  C CA  . GLY A 1 133 ? 1.785   9.418   6.711   1.00 7.91  ? 128 GLY A CA  1 
ATOM   975  C C   . GLY A 1 133 ? 1.872   8.694   5.369   1.00 6.70  ? 128 GLY A C   1 
ATOM   976  O O   . GLY A 1 133 ? 1.853   9.334   4.314   1.00 6.76  ? 128 GLY A O   1 
ATOM   977  N N   . PRO A 1 134 ? 1.980   7.349   5.395   1.00 6.68  ? 129 PRO A N   1 
ATOM   978  C CA  . PRO A 1 134 ? 2.189   6.498   4.221   1.00 6.23  ? 129 PRO A CA  1 
ATOM   979  C C   . PRO A 1 134 ? 1.168   6.670   3.106   1.00 7.29  ? 129 PRO A C   1 
ATOM   980  O O   . PRO A 1 134 ? -0.021  6.886   3.361   1.00 7.88  ? 129 PRO A O   1 
ATOM   981  C CB  . PRO A 1 134 ? 2.210   5.097   4.789   1.00 6.06  ? 129 PRO A CB  1 
ATOM   982  C CG  . PRO A 1 134 ? 2.788   5.291   6.173   1.00 6.85  ? 129 PRO A CG  1 
ATOM   983  C CD  . PRO A 1 134 ? 2.057   6.547   6.622   1.00 5.23  ? 129 PRO A CD  1 
ATOM   984  N N   . VAL A 1 135 ? 1.680   6.610   1.866   1.00 8.31  ? 130 VAL A N   1 
ATOM   985  C CA  . VAL A 1 135 ? 0.901   6.824   0.646   1.00 7.62  ? 130 VAL A CA  1 
ATOM   986  C C   . VAL A 1 135 ? 0.886   5.559   -0.216  1.00 7.46  ? 130 VAL A C   1 
ATOM   987  O O   . VAL A 1 135 ? 1.893   4.873   -0.352  1.00 6.63  ? 130 VAL A O   1 
ATOM   988  C CB  . VAL A 1 135 ? 1.519   7.998   -0.166  1.00 9.62  ? 130 VAL A CB  1 
ATOM   989  C CG1 . VAL A 1 135 ? 0.694   8.258   -1.423  1.00 9.84  ? 130 VAL A CG1 1 
ATOM   990  C CG2 . VAL A 1 135 ? 1.539   9.272   0.671   1.00 9.68  ? 130 VAL A CG2 1 
ATOM   991  N N   . ALA A 1 136 ? -0.276  5.219   -0.778  1.00 6.37  ? 131 ALA A N   1 
ATOM   992  C CA  . ALA A 1 136 ? -0.409  4.104   -1.709  1.00 6.68  ? 131 ALA A CA  1 
ATOM   993  C C   . ALA A 1 136 ? 0.095   4.573   -3.075  1.00 5.68  ? 131 ALA A C   1 
ATOM   994  O O   . ALA A 1 136 ? -0.277  5.650   -3.542  1.00 7.27  ? 131 ALA A O   1 
ATOM   995  C CB  . ALA A 1 136 ? -1.885  3.682   -1.833  1.00 2.96  ? 131 ALA A CB  1 
ATOM   996  N N   . VAL A 1 137 ? 1.009   3.828   -3.709  1.00 5.99  ? 132 VAL A N   1 
ATOM   997  C CA  . VAL A 1 137 ? 1.515   4.195   -5.026  1.00 5.85  ? 132 VAL A CA  1 
ATOM   998  C C   . VAL A 1 137 ? 1.534   2.995   -5.977  1.00 6.71  ? 132 VAL A C   1 
ATOM   999  O O   . VAL A 1 137 ? 1.483   1.847   -5.540  1.00 5.23  ? 132 VAL A O   1 
ATOM   1000 C CB  . VAL A 1 137 ? 2.982   4.759   -5.001  1.00 4.67  ? 132 VAL A CB  1 
ATOM   1001 C CG1 . VAL A 1 137 ? 2.966   6.131   -4.357  1.00 6.12  ? 132 VAL A CG1 1 
ATOM   1002 C CG2 . VAL A 1 137 ? 3.931   3.829   -4.260  1.00 4.41  ? 132 VAL A CG2 1 
ATOM   1003 N N   . ALA A 1 138 ? 1.564   3.266   -7.288  1.00 7.96  ? 133 ALA A N   1 
ATOM   1004 C CA  . ALA A 1 138 ? 1.761   2.226   -8.298  1.00 8.46  ? 133 ALA A CA  1 
ATOM   1005 C C   . ALA A 1 138 ? 3.151   2.384   -8.932  1.00 8.29  ? 133 ALA A C   1 
ATOM   1006 O O   . ALA A 1 138 ? 3.666   3.493   -9.113  1.00 9.20  ? 133 ALA A O   1 
ATOM   1007 C CB  . ALA A 1 138 ? 0.723   2.334   -9.405  1.00 6.78  ? 133 ALA A CB  1 
ATOM   1008 N N   . VAL A 1 139 ? 3.797   1.254   -9.233  1.00 7.96  ? 134 VAL A N   1 
ATOM   1009 C CA  . VAL A 1 139 ? 5.128   1.220   -9.832  1.00 7.58  ? 134 VAL A CA  1 
ATOM   1010 C C   . VAL A 1 139 ? 5.199   0.179   -10.958 1.00 8.46  ? 134 VAL A C   1 
ATOM   1011 O O   . VAL A 1 139 ? 4.302   -0.646  -11.156 1.00 8.60  ? 134 VAL A O   1 
ATOM   1012 C CB  . VAL A 1 139 ? 6.274   0.855   -8.799  1.00 6.47  ? 134 VAL A CB  1 
ATOM   1013 C CG1 . VAL A 1 139 ? 6.419   1.987   -7.776  1.00 6.84  ? 134 VAL A CG1 1 
ATOM   1014 C CG2 . VAL A 1 139 ? 5.984   -0.465  -8.100  1.00 4.40  ? 134 VAL A CG2 1 
ATOM   1015 N N   . ASP A 1 140 ? 6.277   0.295   -11.740 1.00 8.96  ? 135 ASP A N   1 
ATOM   1016 C CA  . ASP A 1 140 ? 6.673   -0.709  -12.692 1.00 8.58  ? 135 ASP A CA  1 
ATOM   1017 C C   . ASP A 1 140 ? 7.651   -1.551  -11.857 1.00 8.77  ? 135 ASP A C   1 
ATOM   1018 O O   . ASP A 1 140 ? 8.758   -1.139  -11.516 1.00 7.88  ? 135 ASP A O   1 
ATOM   1019 C CB  . ASP A 1 140 ? 7.389   -0.067  -13.912 1.00 8.81  ? 135 ASP A CB  1 
ATOM   1020 C CG  . ASP A 1 140 ? 7.802   -1.075  -15.001 1.00 10.69 ? 135 ASP A CG  1 
ATOM   1021 O OD1 . ASP A 1 140 ? 8.063   -2.234  -14.703 1.00 9.44  ? 135 ASP A OD1 1 
ATOM   1022 O OD2 . ASP A 1 140 ? 7.876   -0.717  -16.171 1.00 9.46  ? 135 ASP A OD2 1 
ATOM   1023 N N   . ALA A 1 141 ? 7.202   -2.750  -11.499 1.00 9.02  ? 136 ALA A N   1 
ATOM   1024 C CA  . ALA A 1 141 ? 7.982   -3.690  -10.729 1.00 10.52 ? 136 ALA A CA  1 
ATOM   1025 C C   . ALA A 1 141 ? 8.554   -4.829  -11.572 1.00 11.48 ? 136 ALA A C   1 
ATOM   1026 O O   . ALA A 1 141 ? 8.924   -5.875  -11.028 1.00 10.85 ? 136 ALA A O   1 
ATOM   1027 C CB  . ALA A 1 141 ? 7.097   -4.262  -9.629  1.00 11.43 ? 136 ALA A CB  1 
ATOM   1028 N N   . SER A 1 142 ? 8.665   -4.644  -12.904 1.00 12.18 ? 139 SER A N   1 
ATOM   1029 C CA  . SER A 1 142 ? 9.197   -5.673  -13.800 1.00 13.77 ? 139 SER A CA  1 
ATOM   1030 C C   . SER A 1 142 ? 10.645  -6.050  -13.489 1.00 13.95 ? 139 SER A C   1 
ATOM   1031 O O   . SER A 1 142 ? 11.001  -7.221  -13.601 1.00 14.89 ? 139 SER A O   1 
ATOM   1032 C CB  . SER A 1 142 ? 9.103   -5.207  -15.257 1.00 14.07 ? 139 SER A CB  1 
ATOM   1033 O OG  . SER A 1 142 ? 9.896   -4.058  -15.502 1.00 15.62 ? 139 SER A OG  1 
ATOM   1034 N N   . SER A 1 143 ? 11.498  -5.118  -13.051 1.00 15.01 ? 140 SER A N   1 
ATOM   1035 C CA  . SER A 1 143 ? 12.862  -5.454  -12.647 1.00 16.08 ? 140 SER A CA  1 
ATOM   1036 C C   . SER A 1 143 ? 13.007  -5.863  -11.171 1.00 15.17 ? 140 SER A C   1 
ATOM   1037 O O   . SER A 1 143 ? 14.112  -6.160  -10.716 1.00 15.16 ? 140 SER A O   1 
ATOM   1038 C CB  . SER A 1 143 ? 13.769  -4.258  -12.934 1.00 16.64 ? 140 SER A CB  1 
ATOM   1039 O OG  . SER A 1 143 ? 13.402  -3.104  -12.194 1.00 18.05 ? 140 SER A OG  1 
ATOM   1040 N N   . TRP A 1 144 ? 11.913  -5.920  -10.388 1.00 14.45 ? 141 TRP A N   1 
ATOM   1041 C CA  . TRP A 1 144 ? 12.008  -6.205  -8.957  1.00 14.03 ? 141 TRP A CA  1 
ATOM   1042 C C   . TRP A 1 144 ? 12.252  -7.641  -8.545  1.00 14.06 ? 141 TRP A C   1 
ATOM   1043 O O   . TRP A 1 144 ? 12.523  -7.898  -7.377  1.00 12.65 ? 141 TRP A O   1 
ATOM   1044 C CB  . TRP A 1 144 ? 10.747  -5.718  -8.240  1.00 12.67 ? 141 TRP A CB  1 
ATOM   1045 C CG  . TRP A 1 144 ? 10.620  -4.203  -8.099  1.00 11.76 ? 141 TRP A CG  1 
ATOM   1046 C CD1 . TRP A 1 144 ? 11.276  -3.311  -8.911  1.00 10.86 ? 141 TRP A CD1 1 
ATOM   1047 C CD2 . TRP A 1 144 ? 9.817   -3.577  -7.183  1.00 12.86 ? 141 TRP A CD2 1 
ATOM   1048 N NE1 . TRP A 1 144 ? 10.880  -2.122  -8.514  1.00 11.41 ? 141 TRP A NE1 1 
ATOM   1049 C CE2 . TRP A 1 144 ? 10.018  -2.224  -7.497  1.00 12.73 ? 141 TRP A CE2 1 
ATOM   1050 C CE3 . TRP A 1 144 ? 8.960   -3.963  -6.155  1.00 11.67 ? 141 TRP A CE3 1 
ATOM   1051 C CZ2 . TRP A 1 144 ? 9.356   -1.228  -6.778  1.00 13.15 ? 141 TRP A CZ2 1 
ATOM   1052 C CZ3 . TRP A 1 144 ? 8.303   -2.967  -5.439  1.00 12.58 ? 141 TRP A CZ3 1 
ATOM   1053 C CH2 . TRP A 1 144 ? 8.500   -1.614  -5.750  1.00 12.22 ? 141 TRP A CH2 1 
ATOM   1054 N N   . MET A 1 145 ? 12.172  -8.596  -9.479  1.00 16.10 ? 142 MET A N   1 
ATOM   1055 C CA  . MET A 1 145 ? 12.486  -9.990  -9.176  1.00 17.14 ? 142 MET A CA  1 
ATOM   1056 C C   . MET A 1 145 ? 14.003  -10.203 -9.021  1.00 15.97 ? 142 MET A C   1 
ATOM   1057 O O   . MET A 1 145 ? 14.466  -11.226 -8.503  1.00 15.94 ? 142 MET A O   1 
ATOM   1058 C CB  . MET A 1 145 ? 11.951  -10.869 -10.298 1.00 20.50 ? 142 MET A CB  1 
ATOM   1059 C CG  . MET A 1 145 ? 11.275  -12.119 -9.780  1.00 24.49 ? 142 MET A CG  1 
ATOM   1060 S SD  . MET A 1 145 ? 9.614   -11.754 -9.173  1.00 29.32 ? 142 MET A SD  1 
ATOM   1061 C CE  . MET A 1 145 ? 9.772   -11.641 -7.415  1.00 28.92 ? 142 MET A CE  1 
ATOM   1062 N N   . THR A 1 146 ? 14.802  -9.224  -9.481  1.00 14.21 ? 143 THR A N   1 
ATOM   1063 C CA  . THR A 1 146 ? 16.256  -9.285  -9.361  1.00 14.26 ? 143 THR A CA  1 
ATOM   1064 C C   . THR A 1 146 ? 16.764  -8.452  -8.166  1.00 13.45 ? 143 THR A C   1 
ATOM   1065 O O   . THR A 1 146 ? 17.973  -8.439  -7.903  1.00 12.01 ? 143 THR A O   1 
ATOM   1066 C CB  . THR A 1 146 ? 16.943  -8.804  -10.712 1.00 13.29 ? 143 THR A CB  1 
ATOM   1067 O OG1 . THR A 1 146 ? 16.816  -7.394  -10.822 1.00 13.53 ? 143 THR A OG1 1 
ATOM   1068 C CG2 . THR A 1 146 ? 16.329  -9.474  -11.931 1.00 14.78 ? 143 THR A CG2 1 
ATOM   1069 N N   . TYR A 1 147 ? 15.866  -7.800  -7.398  1.00 12.07 ? 144 TYR A N   1 
ATOM   1070 C CA  . TYR A 1 147 ? 16.261  -6.983  -6.256  1.00 11.65 ? 144 TYR A CA  1 
ATOM   1071 C C   . TYR A 1 147 ? 16.695  -7.800  -5.043  1.00 12.09 ? 144 TYR A C   1 
ATOM   1072 O O   . TYR A 1 147 ? 15.888  -8.481  -4.396  1.00 13.73 ? 144 TYR A O   1 
ATOM   1073 C CB  . TYR A 1 147 ? 15.100  -6.055  -5.846  1.00 9.99  ? 144 TYR A CB  1 
ATOM   1074 C CG  . TYR A 1 147 ? 15.468  -5.132  -4.684  1.00 10.13 ? 144 TYR A CG  1 
ATOM   1075 C CD1 . TYR A 1 147 ? 16.310  -4.030  -4.882  1.00 8.79  ? 144 TYR A CD1 1 
ATOM   1076 C CD2 . TYR A 1 147 ? 14.969  -5.406  -3.407  1.00 9.30  ? 144 TYR A CD2 1 
ATOM   1077 C CE1 . TYR A 1 147 ? 16.648  -3.203  -3.805  1.00 8.34  ? 144 TYR A CE1 1 
ATOM   1078 C CE2 . TYR A 1 147 ? 15.305  -4.585  -2.332  1.00 8.72  ? 144 TYR A CE2 1 
ATOM   1079 C CZ  . TYR A 1 147 ? 16.144  -3.484  -2.535  1.00 8.67  ? 144 TYR A CZ  1 
ATOM   1080 O OH  . TYR A 1 147 ? 16.479  -2.673  -1.467  1.00 8.68  ? 144 TYR A OH  1 
ATOM   1081 N N   . THR A 1 148 ? 17.988  -7.669  -4.712  1.00 11.54 ? 145 THR A N   1 
ATOM   1082 C CA  . THR A 1 148 ? 18.560  -8.374  -3.575  1.00 12.09 ? 145 THR A CA  1 
ATOM   1083 C C   . THR A 1 148 ? 18.891  -7.463  -2.387  1.00 13.54 ? 145 THR A C   1 
ATOM   1084 O O   . THR A 1 148 ? 19.307  -7.958  -1.334  1.00 15.20 ? 145 THR A O   1 
ATOM   1085 C CB  . THR A 1 148 ? 19.853  -9.124  -3.988  1.00 13.26 ? 145 THR A CB  1 
ATOM   1086 O OG1 . THR A 1 148 ? 20.749  -8.172  -4.550  1.00 12.30 ? 145 THR A OG1 1 
ATOM   1087 C CG2 . THR A 1 148 ? 19.567  -10.244 -4.980  1.00 14.00 ? 145 THR A CG2 1 
ATOM   1088 N N   . GLY A 1 149 ? 18.715  -6.137  -2.485  1.00 11.88 ? 146 GLY A N   1 
ATOM   1089 C CA  . GLY A 1 149 ? 19.052  -5.254  -1.383  1.00 10.72 ? 146 GLY A CA  1 
ATOM   1090 C C   . GLY A 1 149 ? 19.767  -3.991  -1.843  1.00 10.14 ? 146 GLY A C   1 
ATOM   1091 O O   . GLY A 1 149 ? 20.097  -3.840  -3.023  1.00 9.66  ? 146 GLY A O   1 
ATOM   1092 N N   . GLY A 1 150 ? 20.040  -3.078  -0.901  1.00 9.92  ? 147 GLY A N   1 
ATOM   1093 C CA  . GLY A 1 150 ? 20.677  -1.795  -1.186  1.00 9.87  ? 147 GLY A CA  1 
ATOM   1094 C C   . GLY A 1 150 ? 19.729  -0.804  -1.856  1.00 9.36  ? 147 GLY A C   1 
ATOM   1095 O O   . GLY A 1 150 ? 18.529  -1.059  -1.971  1.00 8.08  ? 147 GLY A O   1 
ATOM   1096 N N   . VAL A 1 151 ? 20.243  0.348   -2.300  1.00 9.33  ? 148 VAL A N   1 
ATOM   1097 C CA  . VAL A 1 151 ? 19.416  1.323   -3.012  1.00 10.65 ? 148 VAL A CA  1 
ATOM   1098 C C   . VAL A 1 151 ? 19.485  1.023   -4.514  1.00 12.36 ? 148 VAL A C   1 
ATOM   1099 O O   . VAL A 1 151 ? 20.567  0.917   -5.104  1.00 12.75 ? 148 VAL A O   1 
ATOM   1100 C CB  . VAL A 1 151 ? 19.916  2.778   -2.729  1.00 9.82  ? 148 VAL A CB  1 
ATOM   1101 C CG1 . VAL A 1 151 ? 19.015  3.799   -3.431  1.00 9.16  ? 148 VAL A CG1 1 
ATOM   1102 C CG2 . VAL A 1 151 ? 19.864  3.065   -1.237  1.00 8.95  ? 148 VAL A CG2 1 
ATOM   1103 N N   . MET A 1 152 ? 18.307  0.846   -5.126  1.00 13.11 ? 149 MET A N   1 
ATOM   1104 C CA  . MET A 1 152 ? 18.205  0.608   -6.556  1.00 13.93 ? 149 MET A CA  1 
ATOM   1105 C C   . MET A 1 152 ? 18.323  1.975   -7.211  1.00 14.40 ? 149 MET A C   1 
ATOM   1106 O O   . MET A 1 152 ? 17.450  2.834   -7.086  1.00 14.55 ? 149 MET A O   1 
ATOM   1107 C CB  . MET A 1 152 ? 16.854  -0.031  -6.897  1.00 14.97 ? 149 MET A CB  1 
ATOM   1108 C CG  . MET A 1 152 ? 16.780  -0.483  -8.356  1.00 16.10 ? 149 MET A CG  1 
ATOM   1109 S SD  . MET A 1 152 ? 15.280  -1.433  -8.702  1.00 18.71 ? 149 MET A SD  1 
ATOM   1110 C CE  . MET A 1 152 ? 15.972  -3.018  -8.350  1.00 16.00 ? 149 MET A CE  1 
ATOM   1111 N N   . THR A 1 153 ? 19.458  2.171   -7.892  1.00 14.42 ? 151 THR A N   1 
ATOM   1112 C CA  . THR A 1 153 ? 19.756  3.454   -8.505  1.00 14.66 ? 151 THR A CA  1 
ATOM   1113 C C   . THR A 1 153 ? 19.294  3.585   -9.951  1.00 15.55 ? 151 THR A C   1 
ATOM   1114 O O   . THR A 1 153 ? 19.390  4.661   -10.538 1.00 14.90 ? 151 THR A O   1 
ATOM   1115 C CB  . THR A 1 153 ? 21.274  3.739   -8.429  1.00 15.81 ? 151 THR A CB  1 
ATOM   1116 O OG1 . THR A 1 153 ? 21.943  2.639   -9.034  1.00 14.79 ? 151 THR A OG1 1 
ATOM   1117 C CG2 . THR A 1 153 ? 21.735  3.962   -6.993  1.00 14.36 ? 151 THR A CG2 1 
ATOM   1118 N N   . SER A 1 154 ? 18.808  2.478   -10.532 1.00 14.85 ? 152 SER A N   1 
ATOM   1119 C CA  . SER A 1 154 ? 18.251  2.487   -11.867 1.00 15.48 ? 152 SER A CA  1 
ATOM   1120 C C   . SER A 1 154 ? 17.165  1.419   -11.915 1.00 14.75 ? 152 SER A C   1 
ATOM   1121 O O   . SER A 1 154 ? 17.376  0.256   -11.556 1.00 15.86 ? 152 SER A O   1 
ATOM   1122 C CB  . SER A 1 154 ? 19.315  2.168   -12.913 1.00 16.77 ? 152 SER A CB  1 
ATOM   1123 O OG  . SER A 1 154 ? 18.805  2.467   -14.204 1.00 18.99 ? 152 SER A OG  1 
ATOM   1124 N N   . CYS A 1 155 ? 15.990  1.837   -12.382 1.00 13.18 ? 153 CYS A N   1 
ATOM   1125 C CA  . CYS A 1 155 ? 14.817  0.982   -12.425 1.00 12.81 ? 153 CYS A CA  1 
ATOM   1126 C C   . CYS A 1 155 ? 14.093  1.085   -13.767 1.00 13.40 ? 153 CYS A C   1 
ATOM   1127 O O   . CYS A 1 155 ? 13.981  2.188   -14.308 1.00 13.73 ? 153 CYS A O   1 
ATOM   1128 C CB  . CYS A 1 155 ? 13.902  1.410   -11.274 1.00 13.10 ? 153 CYS A CB  1 
ATOM   1129 S SG  . CYS A 1 155 ? 12.391  0.449   -11.092 1.00 10.24 ? 153 CYS A SG  1 
ATOM   1130 N N   . VAL A 1 156 ? 13.609  -0.041  -14.335 1.00 13.82 ? 154 VAL A N   1 
ATOM   1131 C CA  . VAL A 1 156 ? 12.848  -0.031  -15.593 1.00 14.88 ? 154 VAL A CA  1 
ATOM   1132 C C   . VAL A 1 156 ? 11.514  0.678   -15.329 1.00 14.81 ? 154 VAL A C   1 
ATOM   1133 O O   . VAL A 1 156 ? 10.743  0.298   -14.442 1.00 15.13 ? 154 VAL A O   1 
ATOM   1134 C CB  . VAL A 1 156 ? 12.611  -1.507  -16.097 1.00 14.87 ? 154 VAL A CB  1 
ATOM   1135 C CG1 . VAL A 1 156 ? 11.701  -1.528  -17.327 1.00 14.89 ? 154 VAL A CG1 1 
ATOM   1136 C CG2 . VAL A 1 156 ? 13.951  -2.143  -16.454 1.00 15.18 ? 154 VAL A CG2 1 
ATOM   1137 N N   . SER A 1 157 ? 11.274  1.734   -16.110 1.00 14.65 ? 155 SER A N   1 
ATOM   1138 C CA  . SER A 1 157 ? 10.132  2.608   -15.913 1.00 15.26 ? 155 SER A CA  1 
ATOM   1139 C C   . SER A 1 157 ? 9.332   2.793   -17.199 1.00 16.38 ? 155 SER A C   1 
ATOM   1140 O O   . SER A 1 157 ? 9.404   3.809   -17.890 1.00 16.59 ? 155 SER A O   1 
ATOM   1141 C CB  . SER A 1 157 ? 10.647  3.959   -15.395 1.00 14.81 ? 155 SER A CB  1 
ATOM   1142 O OG  . SER A 1 157 ? 11.413  3.797   -14.212 1.00 14.90 ? 155 SER A OG  1 
ATOM   1143 N N   . GLU A 1 158 ? 8.530   1.784   -17.539 1.00 16.82 ? 156 GLU A N   1 
ATOM   1144 C CA  . GLU A 1 158 ? 7.757   1.802   -18.773 1.00 17.28 ? 156 GLU A CA  1 
ATOM   1145 C C   . GLU A 1 158 ? 6.257   1.672   -18.590 1.00 15.87 ? 156 GLU A C   1 
ATOM   1146 O O   . GLU A 1 158 ? 5.485   2.394   -19.225 1.00 14.43 ? 156 GLU A O   1 
ATOM   1147 C CB  . GLU A 1 158 ? 8.193   0.679   -19.695 1.00 19.35 ? 156 GLU A CB  1 
ATOM   1148 C CG  . GLU A 1 158 ? 9.674   0.731   -20.034 1.00 24.51 ? 156 GLU A CG  1 
ATOM   1149 C CD  . GLU A 1 158 ? 10.082  -0.229  -21.133 1.00 28.14 ? 156 GLU A CD  1 
ATOM   1150 O OE1 . GLU A 1 158 ? 9.847   -1.435  -21.019 1.00 30.12 ? 156 GLU A OE1 1 
ATOM   1151 O OE2 . GLU A 1 158 ? 10.639  0.249   -22.119 1.00 31.49 ? 156 GLU A OE2 1 
ATOM   1152 N N   . GLN A 1 159 A 5.859   0.719   -17.741 1.00 15.74 ? 156 GLN A N   1 
ATOM   1153 C CA  . GLN A 1 159 A 4.455   0.459   -17.505 1.00 16.77 ? 156 GLN A CA  1 
ATOM   1154 C C   . GLN A 1 159 A 4.140   0.076   -16.060 1.00 14.83 ? 156 GLN A C   1 
ATOM   1155 O O   . GLN A 1 159 A 4.752   -0.827  -15.484 1.00 16.29 ? 156 GLN A O   1 
ATOM   1156 C CB  . GLN A 1 159 A 4.037   -0.640  -18.491 1.00 19.78 ? 156 GLN A CB  1 
ATOM   1157 C CG  . GLN A 1 159 A 2.548   -1.006  -18.537 1.00 24.50 ? 156 GLN A CG  1 
ATOM   1158 C CD  . GLN A 1 159 A 1.604   0.161   -18.259 1.00 28.49 ? 156 GLN A CD  1 
ATOM   1159 O OE1 . GLN A 1 159 A 0.957   0.121   -17.210 1.00 31.16 ? 156 GLN A OE1 1 
ATOM   1160 N NE2 . GLN A 1 159 A 1.606   1.247   -19.037 1.00 29.72 ? 156 GLN A NE2 1 
ATOM   1161 N N   . LEU A 1 160 ? 3.138   0.748   -15.473 1.00 12.71 ? 157 LEU A N   1 
ATOM   1162 C CA  . LEU A 1 160 ? 2.699   0.447   -14.116 1.00 11.98 ? 157 LEU A CA  1 
ATOM   1163 C C   . LEU A 1 160 ? 2.085   -0.943  -14.077 1.00 11.32 ? 157 LEU A C   1 
ATOM   1164 O O   . LEU A 1 160 ? 1.251   -1.272  -14.910 1.00 12.31 ? 157 LEU A O   1 
ATOM   1165 C CB  . LEU A 1 160 ? 1.654   1.456   -13.646 1.00 11.77 ? 157 LEU A CB  1 
ATOM   1166 C CG  . LEU A 1 160 ? 2.018   2.945   -13.611 1.00 11.10 ? 157 LEU A CG  1 
ATOM   1167 C CD1 . LEU A 1 160 ? 0.770   3.749   -13.267 1.00 9.43  ? 157 LEU A CD1 1 
ATOM   1168 C CD2 . LEU A 1 160 ? 3.123   3.198   -12.610 1.00 9.85  ? 157 LEU A CD2 1 
ATOM   1169 N N   . ASP A 1 161 ? 2.513   -1.803  -13.158 1.00 10.98 ? 158 ASP A N   1 
ATOM   1170 C CA  . ASP A 1 161 ? 1.959   -3.142  -13.055 1.00 11.34 ? 158 ASP A CA  1 
ATOM   1171 C C   . ASP A 1 161 ? 1.786   -3.621  -11.616 1.00 11.07 ? 158 ASP A C   1 
ATOM   1172 O O   . ASP A 1 161 ? 1.412   -4.774  -11.393 1.00 10.68 ? 158 ASP A O   1 
ATOM   1173 C CB  . ASP A 1 161 ? 2.871   -4.122  -13.823 1.00 12.43 ? 158 ASP A CB  1 
ATOM   1174 C CG  . ASP A 1 161 ? 4.315   -4.259  -13.324 1.00 14.91 ? 158 ASP A CG  1 
ATOM   1175 O OD1 . ASP A 1 161 ? 4.621   -3.871  -12.201 1.00 14.61 ? 158 ASP A OD1 1 
ATOM   1176 O OD2 . ASP A 1 161 ? 5.152   -4.776  -14.062 1.00 14.63 ? 158 ASP A OD2 1 
ATOM   1177 N N   . HIS A 1 162 ? 2.074   -2.766  -10.621 1.00 10.30 ? 159 HIS A N   1 
ATOM   1178 C CA  . HIS A 1 162 ? 2.103   -3.227  -9.244  1.00 9.43  ? 159 HIS A CA  1 
ATOM   1179 C C   . HIS A 1 162 ? 1.853   -2.117  -8.239  1.00 10.54 ? 159 HIS A C   1 
ATOM   1180 O O   . HIS A 1 162 ? 2.551   -1.102  -8.246  1.00 12.25 ? 159 HIS A O   1 
ATOM   1181 C CB  . HIS A 1 162 ? 3.465   -3.863  -8.983  1.00 7.57  ? 159 HIS A CB  1 
ATOM   1182 C CG  . HIS A 1 162 ? 3.507   -4.721  -7.733  1.00 7.32  ? 159 HIS A CG  1 
ATOM   1183 N ND1 . HIS A 1 162 ? 2.756   -5.760  -7.394  1.00 6.71  ? 159 HIS A ND1 1 
ATOM   1184 C CD2 . HIS A 1 162 ? 4.430   -4.557  -6.732  1.00 7.46  ? 159 HIS A CD2 1 
ATOM   1185 C CE1 . HIS A 1 162 ? 3.180   -6.240  -6.249  1.00 5.83  ? 159 HIS A CE1 1 
ATOM   1186 N NE2 . HIS A 1 162 ? 4.188   -5.507  -5.865  1.00 7.02  ? 159 HIS A NE2 1 
ATOM   1187 N N   . GLY A 1 163 ? 0.869   -2.329  -7.361  1.00 9.43  ? 160 GLY A N   1 
ATOM   1188 C CA  . GLY A 1 163 ? 0.559   -1.391  -6.293  1.00 8.98  ? 160 GLY A CA  1 
ATOM   1189 C C   . GLY A 1 163 ? 1.318   -1.766  -5.024  1.00 7.99  ? 160 GLY A C   1 
ATOM   1190 O O   . GLY A 1 163 ? 1.362   -2.928  -4.624  1.00 8.25  ? 160 GLY A O   1 
ATOM   1191 N N   . VAL A 1 164 ? 1.954   -0.765  -4.390  1.00 8.01  ? 161 VAL A N   1 
ATOM   1192 C CA  . VAL A 1 164 ? 2.725   -0.915  -3.151  1.00 8.18  ? 161 VAL A CA  1 
ATOM   1193 C C   . VAL A 1 164 ? 2.479   0.247   -2.168  1.00 7.55  ? 161 VAL A C   1 
ATOM   1194 O O   . VAL A 1 164 ? 1.626   1.112   -2.393  1.00 6.93  ? 161 VAL A O   1 
ATOM   1195 C CB  . VAL A 1 164 ? 4.252   -0.992  -3.468  1.00 8.70  ? 161 VAL A CB  1 
ATOM   1196 C CG1 . VAL A 1 164 ? 4.585   -2.331  -4.106  1.00 9.21  ? 161 VAL A CG1 1 
ATOM   1197 C CG2 . VAL A 1 164 ? 4.657   0.180   -4.367  1.00 6.88  ? 161 VAL A CG2 1 
ATOM   1198 N N   . LEU A 1 165 ? 3.212   0.298   -1.054  1.00 7.40  ? 162 LEU A N   1 
ATOM   1199 C CA  . LEU A 1 165 ? 3.021   1.358   -0.064  1.00 6.48  ? 162 LEU A CA  1 
ATOM   1200 C C   . LEU A 1 165 ? 4.313   2.121   0.220   1.00 5.62  ? 162 LEU A C   1 
ATOM   1201 O O   . LEU A 1 165 ? 5.320   1.519   0.574   1.00 6.36  ? 162 LEU A O   1 
ATOM   1202 C CB  . LEU A 1 165 ? 2.488   0.736   1.237   1.00 6.23  ? 162 LEU A CB  1 
ATOM   1203 C CG  . LEU A 1 165 ? 2.153   1.680   2.385   1.00 5.89  ? 162 LEU A CG  1 
ATOM   1204 C CD1 . LEU A 1 165 ? 0.931   2.493   2.022   1.00 6.89  ? 162 LEU A CD1 1 
ATOM   1205 C CD2 . LEU A 1 165 ? 1.902   0.892   3.658   1.00 7.71  ? 162 LEU A CD2 1 
ATOM   1206 N N   . LEU A 1 166 ? 4.314   3.444   0.019   1.00 7.16  ? 163 LEU A N   1 
ATOM   1207 C CA  . LEU A 1 166 ? 5.423   4.329   0.380   1.00 7.20  ? 163 LEU A CA  1 
ATOM   1208 C C   . LEU A 1 166 ? 5.400   4.607   1.879   1.00 7.62  ? 163 LEU A C   1 
ATOM   1209 O O   . LEU A 1 166 ? 4.435   5.201   2.366   1.00 8.55  ? 163 LEU A O   1 
ATOM   1210 C CB  . LEU A 1 166 ? 5.332   5.684   -0.302  1.00 8.86  ? 163 LEU A CB  1 
ATOM   1211 C CG  . LEU A 1 166 ? 5.790   5.915   -1.703  1.00 10.50 ? 163 LEU A CG  1 
ATOM   1212 C CD1 . LEU A 1 166 ? 5.612   7.387   -2.021  1.00 9.81  ? 163 LEU A CD1 1 
ATOM   1213 C CD2 . LEU A 1 166 ? 7.247   5.500   -1.859  1.00 11.76 ? 163 LEU A CD2 1 
ATOM   1214 N N   . VAL A 1 167 ? 6.413   4.180   2.639   1.00 6.89  ? 164 VAL A N   1 
ATOM   1215 C CA  . VAL A 1 167 ? 6.383   4.361   4.086   1.00 9.07  ? 164 VAL A CA  1 
ATOM   1216 C C   . VAL A 1 167 ? 7.429   5.355   4.599   1.00 11.01 ? 164 VAL A C   1 
ATOM   1217 O O   . VAL A 1 167 ? 7.473   5.631   5.803   1.00 12.47 ? 164 VAL A O   1 
ATOM   1218 C CB  . VAL A 1 167 ? 6.575   2.997   4.843   1.00 9.30  ? 164 VAL A CB  1 
ATOM   1219 C CG1 . VAL A 1 167 ? 5.423   2.050   4.479   1.00 6.72  ? 164 VAL A CG1 1 
ATOM   1220 C CG2 . VAL A 1 167 ? 7.926   2.372   4.520   1.00 7.26  ? 164 VAL A CG2 1 
ATOM   1221 N N   . GLY A 1 168 ? 8.274   5.912   3.714   1.00 10.14 ? 165 GLY A N   1 
ATOM   1222 C CA  . GLY A 1 168 ? 9.282   6.870   4.126   1.00 10.08 ? 165 GLY A CA  1 
ATOM   1223 C C   . GLY A 1 168 ? 10.271  7.229   3.033   1.00 10.46 ? 165 GLY A C   1 
ATOM   1224 O O   . GLY A 1 168 ? 10.222  6.759   1.892   1.00 10.03 ? 165 GLY A O   1 
ATOM   1225 N N   . TYR A 1 169 ? 11.186  8.124   3.410   1.00 9.64  ? 166 TYR A N   1 
ATOM   1226 C CA  . TYR A 1 169 ? 12.252  8.553   2.524   1.00 8.83  ? 166 TYR A CA  1 
ATOM   1227 C C   . TYR A 1 169 ? 13.448  9.044   3.343   1.00 8.89  ? 166 TYR A C   1 
ATOM   1228 O O   . TYR A 1 169 ? 13.335  9.327   4.539   1.00 7.12  ? 166 TYR A O   1 
ATOM   1229 C CB  . TYR A 1 169 ? 11.769  9.690   1.589   1.00 9.12  ? 166 TYR A CB  1 
ATOM   1230 C CG  . TYR A 1 169 ? 11.425  11.000  2.288   1.00 11.84 ? 166 TYR A CG  1 
ATOM   1231 C CD1 . TYR A 1 169 ? 12.423  11.955  2.526   1.00 12.07 ? 166 TYR A CD1 1 
ATOM   1232 C CD2 . TYR A 1 169 ? 10.121  11.228  2.731   1.00 13.61 ? 166 TYR A CD2 1 
ATOM   1233 C CE1 . TYR A 1 169 ? 12.121  13.123  3.219   1.00 12.86 ? 166 TYR A CE1 1 
ATOM   1234 C CE2 . TYR A 1 169 ? 9.813   12.403  3.421   1.00 13.56 ? 166 TYR A CE2 1 
ATOM   1235 C CZ  . TYR A 1 169 ? 10.817  13.343  3.662   1.00 13.06 ? 166 TYR A CZ  1 
ATOM   1236 O OH  . TYR A 1 169 ? 10.505  14.488  4.356   1.00 15.27 ? 166 TYR A OH  1 
ATOM   1237 N N   . ASN A 1 170 ? 14.587  9.219   2.668   1.00 8.77  ? 167 ASN A N   1 
ATOM   1238 C CA  . ASN A 1 170 ? 15.777  9.748   3.303   1.00 10.36 ? 167 ASN A CA  1 
ATOM   1239 C C   . ASN A 1 170 ? 16.514  10.591  2.273   1.00 11.46 ? 167 ASN A C   1 
ATOM   1240 O O   . ASN A 1 170 ? 17.141  10.058  1.356   1.00 10.38 ? 167 ASN A O   1 
ATOM   1241 C CB  . ASN A 1 170 ? 16.654  8.590   3.795   1.00 9.02  ? 167 ASN A CB  1 
ATOM   1242 C CG  . ASN A 1 170 ? 17.825  9.026   4.671   1.00 9.82  ? 167 ASN A CG  1 
ATOM   1243 O OD1 . ASN A 1 170 ? 18.225  10.185  4.695   1.00 9.21  ? 167 ASN A OD1 1 
ATOM   1244 N ND2 . ASN A 1 170 ? 18.439  8.128   5.424   1.00 10.67 ? 167 ASN A ND2 1 
ATOM   1245 N N   . ASP A 1 171 A 16.409  11.921  2.426   1.00 11.73 ? 167 ASP A N   1 
ATOM   1246 C CA  . ASP A 1 171 A 17.107  12.878  1.578   1.00 13.86 ? 167 ASP A CA  1 
ATOM   1247 C C   . ASP A 1 171 A 18.539  13.186  1.993   1.00 15.10 ? 167 ASP A C   1 
ATOM   1248 O O   . ASP A 1 171 A 19.245  13.895  1.271   1.00 16.87 ? 167 ASP A O   1 
ATOM   1249 C CB  . ASP A 1 171 A 16.330  14.217  1.513   1.00 15.05 ? 167 ASP A CB  1 
ATOM   1250 C CG  . ASP A 1 171 A 15.063  14.189  0.661   1.00 15.61 ? 167 ASP A CG  1 
ATOM   1251 O OD1 . ASP A 1 171 A 14.252  15.112  0.755   1.00 15.40 ? 167 ASP A OD1 1 
ATOM   1252 O OD2 . ASP A 1 171 A 14.886  13.248  -0.106  1.00 16.12 ? 167 ASP A OD2 1 
ATOM   1253 N N   . SER A 1 172 B 18.978  12.655  3.141   1.00 15.70 ? 167 SER A N   1 
ATOM   1254 C CA  . SER A 1 172 B 20.314  12.898  3.642   1.00 16.33 ? 167 SER A CA  1 
ATOM   1255 C C   . SER A 1 172 B 21.325  11.804  3.290   1.00 16.03 ? 167 SER A C   1 
ATOM   1256 O O   . SER A 1 172 B 22.525  11.986  3.523   1.00 16.20 ? 167 SER A O   1 
ATOM   1257 C CB  . SER A 1 172 B 20.238  13.081  5.157   1.00 15.41 ? 167 SER A CB  1 
ATOM   1258 O OG  . SER A 1 172 B 19.950  11.866  5.829   1.00 17.80 ? 167 SER A OG  1 
ATOM   1259 N N   . ALA A 1 173 C 20.870  10.670  2.729   1.00 14.29 ? 167 ALA A N   1 
ATOM   1260 C CA  . ALA A 1 173 C 21.748  9.576   2.293   1.00 13.51 ? 167 ALA A CA  1 
ATOM   1261 C C   . ALA A 1 173 C 22.629  9.948   1.087   1.00 13.06 ? 167 ALA A C   1 
ATOM   1262 O O   . ALA A 1 173 C 22.411  11.009  0.490   1.00 13.05 ? 167 ALA A O   1 
ATOM   1263 C CB  . ALA A 1 173 C 20.888  8.379   1.927   1.00 12.45 ? 167 ALA A CB  1 
ATOM   1264 N N   . ALA A 1 174 D 23.625  9.150   0.678   1.00 13.13 ? 167 ALA A N   1 
ATOM   1265 C CA  . ALA A 1 174 D 24.492  9.478   -0.463  1.00 12.51 ? 167 ALA A CA  1 
ATOM   1266 C C   . ALA A 1 174 D 23.668  9.714   -1.729  1.00 11.71 ? 167 ALA A C   1 
ATOM   1267 O O   . ALA A 1 174 D 23.848  10.721  -2.430  1.00 12.73 ? 167 ALA A O   1 
ATOM   1268 C CB  . ALA A 1 174 D 25.474  8.339   -0.726  1.00 13.16 ? 167 ALA A CB  1 
ATOM   1269 N N   . VAL A 1 175 ? 22.714  8.807   -1.962  1.00 9.35  ? 168 VAL A N   1 
ATOM   1270 C CA  . VAL A 1 175 ? 21.711  8.976   -2.994  1.00 9.70  ? 168 VAL A CA  1 
ATOM   1271 C C   . VAL A 1 175 ? 20.386  9.005   -2.217  1.00 9.23  ? 168 VAL A C   1 
ATOM   1272 O O   . VAL A 1 175 ? 20.106  8.061   -1.479  1.00 10.11 ? 168 VAL A O   1 
ATOM   1273 C CB  . VAL A 1 175 ? 21.704  7.790   -4.015  1.00 10.58 ? 168 VAL A CB  1 
ATOM   1274 C CG1 . VAL A 1 175 ? 20.582  7.975   -5.034  1.00 10.41 ? 168 VAL A CG1 1 
ATOM   1275 C CG2 . VAL A 1 175 ? 23.023  7.752   -4.789  1.00 10.96 ? 168 VAL A CG2 1 
ATOM   1276 N N   . PRO A 1 176 ? 19.526  10.033  -2.322  1.00 8.97  ? 169 PRO A N   1 
ATOM   1277 C CA  . PRO A 1 176 ? 18.215  10.096  -1.664  1.00 9.00  ? 169 PRO A CA  1 
ATOM   1278 C C   . PRO A 1 176 ? 17.328  8.954   -2.133  1.00 8.92  ? 169 PRO A C   1 
ATOM   1279 O O   . PRO A 1 176 ? 17.373  8.598   -3.310  1.00 8.89  ? 169 PRO A O   1 
ATOM   1280 C CB  . PRO A 1 176 ? 17.663  11.446  -2.036  1.00 7.69  ? 169 PRO A CB  1 
ATOM   1281 C CG  . PRO A 1 176 ? 18.917  12.252  -2.316  1.00 12.37 ? 169 PRO A CG  1 
ATOM   1282 C CD  . PRO A 1 176 ? 19.773  11.252  -3.076  1.00 9.20  ? 169 PRO A CD  1 
ATOM   1283 N N   . TYR A 1 177 ? 16.562  8.346   -1.230  1.00 8.54  ? 170 TYR A N   1 
ATOM   1284 C CA  . TYR A 1 177 ? 15.717  7.221   -1.590  1.00 8.14  ? 170 TYR A CA  1 
ATOM   1285 C C   . TYR A 1 177 ? 14.349  7.223   -0.926  1.00 9.32  ? 170 TYR A C   1 
ATOM   1286 O O   . TYR A 1 177 ? 14.084  7.962   0.029   1.00 8.94  ? 170 TYR A O   1 
ATOM   1287 C CB  . TYR A 1 177 ? 16.437  5.901   -1.259  1.00 7.85  ? 170 TYR A CB  1 
ATOM   1288 C CG  . TYR A 1 177 ? 16.878  5.660   0.179   1.00 8.00  ? 170 TYR A CG  1 
ATOM   1289 C CD1 . TYR A 1 177 ? 15.950  5.257   1.144   1.00 7.93  ? 170 TYR A CD1 1 
ATOM   1290 C CD2 . TYR A 1 177 ? 18.212  5.863   0.536   1.00 8.96  ? 170 TYR A CD2 1 
ATOM   1291 C CE1 . TYR A 1 177 ? 16.341  5.066   2.467   1.00 8.64  ? 170 TYR A CE1 1 
ATOM   1292 C CE2 . TYR A 1 177 ? 18.610  5.665   1.861   1.00 8.98  ? 170 TYR A CE2 1 
ATOM   1293 C CZ  . TYR A 1 177 ? 17.674  5.270   2.818   1.00 10.05 ? 170 TYR A CZ  1 
ATOM   1294 O OH  . TYR A 1 177 ? 18.068  5.071   4.123   1.00 9.52  ? 170 TYR A OH  1 
ATOM   1295 N N   . TRP A 1 178 ? 13.490  6.397   -1.529  1.00 7.60  ? 171 TRP A N   1 
ATOM   1296 C CA  . TRP A 1 178 ? 12.163  6.069   -1.030  1.00 7.63  ? 171 TRP A CA  1 
ATOM   1297 C C   . TRP A 1 178 ? 12.234  4.711   -0.357  1.00 7.27  ? 171 TRP A C   1 
ATOM   1298 O O   . TRP A 1 178 ? 13.039  3.879   -0.770  1.00 7.81  ? 171 TRP A O   1 
ATOM   1299 C CB  . TRP A 1 178 ? 11.165  5.972   -2.162  1.00 7.15  ? 171 TRP A CB  1 
ATOM   1300 C CG  . TRP A 1 178 ? 10.699  7.286   -2.762  1.00 8.78  ? 171 TRP A CG  1 
ATOM   1301 C CD1 . TRP A 1 178 ? 10.982  7.589   -4.070  1.00 9.62  ? 171 TRP A CD1 1 
ATOM   1302 C CD2 . TRP A 1 178 ? 9.900   8.234   -2.158  1.00 10.05 ? 171 TRP A CD2 1 
ATOM   1303 N NE1 . TRP A 1 178 ? 10.350  8.721   -4.310  1.00 10.46 ? 171 TRP A NE1 1 
ATOM   1304 C CE2 . TRP A 1 178 ? 9.694   9.143   -3.213  1.00 10.72 ? 171 TRP A CE2 1 
ATOM   1305 C CE3 . TRP A 1 178 ? 9.313   8.475   -0.915  1.00 9.39  ? 171 TRP A CE3 1 
ATOM   1306 C CZ2 . TRP A 1 178 ? 8.908   10.290  -3.038  1.00 9.12  ? 171 TRP A CZ2 1 
ATOM   1307 C CZ3 . TRP A 1 178 ? 8.529   9.618   -0.740  1.00 8.62  ? 171 TRP A CZ3 1 
ATOM   1308 C CH2 . TRP A 1 178 ? 8.329   10.519  -1.792  1.00 8.38  ? 171 TRP A CH2 1 
ATOM   1309 N N   . ILE A 1 179 ? 11.393  4.467   0.657   1.00 6.50  ? 172 ILE A N   1 
ATOM   1310 C CA  . ILE A 1 179 ? 11.331  3.192   1.368   1.00 5.78  ? 172 ILE A CA  1 
ATOM   1311 C C   . ILE A 1 179 ? 9.945   2.633   1.053   1.00 7.16  ? 172 ILE A C   1 
ATOM   1312 O O   . ILE A 1 179 ? 8.938   3.311   1.279   1.00 7.55  ? 172 ILE A O   1 
ATOM   1313 C CB  . ILE A 1 179 ? 11.493  3.384   2.909   1.00 6.24  ? 172 ILE A CB  1 
ATOM   1314 C CG1 . ILE A 1 179 ? 12.763  4.148   3.251   1.00 6.39  ? 172 ILE A CG1 1 
ATOM   1315 C CG2 . ILE A 1 179 ? 11.540  2.013   3.564   1.00 5.29  ? 172 ILE A CG2 1 
ATOM   1316 C CD1 . ILE A 1 179 ? 12.882  4.536   4.742   1.00 8.17  ? 172 ILE A CD1 1 
ATOM   1317 N N   . ILE A 1 180 ? 9.860   1.399   0.534   1.00 6.43  ? 173 ILE A N   1 
ATOM   1318 C CA  . ILE A 1 180 ? 8.591   0.844   0.065   1.00 5.63  ? 173 ILE A CA  1 
ATOM   1319 C C   . ILE A 1 180 ? 8.362   -0.549  0.621   1.00 4.84  ? 173 ILE A C   1 
ATOM   1320 O O   . ILE A 1 180 ? 9.244   -1.409  0.598   1.00 3.41  ? 173 ILE A O   1 
ATOM   1321 C CB  . ILE A 1 180 ? 8.573   0.805   -1.502  1.00 5.70  ? 173 ILE A CB  1 
ATOM   1322 C CG1 . ILE A 1 180 ? 8.589   2.204   -2.111  1.00 6.22  ? 173 ILE A CG1 1 
ATOM   1323 C CG2 . ILE A 1 180 ? 7.310   0.079   -1.964  1.00 6.41  ? 173 ILE A CG2 1 
ATOM   1324 C CD1 . ILE A 1 180 ? 8.970   2.252   -3.599  1.00 6.47  ? 173 ILE A CD1 1 
ATOM   1325 N N   . LYS A 1 181 ? 7.142   -0.690  1.154   1.00 3.09  ? 174 LYS A N   1 
ATOM   1326 C CA  . LYS A 1 181 ? 6.620   -1.928  1.686   1.00 4.98  ? 174 LYS A CA  1 
ATOM   1327 C C   . LYS A 1 181 ? 6.016   -2.768  0.551   1.00 5.58  ? 174 LYS A C   1 
ATOM   1328 O O   . LYS A 1 181 ? 5.124   -2.295  -0.153  1.00 6.32  ? 174 LYS A O   1 
ATOM   1329 C CB  . LYS A 1 181 ? 5.536   -1.625  2.738   1.00 4.54  ? 174 LYS A CB  1 
ATOM   1330 C CG  . LYS A 1 181 ? 5.109   -2.886  3.480   1.00 4.27  ? 174 LYS A CG  1 
ATOM   1331 C CD  . LYS A 1 181 ? 3.951   -2.658  4.455   1.00 5.91  ? 174 LYS A CD  1 
ATOM   1332 C CE  . LYS A 1 181 ? 3.648   -3.972  5.150   1.00 4.49  ? 174 LYS A CE  1 
ATOM   1333 N NZ  . LYS A 1 181 ? 2.651   -3.806  6.190   1.00 4.42  ? 174 LYS A NZ  1 
ATOM   1334 N N   . ASN A 1 182 ? 6.493   -4.003  0.347   1.00 5.92  ? 175 ASN A N   1 
ATOM   1335 C CA  . ASN A 1 182 ? 5.916   -4.867  -0.679  1.00 6.66  ? 175 ASN A CA  1 
ATOM   1336 C C   . ASN A 1 182 ? 5.153   -6.015  -0.015  1.00 6.71  ? 175 ASN A C   1 
ATOM   1337 O O   . ASN A 1 182 ? 5.226   -6.220  1.198   1.00 5.95  ? 175 ASN A O   1 
ATOM   1338 C CB  . ASN A 1 182 ? 7.039   -5.407  -1.566  1.00 4.39  ? 175 ASN A CB  1 
ATOM   1339 C CG  . ASN A 1 182 ? 6.604   -5.875  -2.956  1.00 7.00  ? 175 ASN A CG  1 
ATOM   1340 O OD1 . ASN A 1 182 ? 5.433   -5.851  -3.334  1.00 7.69  ? 175 ASN A OD1 1 
ATOM   1341 N ND2 . ASN A 1 182 ? 7.538   -6.307  -3.790  1.00 7.67  ? 175 ASN A ND2 1 
ATOM   1342 N N   . SER A 1 183 ? 4.403   -6.767  -0.830  1.00 7.27  ? 176 SER A N   1 
ATOM   1343 C CA  . SER A 1 183 ? 3.620   -7.894  -0.373  1.00 7.07  ? 176 SER A CA  1 
ATOM   1344 C C   . SER A 1 183 ? 4.077   -9.248  -0.923  1.00 7.55  ? 176 SER A C   1 
ATOM   1345 O O   . SER A 1 183 ? 3.272   -10.113 -1.263  1.00 7.20  ? 176 SER A O   1 
ATOM   1346 C CB  . SER A 1 183 ? 2.178   -7.585  -0.745  1.00 7.34  ? 176 SER A CB  1 
ATOM   1347 O OG  . SER A 1 183 ? 2.095   -7.267  -2.130  1.00 8.87  ? 176 SER A OG  1 
ATOM   1348 N N   . TRP A 1 184 ? 5.390   -9.468  -1.002  1.00 7.47  ? 177 TRP A N   1 
ATOM   1349 C CA  . TRP A 1 184 ? 5.959   -10.723 -1.479  1.00 8.56  ? 177 TRP A CA  1 
ATOM   1350 C C   . TRP A 1 184 ? 6.760   -11.464 -0.398  1.00 9.04  ? 177 TRP A C   1 
ATOM   1351 O O   . TRP A 1 184 ? 7.773   -12.099 -0.705  1.00 10.14 ? 177 TRP A O   1 
ATOM   1352 C CB  . TRP A 1 184 ? 6.865   -10.426 -2.695  1.00 7.47  ? 177 TRP A CB  1 
ATOM   1353 C CG  . TRP A 1 184 ? 6.214   -9.877  -3.972  1.00 6.78  ? 177 TRP A CG  1 
ATOM   1354 C CD1 . TRP A 1 184 ? 4.852   -9.890  -4.174  1.00 6.36  ? 177 TRP A CD1 1 
ATOM   1355 C CD2 . TRP A 1 184 ? 6.900   -9.328  -5.032  1.00 7.19  ? 177 TRP A CD2 1 
ATOM   1356 N NE1 . TRP A 1 184 ? 4.675   -9.352  -5.353  1.00 7.18  ? 177 TRP A NE1 1 
ATOM   1357 C CE2 . TRP A 1 184 ? 5.853   -9.003  -5.905  1.00 6.60  ? 177 TRP A CE2 1 
ATOM   1358 C CE3 . TRP A 1 184 ? 8.221   -9.051  -5.399  1.00 5.60  ? 177 TRP A CE3 1 
ATOM   1359 C CZ2 . TRP A 1 184 ? 6.111   -8.395  -7.142  1.00 9.18  ? 177 TRP A CZ2 1 
ATOM   1360 C CZ3 . TRP A 1 184 ? 8.478   -8.443  -6.633  1.00 8.46  ? 177 TRP A CZ3 1 
ATOM   1361 C CH2 . TRP A 1 184 ? 7.433   -8.115  -7.505  1.00 8.13  ? 177 TRP A CH2 1 
ATOM   1362 N N   . THR A 1 185 ? 6.288   -11.431 0.870   1.00 9.03  ? 178 THR A N   1 
ATOM   1363 C CA  . THR A 1 185 ? 6.903   -11.995 2.090   1.00 8.36  ? 178 THR A CA  1 
ATOM   1364 C C   . THR A 1 185 ? 8.189   -11.280 2.527   1.00 9.60  ? 178 THR A C   1 
ATOM   1365 O O   . THR A 1 185 ? 8.714   -10.441 1.797   1.00 11.30 ? 178 THR A O   1 
ATOM   1366 C CB  . THR A 1 185 ? 7.303   -13.536 2.022   1.00 7.36  ? 178 THR A CB  1 
ATOM   1367 O OG1 . THR A 1 185 ? 8.453   -13.657 1.195   1.00 6.80  ? 178 THR A OG1 1 
ATOM   1368 C CG2 . THR A 1 185 ? 6.178   -14.417 1.501   1.00 6.71  ? 178 THR A CG2 1 
ATOM   1369 N N   . THR A 1 186 ? 8.721   -11.614 3.713   1.00 9.92  ? 179 THR A N   1 
ATOM   1370 C CA  . THR A 1 186 ? 9.958   -11.034 4.206   1.00 10.92 ? 179 THR A CA  1 
ATOM   1371 C C   . THR A 1 186 ? 11.195  -11.696 3.598   1.00 11.86 ? 179 THR A C   1 
ATOM   1372 O O   . THR A 1 186 ? 12.314  -11.218 3.793   1.00 12.49 ? 179 THR A O   1 
ATOM   1373 C CB  . THR A 1 186 ? 10.011  -11.136 5.752   1.00 12.69 ? 179 THR A CB  1 
ATOM   1374 O OG1 . THR A 1 186 ? 9.949   -12.515 6.103   1.00 13.89 ? 179 THR A OG1 1 
ATOM   1375 C CG2 . THR A 1 186 ? 8.872   -10.352 6.412   1.00 13.68 ? 179 THR A CG2 1 
ATOM   1376 N N   . GLN A 1 187 ? 11.049  -12.789 2.842   1.00 12.24 ? 180 GLN A N   1 
ATOM   1377 C CA  . GLN A 1 187 ? 12.184  -13.408 2.168   1.00 13.08 ? 180 GLN A CA  1 
ATOM   1378 C C   . GLN A 1 187 ? 12.669  -12.677 0.929   1.00 12.73 ? 180 GLN A C   1 
ATOM   1379 O O   . GLN A 1 187 ? 13.802  -12.918 0.497   1.00 15.22 ? 180 GLN A O   1 
ATOM   1380 C CB  . GLN A 1 187 ? 11.836  -14.851 1.800   1.00 14.92 ? 180 GLN A CB  1 
ATOM   1381 C CG  . GLN A 1 187 ? 11.770  -15.726 3.045   1.00 20.23 ? 180 GLN A CG  1 
ATOM   1382 C CD  . GLN A 1 187 ? 13.066  -15.840 3.857   1.00 23.20 ? 180 GLN A CD  1 
ATOM   1383 O OE1 . GLN A 1 187 ? 14.124  -16.288 3.369   1.00 26.64 ? 180 GLN A OE1 1 
ATOM   1384 N NE2 . GLN A 1 187 ? 13.029  -15.453 5.133   1.00 25.99 ? 180 GLN A NE2 1 
ATOM   1385 N N   . TRP A 1 188 ? 11.842  -11.760 0.412   1.00 9.79  ? 181 TRP A N   1 
ATOM   1386 C CA  . TRP A 1 188 ? 12.199  -10.930 -0.718  1.00 9.21  ? 181 TRP A CA  1 
ATOM   1387 C C   . TRP A 1 188 ? 12.794  -9.613  -0.222  1.00 9.99  ? 181 TRP A C   1 
ATOM   1388 O O   . TRP A 1 188 ? 12.328  -9.031  0.754   1.00 11.22 ? 181 TRP A O   1 
ATOM   1389 C CB  . TRP A 1 188 ? 10.956  -10.632 -1.577  1.00 8.46  ? 181 TRP A CB  1 
ATOM   1390 C CG  . TRP A 1 188 ? 11.218  -9.677  -2.745  1.00 7.96  ? 181 TRP A CG  1 
ATOM   1391 C CD1 . TRP A 1 188 ? 11.684  -10.150 -3.943  1.00 8.55  ? 181 TRP A CD1 1 
ATOM   1392 C CD2 . TRP A 1 188 ? 11.039  -8.310  -2.752  1.00 10.39 ? 181 TRP A CD2 1 
ATOM   1393 N NE1 . TRP A 1 188 ? 11.806  -9.090  -4.716  1.00 7.75  ? 181 TRP A NE1 1 
ATOM   1394 C CE2 . TRP A 1 188 ? 11.433  -7.970  -4.059  1.00 10.41 ? 181 TRP A CE2 1 
ATOM   1395 C CE3 . TRP A 1 188 ? 10.610  -7.319  -1.866  1.00 9.39  ? 181 TRP A CE3 1 
ATOM   1396 C CZ2 . TRP A 1 188 ? 11.397  -6.634  -4.483  1.00 11.53 ? 181 TRP A CZ2 1 
ATOM   1397 C CZ3 . TRP A 1 188 ? 10.576  -5.994  -2.295  1.00 9.78  ? 181 TRP A CZ3 1 
ATOM   1398 C CH2 . TRP A 1 188 ? 10.967  -5.651  -3.592  1.00 8.13  ? 181 TRP A CH2 1 
ATOM   1399 N N   . GLY A 1 189 ? 13.797  -9.125  -0.945  1.00 8.24  ? 182 GLY A N   1 
ATOM   1400 C CA  . GLY A 1 189 ? 14.414  -7.825  -0.717  1.00 11.15 ? 182 GLY A CA  1 
ATOM   1401 C C   . GLY A 1 189 ? 14.997  -7.660  0.679   1.00 10.70 ? 182 GLY A C   1 
ATOM   1402 O O   . GLY A 1 189 ? 15.571  -8.587  1.250   1.00 9.05  ? 182 GLY A O   1 
ATOM   1403 N N   . GLU A 1 190 ? 14.789  -6.459  1.222   1.00 11.57 ? 183 GLU A N   1 
ATOM   1404 C CA  . GLU A 1 190 ? 15.277  -6.138  2.553   1.00 11.66 ? 183 GLU A CA  1 
ATOM   1405 C C   . GLU A 1 190 ? 14.169  -6.400  3.553   1.00 11.65 ? 183 GLU A C   1 
ATOM   1406 O O   . GLU A 1 190 ? 13.434  -5.498  3.974   1.00 10.99 ? 183 GLU A O   1 
ATOM   1407 C CB  . GLU A 1 190 ? 15.718  -4.669  2.596   1.00 11.13 ? 183 GLU A CB  1 
ATOM   1408 C CG  . GLU A 1 190 ? 16.906  -4.337  1.716   1.00 11.20 ? 183 GLU A CG  1 
ATOM   1409 C CD  . GLU A 1 190 ? 17.500  -2.948  1.923   1.00 12.36 ? 183 GLU A CD  1 
ATOM   1410 O OE1 . GLU A 1 190 ? 16.813  -2.050  2.392   1.00 11.04 ? 183 GLU A OE1 1 
ATOM   1411 O OE2 . GLU A 1 190 ? 18.674  -2.754  1.612   1.00 11.07 ? 183 GLU A OE2 1 
ATOM   1412 N N   . GLU A 1 191 ? 14.026  -7.686  3.901   1.00 11.99 ? 184 GLU A N   1 
ATOM   1413 C CA  . GLU A 1 191 ? 12.973  -8.156  4.796   1.00 13.19 ? 184 GLU A CA  1 
ATOM   1414 C C   . GLU A 1 191 ? 11.562  -7.751  4.347   1.00 11.57 ? 184 GLU A C   1 
ATOM   1415 O O   . GLU A 1 191 ? 10.722  -7.354  5.154   1.00 12.09 ? 184 GLU A O   1 
ATOM   1416 C CB  . GLU A 1 191 ? 13.249  -7.620  6.196   1.00 16.34 ? 184 GLU A CB  1 
ATOM   1417 C CG  . GLU A 1 191 ? 14.570  -8.097  6.749   1.00 24.18 ? 184 GLU A CG  1 
ATOM   1418 C CD  . GLU A 1 191 ? 14.339  -9.001  7.931   1.00 30.34 ? 184 GLU A CD  1 
ATOM   1419 O OE1 . GLU A 1 191 ? 14.264  -8.478  9.044   1.00 33.63 ? 184 GLU A OE1 1 
ATOM   1420 O OE2 . GLU A 1 191 ? 14.211  -10.213 7.739   1.00 34.22 ? 184 GLU A OE2 1 
ATOM   1421 N N   . GLY A 1 192 ? 11.296  -7.818  3.035   1.00 9.53  ? 185 GLY A N   1 
ATOM   1422 C CA  . GLY A 1 192 ? 10.010  -7.473  2.448   1.00 6.87  ? 185 GLY A CA  1 
ATOM   1423 C C   . GLY A 1 192 ? 9.918   -6.039  1.933   1.00 7.46  ? 185 GLY A C   1 
ATOM   1424 O O   . GLY A 1 192 ? 8.896   -5.670  1.349   1.00 7.32  ? 185 GLY A O   1 
ATOM   1425 N N   . TYR A 1 193 ? 10.970  -5.226  2.163   1.00 7.36  ? 186 TYR A N   1 
ATOM   1426 C CA  . TYR A 1 193 ? 11.060  -3.819  1.753   1.00 6.78  ? 186 TYR A CA  1 
ATOM   1427 C C   . TYR A 1 193 ? 12.037  -3.557  0.613   1.00 5.99  ? 186 TYR A C   1 
ATOM   1428 O O   . TYR A 1 193 ? 12.937  -4.353  0.343   1.00 6.17  ? 186 TYR A O   1 
ATOM   1429 C CB  . TYR A 1 193 ? 11.489  -2.934  2.941   1.00 7.06  ? 186 TYR A CB  1 
ATOM   1430 C CG  . TYR A 1 193 ? 10.372  -2.752  3.955   1.00 6.47  ? 186 TYR A CG  1 
ATOM   1431 C CD1 . TYR A 1 193 ? 10.180  -3.685  4.984   1.00 4.76  ? 186 TYR A CD1 1 
ATOM   1432 C CD2 . TYR A 1 193 ? 9.519   -1.656  3.821   1.00 4.75  ? 186 TYR A CD2 1 
ATOM   1433 C CE1 . TYR A 1 193 ? 9.110   -3.515  5.866   1.00 6.34  ? 186 TYR A CE1 1 
ATOM   1434 C CE2 . TYR A 1 193 ? 8.458   -1.495  4.704   1.00 4.95  ? 186 TYR A CE2 1 
ATOM   1435 C CZ  . TYR A 1 193 ? 8.252   -2.422  5.720   1.00 5.05  ? 186 TYR A CZ  1 
ATOM   1436 O OH  . TYR A 1 193 ? 7.182   -2.246  6.575   1.00 9.40  ? 186 TYR A OH  1 
ATOM   1437 N N   . ILE A 1 194 ? 11.868  -2.413  -0.051  1.00 5.27  ? 187 ILE A N   1 
ATOM   1438 C CA  . ILE A 1 194 ? 12.778  -1.992  -1.102  1.00 7.63  ? 187 ILE A CA  1 
ATOM   1439 C C   . ILE A 1 194 ? 13.027  -0.487  -1.022  1.00 8.14  ? 187 ILE A C   1 
ATOM   1440 O O   . ILE A 1 194 ? 12.134  0.315   -0.749  1.00 8.42  ? 187 ILE A O   1 
ATOM   1441 C CB  . ILE A 1 194 ? 12.208  -2.394  -2.522  1.00 6.52  ? 187 ILE A CB  1 
ATOM   1442 C CG1 . ILE A 1 194 ? 13.137  -1.886  -3.629  1.00 8.31  ? 187 ILE A CG1 1 
ATOM   1443 C CG2 . ILE A 1 194 ? 10.804  -1.821  -2.718  1.00 8.19  ? 187 ILE A CG2 1 
ATOM   1444 C CD1 . ILE A 1 194 ? 12.780  -2.353  -5.062  1.00 5.79  ? 187 ILE A CD1 1 
ATOM   1445 N N   . ARG A 1 195 ? 14.294  -0.127  -1.255  1.00 7.99  ? 188 ARG A N   1 
ATOM   1446 C CA  . ARG A 1 195 ? 14.699  1.262   -1.354  1.00 8.70  ? 188 ARG A CA  1 
ATOM   1447 C C   . ARG A 1 195 ? 15.060  1.558   -2.806  1.00 8.10  ? 188 ARG A C   1 
ATOM   1448 O O   . ARG A 1 195 ? 15.852  0.845   -3.425  1.00 8.34  ? 188 ARG A O   1 
ATOM   1449 C CB  . ARG A 1 195 ? 15.890  1.505   -0.424  1.00 8.63  ? 188 ARG A CB  1 
ATOM   1450 C CG  . ARG A 1 195 ? 15.409  1.496   1.016   1.00 10.57 ? 188 ARG A CG  1 
ATOM   1451 C CD  . ARG A 1 195 ? 16.469  0.981   1.967   1.00 15.25 ? 188 ARG A CD  1 
ATOM   1452 N NE  . ARG A 1 195 ? 17.640  1.822   2.017   1.00 17.63 ? 188 ARG A NE  1 
ATOM   1453 C CZ  . ARG A 1 195 ? 18.877  1.354   2.233   1.00 18.03 ? 188 ARG A CZ  1 
ATOM   1454 N NH1 . ARG A 1 195 ? 19.146  0.063   2.402   1.00 15.15 ? 188 ARG A NH1 1 
ATOM   1455 N NH2 . ARG A 1 195 ? 19.880  2.228   2.266   1.00 17.27 ? 188 ARG A NH2 1 
ATOM   1456 N N   . ILE A 1 196 ? 14.394  2.554   -3.401  1.00 7.96  ? 189 ILE A N   1 
ATOM   1457 C CA  . ILE A 1 196 ? 14.678  2.971   -4.775  1.00 9.21  ? 189 ILE A CA  1 
ATOM   1458 C C   . ILE A 1 196 ? 15.120  4.430   -4.729  1.00 10.24 ? 189 ILE A C   1 
ATOM   1459 O O   . ILE A 1 196 ? 14.655  5.151   -3.852  1.00 9.58  ? 189 ILE A O   1 
ATOM   1460 C CB  . ILE A 1 196 ? 13.426  2.858   -5.721  1.00 8.13  ? 189 ILE A CB  1 
ATOM   1461 C CG1 . ILE A 1 196 ? 12.275  3.766   -5.306  1.00 8.24  ? 189 ILE A CG1 1 
ATOM   1462 C CG2 . ILE A 1 196 ? 12.958  1.391   -5.692  1.00 8.35  ? 189 ILE A CG2 1 
ATOM   1463 C CD1 . ILE A 1 196 ? 11.093  3.849   -6.316  1.00 6.91  ? 189 ILE A CD1 1 
ATOM   1464 N N   . ALA A 1 197 ? 15.976  4.921   -5.636  1.00 10.28 ? 190 ALA A N   1 
ATOM   1465 C CA  . ALA A 1 197 ? 16.394  6.321   -5.649  1.00 10.52 ? 190 ALA A CA  1 
ATOM   1466 C C   . ALA A 1 197 ? 15.197  7.265   -5.795  1.00 12.10 ? 190 ALA A C   1 
ATOM   1467 O O   . ALA A 1 197 ? 14.171  6.923   -6.391  1.00 11.79 ? 190 ALA A O   1 
ATOM   1468 C CB  . ALA A 1 197 ? 17.353  6.579   -6.812  1.00 10.09 ? 190 ALA A CB  1 
ATOM   1469 N N   . LYS A 1 198 ? 15.334  8.459   -5.206  1.00 10.96 ? 191 LYS A N   1 
ATOM   1470 C CA  . LYS A 1 198 ? 14.294  9.470   -5.187  1.00 10.13 ? 191 LYS A CA  1 
ATOM   1471 C C   . LYS A 1 198 ? 14.734  10.677  -6.005  1.00 9.89  ? 191 LYS A C   1 
ATOM   1472 O O   . LYS A 1 198 ? 15.908  11.068  -6.010  1.00 9.31  ? 191 LYS A O   1 
ATOM   1473 C CB  . LYS A 1 198 ? 14.018  9.865   -3.719  1.00 10.20 ? 191 LYS A CB  1 
ATOM   1474 C CG  . LYS A 1 198 ? 13.072  11.044  -3.466  1.00 10.45 ? 191 LYS A CG  1 
ATOM   1475 C CD  . LYS A 1 198 ? 12.810  11.145  -1.972  1.00 9.20  ? 191 LYS A CD  1 
ATOM   1476 C CE  . LYS A 1 198 ? 11.910  12.340  -1.649  1.00 12.24 ? 191 LYS A CE  1 
ATOM   1477 N NZ  . LYS A 1 198 ? 12.586  13.610  -1.878  1.00 13.56 ? 191 LYS A NZ  1 
ATOM   1478 N N   . GLY A 1 199 ? 13.787  11.240  -6.755  1.00 10.56 ? 192 GLY A N   1 
ATOM   1479 C CA  . GLY A 1 199 ? 14.048  12.457  -7.500  1.00 11.67 ? 192 GLY A CA  1 
ATOM   1480 C C   . GLY A 1 199 ? 14.062  12.289  -9.005  1.00 12.05 ? 192 GLY A C   1 
ATOM   1481 O O   . GLY A 1 199 ? 14.073  13.301  -9.707  1.00 12.54 ? 192 GLY A O   1 
ATOM   1482 N N   . SER A 1 200 ? 14.043  11.055  -9.537  1.00 11.61 ? 193 SER A N   1 
ATOM   1483 C CA  . SER A 1 200 ? 14.089  10.855  -10.985 1.00 10.82 ? 193 SER A CA  1 
ATOM   1484 C C   . SER A 1 200 ? 13.006  9.933   -11.531 1.00 10.86 ? 193 SER A C   1 
ATOM   1485 O O   . SER A 1 200 ? 13.163  9.339   -12.595 1.00 10.84 ? 193 SER A O   1 
ATOM   1486 C CB  . SER A 1 200 ? 15.468  10.316  -11.359 1.00 9.23  ? 193 SER A CB  1 
ATOM   1487 O OG  . SER A 1 200 ? 15.771  9.189   -10.558 1.00 10.23 ? 193 SER A OG  1 
ATOM   1488 N N   . ASN A 1 201 ? 11.902  9.797   -10.784 1.00 9.06  ? 198 ASN A N   1 
ATOM   1489 C CA  . ASN A 1 201 ? 10.739  8.985   -11.115 1.00 8.96  ? 198 ASN A CA  1 
ATOM   1490 C C   . ASN A 1 201 ? 11.092  7.524   -11.407 1.00 7.87  ? 198 ASN A C   1 
ATOM   1491 O O   . ASN A 1 201 ? 10.670  6.931   -12.402 1.00 9.12  ? 198 ASN A O   1 
ATOM   1492 C CB  . ASN A 1 201 ? 10.001  9.632   -12.315 1.00 8.45  ? 198 ASN A CB  1 
ATOM   1493 C CG  . ASN A 1 201 ? 8.566   9.144   -12.461 1.00 7.22  ? 198 ASN A CG  1 
ATOM   1494 O OD1 . ASN A 1 201 ? 7.950   8.696   -11.498 1.00 7.39  ? 198 ASN A OD1 1 
ATOM   1495 N ND2 . ASN A 1 201 ? 7.973   9.236   -13.646 1.00 7.65  ? 198 ASN A ND2 1 
ATOM   1496 N N   . GLN A 1 202 ? 11.897  6.938   -10.516 1.00 6.77  ? 199 GLN A N   1 
ATOM   1497 C CA  . GLN A 1 202 ? 12.319  5.550   -10.611 1.00 8.26  ? 199 GLN A CA  1 
ATOM   1498 C C   . GLN A 1 202 ? 11.115  4.651   -10.430 1.00 8.56  ? 199 GLN A C   1 
ATOM   1499 O O   . GLN A 1 202 ? 10.331  4.842   -9.502  1.00 8.70  ? 199 GLN A O   1 
ATOM   1500 C CB  . GLN A 1 202 ? 13.335  5.206   -9.528  1.00 8.96  ? 199 GLN A CB  1 
ATOM   1501 C CG  . GLN A 1 202 ? 14.649  5.953   -9.704  1.00 11.57 ? 199 GLN A CG  1 
ATOM   1502 C CD  . GLN A 1 202 ? 15.294  5.742   -11.064 1.00 13.54 ? 199 GLN A CD  1 
ATOM   1503 O OE1 . GLN A 1 202 ? 15.425  6.667   -11.865 1.00 14.53 ? 199 GLN A OE1 1 
ATOM   1504 N NE2 . GLN A 1 202 ? 15.673  4.508   -11.361 1.00 13.46 ? 199 GLN A NE2 1 
ATOM   1505 N N   . CYS A 1 203 ? 10.948  3.713   -11.370 1.00 7.57  ? 200 CYS A N   1 
ATOM   1506 C CA  . CYS A 1 203 ? 9.850   2.756   -11.388 1.00 7.51  ? 200 CYS A CA  1 
ATOM   1507 C C   . CYS A 1 203 ? 8.493   3.438   -11.544 1.00 6.79  ? 200 CYS A C   1 
ATOM   1508 O O   . CYS A 1 203 ? 7.456   2.852   -11.230 1.00 7.47  ? 200 CYS A O   1 
ATOM   1509 C CB  . CYS A 1 203 ? 9.849   1.909   -10.099 1.00 7.31  ? 200 CYS A CB  1 
ATOM   1510 S SG  . CYS A 1 203 ? 11.453  1.302   -9.513  1.00 9.73  ? 200 CYS A SG  1 
ATOM   1511 N N   . LEU A 1 204 ? 8.471   4.671   -12.072 1.00 6.95  ? 201 LEU A N   1 
ATOM   1512 C CA  . LEU A 1 204 ? 7.270   5.508   -12.231 1.00 7.19  ? 201 LEU A CA  1 
ATOM   1513 C C   . LEU A 1 204 ? 6.492   5.792   -10.930 1.00 7.01  ? 201 LEU A C   1 
ATOM   1514 O O   . LEU A 1 204 ? 5.279   5.999   -10.935 1.00 4.64  ? 201 LEU A O   1 
ATOM   1515 C CB  . LEU A 1 204 ? 6.334   4.852   -13.268 1.00 7.56  ? 201 LEU A CB  1 
ATOM   1516 C CG  . LEU A 1 204 ? 6.909   4.663   -14.682 1.00 7.04  ? 201 LEU A CG  1 
ATOM   1517 C CD1 . LEU A 1 204 ? 5.966   3.763   -15.462 1.00 8.99  ? 201 LEU A CD1 1 
ATOM   1518 C CD2 . LEU A 1 204 ? 7.128   6.014   -15.350 1.00 6.47  ? 201 LEU A CD2 1 
ATOM   1519 N N   . VAL A 1 205 ? 7.232   5.886   -9.810  1.00 8.12  ? 202 VAL A N   1 
ATOM   1520 C CA  . VAL A 1 205 ? 6.675   6.087   -8.467  1.00 8.92  ? 202 VAL A CA  1 
ATOM   1521 C C   . VAL A 1 205 ? 5.774   7.310   -8.250  1.00 8.64  ? 202 VAL A C   1 
ATOM   1522 O O   . VAL A 1 205 ? 4.867   7.246   -7.420  1.00 11.22 ? 202 VAL A O   1 
ATOM   1523 C CB  . VAL A 1 205 ? 7.890   6.063   -7.482  1.00 8.81  ? 202 VAL A CB  1 
ATOM   1524 C CG1 . VAL A 1 205 ? 8.767   7.304   -7.644  1.00 9.00  ? 202 VAL A CG1 1 
ATOM   1525 C CG2 . VAL A 1 205 ? 7.363   5.922   -6.059  1.00 10.29 ? 202 VAL A CG2 1 
ATOM   1526 N N   . LYS A 1 206 ? 5.899   8.404   -9.004  1.00 10.24 ? 203 LYS A N   1 
ATOM   1527 C CA  . LYS A 1 206 ? 5.041   9.567   -8.801  1.00 12.25 ? 203 LYS A CA  1 
ATOM   1528 C C   . LYS A 1 206 ? 3.718   9.593   -9.565  1.00 12.27 ? 203 LYS A C   1 
ATOM   1529 O O   . LYS A 1 206 ? 2.916   10.510  -9.367  1.00 13.24 ? 203 LYS A O   1 
ATOM   1530 C CB  . LYS A 1 206 ? 5.824   10.834  -9.146  1.00 12.03 ? 203 LYS A CB  1 
ATOM   1531 C CG  . LYS A 1 206 ? 6.026   11.086  -10.647 1.00 15.27 ? 203 LYS A CG  1 
ATOM   1532 C CD  . LYS A 1 206 ? 6.870   12.331  -10.863 1.00 17.59 ? 203 LYS A CD  1 
ATOM   1533 C CE  . LYS A 1 206 ? 7.115   12.613  -12.342 1.00 20.30 ? 203 LYS A CE  1 
ATOM   1534 N NZ  . LYS A 1 206 ? 5.860   12.746  -13.051 1.00 21.57 ? 203 LYS A NZ  1 
ATOM   1535 N N   . GLU A 1 207 ? 3.438   8.593   -10.409 1.00 11.81 ? 204 GLU A N   1 
ATOM   1536 C CA  . GLU A 1 207 ? 2.274   8.644   -11.295 1.00 11.84 ? 204 GLU A CA  1 
ATOM   1537 C C   . GLU A 1 207 ? 0.877   8.413   -10.718 1.00 9.76  ? 204 GLU A C   1 
ATOM   1538 O O   . GLU A 1 207 ? -0.059  9.086   -11.141 1.00 9.66  ? 204 GLU A O   1 
ATOM   1539 C CB  . GLU A 1 207 ? 2.455   7.645   -12.434 1.00 13.64 ? 204 GLU A CB  1 
ATOM   1540 C CG  . GLU A 1 207 ? 3.761   7.788   -13.218 1.00 18.14 ? 204 GLU A CG  1 
ATOM   1541 C CD  . GLU A 1 207 ? 3.960   9.085   -13.983 1.00 20.36 ? 204 GLU A CD  1 
ATOM   1542 O OE1 . GLU A 1 207 ? 2.984   9.749   -14.329 1.00 22.89 ? 204 GLU A OE1 1 
ATOM   1543 O OE2 . GLU A 1 207 ? 5.104   9.443   -14.246 1.00 21.62 ? 204 GLU A OE2 1 
ATOM   1544 N N   . GLU A 1 208 ? 0.705   7.468   -9.785  1.00 9.22  ? 205 GLU A N   1 
ATOM   1545 C CA  . GLU A 1 208 ? -0.587  7.112   -9.222  1.00 9.95  ? 205 GLU A CA  1 
ATOM   1546 C C   . GLU A 1 208 ? -0.498  7.042   -7.699  1.00 8.74  ? 205 GLU A C   1 
ATOM   1547 O O   . GLU A 1 208 ? -0.579  5.977   -7.083  1.00 7.35  ? 205 GLU A O   1 
ATOM   1548 C CB  . GLU A 1 208 ? -1.039  5.751   -9.770  1.00 13.55 ? 205 GLU A CB  1 
ATOM   1549 C CG  . GLU A 1 208 ? -1.487  5.683   -11.226 1.00 19.83 ? 205 GLU A CG  1 
ATOM   1550 C CD  . GLU A 1 208 ? -2.755  6.457   -11.552 1.00 24.14 ? 205 GLU A CD  1 
ATOM   1551 O OE1 . GLU A 1 208 ? -3.701  6.417   -10.758 1.00 25.78 ? 205 GLU A OE1 1 
ATOM   1552 O OE2 . GLU A 1 208 ? -2.787  7.103   -12.603 1.00 26.41 ? 205 GLU A OE2 1 
ATOM   1553 N N   . ALA A 1 209 ? -0.291  8.192   -7.060  1.00 7.82  ? 206 ALA A N   1 
ATOM   1554 C CA  . ALA A 1 209 ? -0.186  8.232   -5.614  1.00 7.57  ? 206 ALA A CA  1 
ATOM   1555 C C   . ALA A 1 209 ? -1.502  8.699   -5.017  1.00 6.26  ? 206 ALA A C   1 
ATOM   1556 O O   . ALA A 1 209 ? -2.135  9.619   -5.528  1.00 6.98  ? 206 ALA A O   1 
ATOM   1557 C CB  . ALA A 1 209 ? 0.924   9.194   -5.201  1.00 8.04  ? 206 ALA A CB  1 
ATOM   1558 N N   . SER A 1 210 ? -1.969  8.036   -3.960  1.00 6.24  ? 207 SER A N   1 
ATOM   1559 C CA  . SER A 1 210 ? -3.207  8.428   -3.310  1.00 4.56  ? 207 SER A CA  1 
ATOM   1560 C C   . SER A 1 210 ? -3.256  7.890   -1.883  1.00 4.61  ? 207 SER A C   1 
ATOM   1561 O O   . SER A 1 210 ? -2.441  7.063   -1.470  1.00 5.53  ? 207 SER A O   1 
ATOM   1562 C CB  . SER A 1 210 ? -4.419  7.902   -4.085  1.00 5.49  ? 207 SER A CB  1 
ATOM   1563 O OG  . SER A 1 210 ? -4.475  6.487   -4.032  1.00 8.82  ? 207 SER A OG  1 
ATOM   1564 N N   . SER A 1 211 ? -4.241  8.366   -1.118  1.00 3.88  ? 208 SER A N   1 
ATOM   1565 C CA  . SER A 1 211 ? -4.389  7.949   0.263   1.00 5.86  ? 208 SER A CA  1 
ATOM   1566 C C   . SER A 1 211 ? -5.821  8.078   0.729   1.00 6.10  ? 208 SER A C   1 
ATOM   1567 O O   . SER A 1 211 ? -6.533  9.005   0.350   1.00 7.34  ? 208 SER A O   1 
ATOM   1568 C CB  . SER A 1 211 ? -3.512  8.804   1.185   1.00 4.08  ? 208 SER A CB  1 
ATOM   1569 O OG  . SER A 1 211 ? -3.732  8.523   2.558   1.00 8.17  ? 208 SER A OG  1 
ATOM   1570 N N   . ALA A 1 212 ? -6.239  7.132   1.565   1.00 7.26  ? 209 ALA A N   1 
ATOM   1571 C CA  . ALA A 1 212 ? -7.526  7.190   2.242   1.00 7.95  ? 209 ALA A CA  1 
ATOM   1572 C C   . ALA A 1 212 ? -7.507  8.353   3.246   1.00 9.26  ? 209 ALA A C   1 
ATOM   1573 O O   . ALA A 1 212 ? -6.444  8.797   3.701   1.00 9.28  ? 209 ALA A O   1 
ATOM   1574 C CB  . ALA A 1 212 ? -7.784  5.904   3.010   1.00 6.11  ? 209 ALA A CB  1 
ATOM   1575 N N   . VAL A 1 213 ? -8.698  8.867   3.556   1.00 10.05 ? 210 VAL A N   1 
ATOM   1576 C CA  . VAL A 1 213 ? -8.873  9.953   4.503   1.00 11.94 ? 210 VAL A CA  1 
ATOM   1577 C C   . VAL A 1 213 ? -9.789  9.349   5.547   1.00 13.51 ? 210 VAL A C   1 
ATOM   1578 O O   . VAL A 1 213 ? -10.866 8.853   5.222   1.00 12.32 ? 210 VAL A O   1 
ATOM   1579 C CB  . VAL A 1 213 ? -9.560  11.199  3.852   1.00 12.11 ? 210 VAL A CB  1 
ATOM   1580 C CG1 . VAL A 1 213 ? -9.817  12.276  4.902   1.00 13.21 ? 210 VAL A CG1 1 
ATOM   1581 C CG2 . VAL A 1 213 ? -8.668  11.795  2.783   1.00 11.78 ? 210 VAL A CG2 1 
ATOM   1582 N N   . VAL A 1 214 ? -9.326  9.340   6.797   1.00 15.51 ? 211 VAL A N   1 
ATOM   1583 C CA  . VAL A 1 214 ? -10.149 8.888   7.898   1.00 20.95 ? 211 VAL A CA  1 
ATOM   1584 C C   . VAL A 1 214 ? -10.408 10.079  8.825   1.00 24.55 ? 211 VAL A C   1 
ATOM   1585 O O   . VAL A 1 214 ? -9.590  10.988  9.026   1.00 26.66 ? 211 VAL A O   1 
ATOM   1586 C CB  . VAL A 1 214 ? -9.460  7.639   8.655   1.00 20.72 ? 211 VAL A CB  1 
ATOM   1587 C CG1 . VAL A 1 214 ? -7.981  7.567   8.381   1.00 20.30 ? 211 VAL A CG1 1 
ATOM   1588 C CG2 . VAL A 1 214 ? -9.642  7.741   10.173  1.00 19.28 ? 211 VAL A CG2 1 
ATOM   1589 N N   . GLY A 1 215 ? -11.661 10.109  9.278   1.00 28.02 ? 212 GLY A N   1 
ATOM   1590 C CA  . GLY A 1 215 ? -12.069 11.098  10.262  1.00 30.94 ? 212 GLY A CA  1 
ATOM   1591 C C   . GLY A 1 215 ? -13.476 11.530  9.977   1.00 32.62 ? 212 GLY A C   1 
ATOM   1592 O O   . GLY A 1 215 ? -13.632 12.222  8.994   1.00 35.01 ? 212 GLY A O   1 
ATOM   1593 O OXT . GLY A 1 215 ? -14.387 11.154  10.722  1.00 35.20 ? 212 GLY A OXT 1 
HETATM 1594 C C4  . RL2 B 2 .   ? -2.897  -5.243  -10.361 1.00 11.47 ? 280 RL2 A C4  1 
HETATM 1595 O O9  . RL2 B 2 .   ? -3.828  -4.829  -9.676  1.00 12.66 ? 280 RL2 A O9  1 
HETATM 1596 C C3  . RL2 B 2 .   ? -2.121  -6.462  -9.931  1.00 9.71  ? 280 RL2 A C3  1 
HETATM 1597 O O8  . RL2 B 2 .   ? -1.717  -7.202  -11.091 1.00 13.27 ? 280 RL2 A O8  1 
HETATM 1598 C C2  . RL2 B 2 .   ? -0.889  -6.134  -9.059  1.00 10.18 ? 280 RL2 A C2  1 
HETATM 1599 C C1  . RL2 B 2 .   ? -0.271  -7.430  -8.583  1.00 7.98  ? 280 RL2 A C1  1 
HETATM 1600 O O6  . RL2 B 2 .   ? 1.056   -7.573  -8.744  1.00 6.84  ? 280 RL2 A O6  1 
HETATM 1601 O O7  . RL2 B 2 .   ? -0.868  -8.271  -7.918  1.00 10.36 ? 280 RL2 A O7  1 
HETATM 1602 N N5  . RL2 B 2 .   ? -2.533  -4.560  -11.493 1.00 12.83 ? 280 RL2 A N5  1 
HETATM 1603 C C10 . RL2 B 2 .   ? -3.316  -3.423  -12.084 1.00 15.37 ? 280 RL2 A C10 1 
HETATM 1604 C C11 . RL2 B 2 .   ? -4.489  -3.935  -12.900 1.00 16.32 ? 280 RL2 A C11 1 
HETATM 1605 O O26 . RL2 B 2 .   ? -4.359  -4.855  -13.715 1.00 16.50 ? 280 RL2 A O26 1 
HETATM 1606 C C12 . RL2 B 2 .   ? -2.393  -2.564  -12.972 1.00 14.23 ? 280 RL2 A C12 1 
HETATM 1607 C C13 . RL2 B 2 .   ? -1.229  -1.923  -12.179 1.00 13.99 ? 280 RL2 A C13 1 
HETATM 1608 C C14 . RL2 B 2 .   ? -1.664  -0.795  -11.284 1.00 13.90 ? 280 RL2 A C14 1 
HETATM 1609 C C15 . RL2 B 2 .   ? -1.999  -1.028  -9.939  1.00 13.83 ? 280 RL2 A C15 1 
HETATM 1610 C C19 . RL2 B 2 .   ? -1.910  0.466   -11.847 1.00 14.13 ? 280 RL2 A C19 1 
HETATM 1611 C C16 . RL2 B 2 .   ? -2.603  -0.020  -9.180  1.00 13.00 ? 280 RL2 A C16 1 
HETATM 1612 C C18 . RL2 B 2 .   ? -2.527  1.481   -11.099 1.00 15.31 ? 280 RL2 A C18 1 
HETATM 1613 C C17 . RL2 B 2 .   ? -2.876  1.227   -9.764  1.00 12.92 ? 280 RL2 A C17 1 
HETATM 1614 C C25 . RL2 B 2 .   ? -9.744  -4.185  -14.278 1.00 25.99 ? 280 RL2 A C25 1 
HETATM 1615 C C23 . RL2 B 2 .   ? -9.403  -3.121  -13.239 1.00 24.21 ? 280 RL2 A C23 1 
HETATM 1616 C C24 . RL2 B 2 .   ? -10.444 -2.000  -13.268 1.00 25.22 ? 280 RL2 A C24 1 
HETATM 1617 C C22 . RL2 B 2 .   ? -7.979  -2.543  -13.413 1.00 21.79 ? 280 RL2 A C22 1 
HETATM 1618 C C21 . RL2 B 2 .   ? -6.910  -3.646  -13.426 1.00 18.91 ? 280 RL2 A C21 1 
HETATM 1619 N N20 . RL2 B 2 .   ? -5.626  -3.164  -12.883 1.00 16.14 ? 280 RL2 A N20 1 
HETATM 1620 O O   . HOH C 3 .   ? 2.260   1.129   17.175  1.00 15.31 ? 281 HOH A O   1 
HETATM 1621 O O   . HOH C 3 .   ? -1.634  -1.645  18.355  1.00 12.36 ? 282 HOH A O   1 
HETATM 1622 O O   . HOH C 3 .   ? 9.233   7.355   16.973  1.00 8.43  ? 283 HOH A O   1 
HETATM 1623 O O   . HOH C 3 .   ? 11.404  8.582   11.697  1.00 23.50 ? 284 HOH A O   1 
HETATM 1624 O O   . HOH C 3 .   ? 0.584   -0.981  7.376   1.00 5.51  ? 285 HOH A O   1 
HETATM 1625 O O   . HOH C 3 .   ? 0.097   -3.951  5.209   1.00 8.65  ? 286 HOH A O   1 
HETATM 1626 O O   . HOH C 3 .   ? 2.926   -6.352  2.856   1.00 5.57  ? 287 HOH A O   1 
HETATM 1627 O O   . HOH C 3 .   ? 2.534   -3.138  0.017   1.00 8.18  ? 288 HOH A O   1 
HETATM 1628 O O   . HOH C 3 .   ? 1.893   -4.530  -2.473  1.00 4.99  ? 289 HOH A O   1 
HETATM 1629 O O   . HOH C 3 .   ? -1.496  -4.806  3.066   1.00 10.70 ? 290 HOH A O   1 
HETATM 1630 O O   . HOH C 3 .   ? 1.345   -6.617  12.097  1.00 9.06  ? 291 HOH A O   1 
HETATM 1631 O O   . HOH C 3 .   ? 0.983   -8.070  8.973   1.00 13.63 ? 292 HOH A O   1 
HETATM 1632 O O   . HOH C 3 .   ? 7.479   -7.586  8.827   1.00 16.23 ? 293 HOH A O   1 
HETATM 1633 O O   . HOH C 3 .   ? 10.104  -6.778  7.739   1.00 9.64  ? 294 HOH A O   1 
HETATM 1634 O O   . HOH C 3 .   ? 7.711   -8.318  0.259   1.00 5.48  ? 295 HOH A O   1 
HETATM 1635 O O   . HOH C 3 .   ? -2.667  11.404  8.776   1.00 20.87 ? 296 HOH A O   1 
HETATM 1636 O O   . HOH C 3 .   ? -5.243  10.991  4.929   1.00 20.11 ? 297 HOH A O   1 
HETATM 1637 O O   . HOH C 3 .   ? -6.688  10.524  7.471   1.00 20.11 ? 298 HOH A O   1 
HETATM 1638 O O   . HOH C 3 .   ? -4.827  9.723   9.708   1.00 9.90  ? 299 HOH A O   1 
HETATM 1639 O O   . HOH C 3 .   ? -4.497  0.210   11.714  1.00 9.76  ? 300 HOH A O   1 
HETATM 1640 O O   . HOH C 3 .   ? -20.044 -7.906  -2.924  1.00 23.43 ? 301 HOH A O   1 
HETATM 1641 O O   . HOH C 3 .   ? -3.909  -6.431  14.801  1.00 16.47 ? 302 HOH A O   1 
HETATM 1642 O O   . HOH C 3 .   ? -6.535  -8.247  12.793  1.00 6.88  ? 303 HOH A O   1 
HETATM 1643 O O   . HOH C 3 .   ? -3.951  -10.765 4.522   1.00 20.94 ? 304 HOH A O   1 
HETATM 1644 O O   . HOH C 3 .   ? -7.267  -10.646 4.509   1.00 7.40  ? 305 HOH A O   1 
HETATM 1645 O O   . HOH C 3 .   ? -4.644  -13.273 6.840   1.00 7.13  ? 306 HOH A O   1 
HETATM 1646 O O   . HOH C 3 .   ? -12.349 -7.641  -6.218  1.00 8.36  ? 307 HOH A O   1 
HETATM 1647 O O   . HOH C 3 .   ? -15.682 -13.434 -4.975  1.00 28.15 ? 308 HOH A O   1 
HETATM 1648 O O   . HOH C 3 .   ? -18.890 -12.707 -4.302  1.00 21.83 ? 309 HOH A O   1 
HETATM 1649 O O   . HOH C 3 .   ? -17.069 -7.427  -10.938 1.00 14.95 ? 310 HOH A O   1 
HETATM 1650 O O   . HOH C 3 .   ? 6.528   18.384  4.678   1.00 11.35 ? 311 HOH A O   1 
HETATM 1651 O O   . HOH C 3 .   ? -15.286 1.826   -6.695  1.00 7.48  ? 312 HOH A O   1 
HETATM 1652 O O   . HOH C 3 .   ? -18.071 2.610   -5.670  1.00 27.88 ? 313 HOH A O   1 
HETATM 1653 O O   . HOH C 3 .   ? 7.458   18.493  8.392   1.00 35.08 ? 314 HOH A O   1 
HETATM 1654 O O   . HOH C 3 .   ? -13.669 -9.028  -13.210 1.00 46.76 ? 315 HOH A O   1 
HETATM 1655 O O   . HOH C 3 .   ? -11.211 -12.118 -11.128 1.00 40.63 ? 316 HOH A O   1 
HETATM 1656 O O   . HOH C 3 .   ? -5.175  3.681   -7.829  1.00 8.63  ? 317 HOH A O   1 
HETATM 1657 O O   . HOH C 3 .   ? -3.363  5.268   -6.286  1.00 6.20  ? 318 HOH A O   1 
HETATM 1658 O O   . HOH C 3 .   ? -10.962 -16.331 4.872   1.00 22.63 ? 319 HOH A O   1 
HETATM 1659 O O   . HOH C 3 .   ? -6.860  -19.346 -2.817  1.00 19.43 ? 320 HOH A O   1 
HETATM 1660 O O   . HOH C 3 .   ? 0.267   10.812  -8.343  1.00 5.75  ? 321 HOH A O   1 
HETATM 1661 O O   . HOH C 3 .   ? -2.755  12.689  -9.394  1.00 32.10 ? 322 HOH A O   1 
HETATM 1662 O O   . HOH C 3 .   ? -0.031  16.516  -10.846 1.00 36.60 ? 323 HOH A O   1 
HETATM 1663 O O   . HOH C 3 .   ? 2.379   18.367  -10.311 1.00 35.22 ? 324 HOH A O   1 
HETATM 1664 O O   . HOH C 3 .   ? 2.732   14.732  11.521  1.00 46.95 ? 325 HOH A O   1 
HETATM 1665 O O   . HOH C 3 .   ? 2.716   5.905   -8.352  1.00 5.90  ? 326 HOH A O   1 
HETATM 1666 O O   . HOH C 3 .   ? 10.948  -2.095  -12.738 1.00 7.05  ? 327 HOH A O   1 
HETATM 1667 O O   . HOH C 3 .   ? 8.458   -8.751  -11.131 1.00 25.71 ? 328 HOH A O   1 
HETATM 1668 O O   . HOH C 3 .   ? 8.040   -2.940  -18.076 1.00 28.57 ? 329 HOH A O   1 
HETATM 1669 O O   . HOH C 3 .   ? 12.891  8.511   -8.200  1.00 13.91 ? 330 HOH A O   1 
HETATM 1670 O O   . HOH C 3 .   ? 3.421   12.429  -15.586 1.00 50.33 ? 331 HOH A O   1 
HETATM 1671 O O   . HOH C 3 .   ? 15.165  13.738  10.192  1.00 34.66 ? 332 HOH A O   1 
HETATM 1672 O O   . HOH C 3 .   ? 8.874   -13.968 -2.672  1.00 19.42 ? 333 HOH A O   1 
HETATM 1673 O O   . HOH C 3 .   ? 13.829  -3.280  5.755   1.00 21.28 ? 334 HOH A O   1 
HETATM 1674 O O   . HOH C 3 .   ? 5.768   0.259   12.507  1.00 20.83 ? 335 HOH A O   1 
HETATM 1675 O O   . HOH C 3 .   ? -0.585  1.047   18.103  1.00 27.03 ? 336 HOH A O   1 
HETATM 1676 O O   . HOH C 3 .   ? -3.928  8.423   -7.871  1.00 32.62 ? 337 HOH A O   1 
# 
